data_2C4U
#
_entry.id   2C4U
#
_cell.length_a   103.911
_cell.length_b   128.064
_cell.length_c   146.497
_cell.angle_alpha   90.00
_cell.angle_beta   90.00
_cell.angle_gamma   90.00
#
_symmetry.space_group_name_H-M   'P 21 21 21'
#
loop_
_entity.id
_entity.type
_entity.pdbx_description
1 polymer "5'-FLUORO-5'-DEOXYADENOSINE SYNTHASE"
2 non-polymer GLYCEROL
3 water water
#
_entity_poly.entity_id   1
_entity_poly.type   'polypeptide(L)'
_entity_poly.pdbx_seq_one_letter_code
;MAANSTRRPIIAFMSDLGTTDDSVAQCKGLMYSICPDVTVVDVCHSMTPWDVEEGARYIVDLPRFFPEGTVFATTTYPAT
GTTTRSVAVRIKQAAKGGARGQWAGSGAGFERAEGSYIYIAPNNGLLTTVLEEHGYLEAYEVTSPKVIPEQPEPTFYSRE
MVAIPSAHLAAGFPLSEVGRPLEDHEIVRFNRPAVEQDGEALVGVVSAIDHPFGNVWTNIHRTDLEKAGIGYGARLRLTL
DGVLPFEAPLTPTFADAGEIGNIAIYLNSRGYLSIARNAASLAYPYHLKEGMSARVEAR
;
_entity_poly.pdbx_strand_id   A,B,C,D,E,F
#
# COMPACT_ATOMS: atom_id res chain seq x y z
N ARG A 8 -2.57 -5.87 -3.68
CA ARG A 8 -2.86 -6.45 -4.97
C ARG A 8 -2.73 -7.98 -5.02
N PRO A 9 -1.52 -8.53 -4.95
CA PRO A 9 -1.30 -9.91 -5.45
C PRO A 9 -1.73 -11.06 -4.51
N ILE A 10 -2.45 -12.04 -5.05
CA ILE A 10 -3.04 -13.11 -4.28
C ILE A 10 -2.62 -14.50 -4.75
N ILE A 11 -2.32 -15.37 -3.79
CA ILE A 11 -2.14 -16.79 -4.07
C ILE A 11 -3.17 -17.51 -3.25
N ALA A 12 -3.97 -18.35 -3.92
CA ALA A 12 -4.91 -19.27 -3.24
C ALA A 12 -4.37 -20.70 -3.28
N PHE A 13 -4.28 -21.29 -2.09
CA PHE A 13 -3.46 -22.46 -1.85
C PHE A 13 -4.35 -23.63 -1.36
N MET A 14 -4.27 -24.75 -2.08
CA MET A 14 -5.02 -25.97 -1.77
C MET A 14 -4.02 -27.10 -1.80
N SER A 15 -3.96 -27.89 -0.74
CA SER A 15 -2.96 -28.95 -0.71
C SER A 15 -3.53 -30.14 0.03
N ASP A 16 -2.75 -31.22 0.09
CA ASP A 16 -3.11 -32.37 0.90
C ASP A 16 -2.26 -32.45 2.17
N LEU A 17 -1.61 -31.34 2.53
CA LEU A 17 -0.58 -31.33 3.59
C LEU A 17 -1.13 -31.46 4.99
N GLY A 18 -2.42 -31.22 5.15
CA GLY A 18 -3.07 -31.34 6.47
C GLY A 18 -2.92 -30.09 7.30
N THR A 19 -3.56 -30.08 8.46
CA THR A 19 -3.54 -28.89 9.27
C THR A 19 -2.90 -29.12 10.64
N THR A 20 -2.11 -30.20 10.77
CA THR A 20 -1.65 -30.61 12.09
C THR A 20 -0.12 -30.54 12.29
N ASP A 21 0.57 -29.87 11.38
CA ASP A 21 2.01 -29.73 11.49
C ASP A 21 2.46 -28.43 10.82
N ASP A 22 3.73 -28.34 10.46
CA ASP A 22 4.28 -27.10 9.95
C ASP A 22 4.42 -27.05 8.44
N SER A 23 3.99 -28.11 7.75
CA SER A 23 4.08 -28.21 6.29
C SER A 23 3.62 -26.96 5.53
N VAL A 24 2.37 -26.54 5.74
CA VAL A 24 1.81 -25.37 5.05
C VAL A 24 2.55 -24.08 5.40
N ALA A 25 2.93 -23.89 6.68
CA ALA A 25 3.66 -22.68 7.08
C ALA A 25 5.04 -22.60 6.43
N GLN A 26 5.68 -23.73 6.18
CA GLN A 26 6.96 -23.71 5.45
C GLN A 26 6.81 -23.16 4.02
N CYS A 27 5.72 -23.58 3.35
CA CYS A 27 5.31 -23.03 2.05
C CYS A 27 4.99 -21.55 2.17
N LYS A 28 4.13 -21.19 3.11
CA LYS A 28 3.66 -19.79 3.18
C LYS A 28 4.84 -18.86 3.38
N GLY A 29 5.78 -19.25 4.23
CA GLY A 29 7.00 -18.47 4.48
C GLY A 29 7.85 -18.27 3.23
N LEU A 30 7.87 -19.27 2.34
CA LEU A 30 8.62 -19.13 1.10
C LEU A 30 7.90 -18.16 0.16
N MET A 31 6.57 -18.21 0.18
CA MET A 31 5.74 -17.30 -0.58
C MET A 31 6.01 -15.82 -0.17
N TYR A 32 6.05 -15.53 1.13
CA TYR A 32 6.37 -14.16 1.58
C TYR A 32 7.83 -13.77 1.31
N SER A 33 8.73 -14.76 1.30
CA SER A 33 10.09 -14.45 0.98
C SER A 33 10.24 -13.92 -0.46
N ILE A 34 9.44 -14.48 -1.36
CA ILE A 34 9.58 -14.22 -2.80
C ILE A 34 8.73 -13.02 -3.20
N CYS A 35 7.57 -12.89 -2.57
CA CYS A 35 6.59 -11.88 -2.96
C CYS A 35 6.06 -11.22 -1.69
N PRO A 36 6.79 -10.22 -1.16
CA PRO A 36 6.54 -9.75 0.21
C PRO A 36 5.15 -9.13 0.38
N ASP A 37 4.59 -8.62 -0.73
CA ASP A 37 3.25 -8.00 -0.81
C ASP A 37 2.08 -9.00 -0.92
N VAL A 38 2.38 -10.28 -0.96
CA VAL A 38 1.37 -11.27 -1.32
C VAL A 38 0.34 -11.42 -0.22
N THR A 39 -0.83 -11.88 -0.61
CA THR A 39 -1.85 -12.26 0.35
C THR A 39 -2.07 -13.72 0.06
N VAL A 40 -1.96 -14.57 1.08
CA VAL A 40 -2.19 -15.97 0.86
C VAL A 40 -3.53 -16.34 1.45
N VAL A 41 -4.40 -16.87 0.60
CA VAL A 41 -5.69 -17.39 1.01
C VAL A 41 -5.68 -18.92 1.01
N ASP A 42 -5.95 -19.49 2.17
CA ASP A 42 -6.20 -20.91 2.26
C ASP A 42 -7.54 -21.31 1.59
N VAL A 43 -7.51 -22.34 0.79
CA VAL A 43 -8.71 -22.95 0.27
C VAL A 43 -9.09 -24.06 1.27
N CYS A 44 -8.48 -25.24 1.14
CA CYS A 44 -8.49 -26.23 2.21
C CYS A 44 -7.17 -27.02 2.13
N HIS A 45 -6.81 -27.72 3.21
CA HIS A 45 -5.63 -28.54 3.24
C HIS A 45 -5.89 -29.96 3.72
N SER A 46 -7.15 -30.37 3.75
CA SER A 46 -7.47 -31.65 4.35
C SER A 46 -8.03 -32.71 3.39
N MET A 47 -7.82 -32.55 2.10
CA MET A 47 -8.25 -33.59 1.16
C MET A 47 -7.60 -34.95 1.50
N THR A 48 -8.21 -36.02 1.01
CA THR A 48 -7.63 -37.35 1.15
C THR A 48 -6.35 -37.40 0.31
N PRO A 49 -5.21 -37.76 0.94
CA PRO A 49 -3.94 -37.78 0.20
C PRO A 49 -4.10 -38.62 -1.05
N TRP A 50 -3.51 -38.17 -2.18
CA TRP A 50 -3.50 -38.92 -3.47
C TRP A 50 -4.86 -39.06 -4.17
N ASP A 51 -5.87 -38.34 -3.67
CA ASP A 51 -7.21 -38.43 -4.26
C ASP A 51 -7.49 -37.20 -5.14
N VAL A 52 -6.94 -37.21 -6.35
CA VAL A 52 -7.01 -36.07 -7.26
C VAL A 52 -8.43 -35.67 -7.68
N GLU A 53 -9.35 -36.62 -7.79
CA GLU A 53 -10.75 -36.28 -8.10
C GLU A 53 -11.34 -35.40 -7.00
N GLU A 54 -10.97 -35.68 -5.75
CA GLU A 54 -11.50 -34.92 -4.62
C GLU A 54 -10.89 -33.53 -4.63
N GLY A 55 -9.59 -33.47 -4.92
CA GLY A 55 -8.87 -32.20 -4.96
C GLY A 55 -9.35 -31.27 -6.06
N ALA A 56 -9.70 -31.86 -7.22
CA ALA A 56 -10.24 -31.09 -8.34
C ALA A 56 -11.55 -30.41 -7.93
N ARG A 57 -12.37 -31.09 -7.13
CA ARG A 57 -13.65 -30.51 -6.69
C ARG A 57 -13.48 -29.21 -5.93
N TYR A 58 -12.42 -29.09 -5.15
CA TYR A 58 -12.23 -27.90 -4.31
C TYR A 58 -11.64 -26.71 -5.07
N ILE A 59 -11.33 -26.88 -6.34
CA ILE A 59 -10.62 -25.82 -7.06
C ILE A 59 -11.26 -25.42 -8.40
N VAL A 60 -12.20 -26.21 -8.89
CA VAL A 60 -12.78 -26.00 -10.22
C VAL A 60 -13.56 -24.68 -10.29
N ASP A 61 -14.37 -24.39 -9.27
CA ASP A 61 -15.22 -23.18 -9.22
CA ASP A 61 -15.19 -23.16 -9.31
C ASP A 61 -14.52 -21.98 -8.60
N LEU A 62 -13.23 -22.08 -8.34
CA LEU A 62 -12.54 -20.97 -7.67
C LEU A 62 -12.52 -19.60 -8.43
N PRO A 63 -12.12 -19.58 -9.72
CA PRO A 63 -11.79 -18.30 -10.38
C PRO A 63 -12.79 -17.12 -10.32
N ARG A 64 -14.07 -17.35 -10.53
CA ARG A 64 -14.98 -16.20 -10.57
C ARG A 64 -15.01 -15.40 -9.25
N PHE A 65 -14.63 -16.05 -8.14
CA PHE A 65 -14.67 -15.38 -6.84
C PHE A 65 -13.49 -14.46 -6.47
N PHE A 66 -12.37 -14.58 -7.18
CA PHE A 66 -11.12 -13.85 -6.84
C PHE A 66 -10.78 -12.74 -7.80
N PRO A 67 -10.07 -11.68 -7.29
CA PRO A 67 -9.64 -10.62 -8.17
C PRO A 67 -8.78 -11.18 -9.28
N GLU A 68 -8.87 -10.55 -10.44
CA GLU A 68 -8.02 -10.87 -11.59
C GLU A 68 -6.51 -10.83 -11.24
N GLY A 69 -5.77 -11.79 -11.80
CA GLY A 69 -4.33 -11.91 -11.59
C GLY A 69 -3.99 -12.92 -10.50
N THR A 70 -5.00 -13.35 -9.77
CA THR A 70 -4.83 -14.33 -8.70
C THR A 70 -4.18 -15.61 -9.21
N VAL A 71 -3.33 -16.22 -8.39
CA VAL A 71 -2.65 -17.45 -8.72
C VAL A 71 -3.15 -18.59 -7.83
N PHE A 72 -3.56 -19.70 -8.46
CA PHE A 72 -3.97 -20.90 -7.72
C PHE A 72 -2.86 -21.94 -7.64
N ALA A 73 -2.31 -22.07 -6.43
CA ALA A 73 -1.33 -23.06 -6.08
C ALA A 73 -2.05 -24.28 -5.53
N THR A 74 -2.11 -25.33 -6.32
CA THR A 74 -3.01 -26.44 -5.98
C THR A 74 -2.25 -27.72 -6.08
N THR A 75 -2.11 -28.45 -4.98
CA THR A 75 -1.23 -29.60 -4.98
C THR A 75 -1.53 -30.84 -4.12
N THR A 76 -1.39 -31.99 -4.75
CA THR A 76 -1.21 -33.26 -4.08
C THR A 76 -0.13 -33.94 -4.94
N TYR A 77 1.00 -34.30 -4.36
CA TYR A 77 2.12 -34.75 -5.22
C TYR A 77 2.54 -36.21 -4.97
N PRO A 78 1.68 -37.18 -5.30
CA PRO A 78 2.13 -38.57 -5.12
C PRO A 78 3.48 -38.92 -5.78
N ALA A 79 3.85 -38.22 -6.85
CA ALA A 79 5.06 -38.56 -7.61
C ALA A 79 6.27 -37.70 -7.24
N THR A 80 6.26 -37.16 -6.02
CA THR A 80 7.37 -36.34 -5.52
C THR A 80 8.75 -37.06 -5.65
N GLY A 81 9.79 -36.29 -6.01
CA GLY A 81 11.16 -36.82 -6.18
C GLY A 81 11.54 -37.48 -7.51
N THR A 82 10.61 -37.48 -8.48
CA THR A 82 10.80 -38.14 -9.78
C THR A 82 11.10 -37.12 -10.89
N THR A 83 11.02 -37.55 -12.16
CA THR A 83 11.26 -36.67 -13.33
C THR A 83 10.12 -35.73 -13.71
N THR A 84 8.94 -35.99 -13.13
CA THR A 84 7.75 -35.21 -13.41
C THR A 84 7.82 -33.76 -12.93
N ARG A 85 7.20 -32.86 -13.67
CA ARG A 85 7.24 -31.46 -13.33
C ARG A 85 5.84 -30.91 -13.25
N SER A 86 5.68 -29.78 -12.57
CA SER A 86 4.42 -29.09 -12.52
C SER A 86 4.08 -28.40 -13.86
N VAL A 87 2.82 -28.09 -14.03
CA VAL A 87 2.33 -27.40 -15.20
C VAL A 87 1.75 -26.09 -14.69
N ALA A 88 2.05 -25.00 -15.38
CA ALA A 88 1.46 -23.74 -15.06
C ALA A 88 0.63 -23.28 -16.25
N VAL A 89 -0.66 -23.00 -16.00
CA VAL A 89 -1.63 -22.72 -17.05
C VAL A 89 -2.37 -21.40 -16.82
N ARG A 90 -2.47 -20.58 -17.86
CA ARG A 90 -3.36 -19.43 -17.85
C ARG A 90 -4.70 -19.91 -18.42
N ILE A 91 -5.75 -19.92 -17.60
CA ILE A 91 -7.06 -20.41 -18.07
C ILE A 91 -7.78 -19.38 -18.95
N LYS A 92 -8.88 -19.76 -19.56
CA LYS A 92 -9.53 -18.86 -20.51
C LYS A 92 -10.64 -18.05 -19.86
N GLN A 93 -11.81 -18.65 -19.71
CA GLN A 93 -12.95 -17.97 -19.13
C GLN A 93 -13.13 -18.30 -17.66
N ALA A 94 -13.37 -17.29 -16.83
CA ALA A 94 -13.91 -17.51 -15.48
C ALA A 94 -15.41 -17.85 -15.64
N ALA A 95 -15.70 -19.11 -15.93
CA ALA A 95 -16.98 -19.52 -16.48
C ALA A 95 -18.16 -19.52 -15.49
N LYS A 96 -19.00 -18.49 -15.57
CA LYS A 96 -20.30 -18.38 -14.84
C LYS A 96 -20.74 -19.66 -14.11
N GLY A 97 -20.93 -19.58 -12.78
CA GLY A 97 -21.32 -20.75 -12.00
C GLY A 97 -22.66 -20.63 -11.28
N GLY A 98 -23.05 -21.67 -10.54
CA GLY A 98 -24.28 -21.68 -9.74
C GLY A 98 -25.51 -22.36 -10.37
N ALA A 99 -26.56 -22.50 -9.56
CA ALA A 99 -27.84 -23.15 -9.95
C ALA A 99 -28.61 -22.43 -11.06
N ARG A 100 -27.97 -21.47 -11.70
CA ARG A 100 -28.53 -20.80 -12.88
C ARG A 100 -27.44 -20.29 -13.82
N GLY A 101 -26.27 -19.98 -13.27
CA GLY A 101 -25.15 -19.44 -14.06
C GLY A 101 -25.16 -17.91 -14.09
N GLN A 102 -24.05 -17.34 -13.61
CA GLN A 102 -23.91 -15.91 -13.43
C GLN A 102 -22.53 -15.58 -12.89
N TRP A 103 -22.20 -14.29 -12.89
CA TRP A 103 -21.03 -13.81 -12.19
C TRP A 103 -21.36 -13.77 -10.69
N ALA A 104 -20.34 -13.88 -9.86
CA ALA A 104 -20.52 -13.79 -8.42
C ALA A 104 -20.30 -12.36 -7.94
N GLY A 105 -20.89 -12.00 -6.81
CA GLY A 105 -20.72 -10.65 -6.26
C GLY A 105 -22.03 -9.90 -6.08
N SER A 106 -21.94 -8.71 -5.51
CA SER A 106 -23.08 -7.80 -5.33
C SER A 106 -23.51 -7.19 -6.67
N GLY A 107 -24.74 -6.68 -6.71
CA GLY A 107 -25.30 -6.15 -7.95
C GLY A 107 -25.50 -7.30 -8.93
N ALA A 108 -24.99 -7.13 -10.14
CA ALA A 108 -25.06 -8.14 -11.19
C ALA A 108 -23.82 -9.04 -11.22
N GLY A 109 -22.98 -8.91 -10.19
CA GLY A 109 -21.78 -9.73 -10.04
C GLY A 109 -20.54 -9.07 -10.62
N PHE A 110 -19.38 -9.69 -10.45
CA PHE A 110 -18.15 -9.09 -10.96
C PHE A 110 -17.67 -9.81 -12.21
N GLU A 111 -17.58 -9.03 -13.29
CA GLU A 111 -17.14 -9.51 -14.59
C GLU A 111 -15.63 -9.72 -14.59
N ARG A 112 -15.19 -10.91 -15.01
CA ARG A 112 -13.76 -11.19 -15.15
C ARG A 112 -13.37 -11.32 -16.63
N ALA A 113 -12.33 -10.58 -17.01
CA ALA A 113 -11.78 -10.64 -18.35
C ALA A 113 -11.20 -12.02 -18.57
N GLU A 114 -11.14 -12.45 -19.83
CA GLU A 114 -10.54 -13.73 -20.16
C GLU A 114 -9.05 -13.71 -19.82
N GLY A 115 -8.51 -14.89 -19.51
CA GLY A 115 -7.07 -15.04 -19.31
C GLY A 115 -6.52 -14.36 -18.07
N SER A 116 -7.33 -14.32 -17.02
CA SER A 116 -6.96 -13.55 -15.85
C SER A 116 -6.39 -14.41 -14.71
N TYR A 117 -6.34 -15.71 -14.90
CA TYR A 117 -5.99 -16.57 -13.79
C TYR A 117 -4.95 -17.59 -14.15
N ILE A 118 -4.13 -17.94 -13.17
CA ILE A 118 -3.10 -18.94 -13.35
C ILE A 118 -3.24 -20.04 -12.33
N TYR A 119 -3.33 -21.27 -12.82
CA TYR A 119 -3.25 -22.43 -11.96
C TYR A 119 -1.86 -23.03 -12.11
N ILE A 120 -1.29 -23.51 -11.01
CA ILE A 120 -0.01 -24.24 -11.05
C ILE A 120 -0.18 -25.46 -10.15
N ALA A 121 0.20 -26.62 -10.69
CA ALA A 121 -0.15 -27.90 -10.12
C ALA A 121 0.77 -29.00 -10.67
N PRO A 122 0.90 -30.13 -9.92
CA PRO A 122 1.53 -31.33 -10.46
C PRO A 122 0.77 -31.78 -11.68
N ASN A 123 1.47 -32.41 -12.61
CA ASN A 123 0.90 -32.84 -13.86
C ASN A 123 0.47 -34.30 -13.69
N ASN A 124 -0.50 -34.47 -12.81
CA ASN A 124 -1.03 -35.77 -12.41
C ASN A 124 -2.54 -35.80 -12.48
N GLY A 125 -3.14 -34.77 -13.07
CA GLY A 125 -4.57 -34.79 -13.39
C GLY A 125 -5.41 -33.91 -12.49
N LEU A 126 -4.79 -33.30 -11.48
CA LEU A 126 -5.50 -32.41 -10.54
C LEU A 126 -6.34 -31.33 -11.24
N LEU A 127 -5.83 -30.80 -12.36
CA LEU A 127 -6.49 -29.73 -13.10
C LEU A 127 -7.49 -30.20 -14.17
N THR A 128 -7.82 -31.49 -14.15
CA THR A 128 -8.72 -32.04 -15.16
C THR A 128 -9.96 -31.19 -15.33
N THR A 129 -10.71 -30.97 -14.25
CA THR A 129 -12.00 -30.27 -14.36
C THR A 129 -11.84 -28.77 -14.48
N VAL A 130 -10.67 -28.25 -14.09
CA VAL A 130 -10.37 -26.85 -14.31
C VAL A 130 -10.32 -26.54 -15.80
N LEU A 131 -9.63 -27.40 -16.56
CA LEU A 131 -9.36 -27.18 -17.97
C LEU A 131 -10.58 -27.50 -18.84
N GLU A 132 -11.40 -28.45 -18.40
CA GLU A 132 -12.65 -28.79 -19.05
C GLU A 132 -13.62 -27.61 -18.98
N GLU A 133 -13.70 -26.98 -17.81
CA GLU A 133 -14.74 -25.97 -17.61
C GLU A 133 -14.31 -24.54 -17.94
N HIS A 134 -13.00 -24.24 -17.83
CA HIS A 134 -12.51 -22.89 -18.12
C HIS A 134 -11.69 -22.74 -19.40
N GLY A 135 -11.21 -23.86 -19.95
CA GLY A 135 -10.24 -23.81 -21.05
C GLY A 135 -8.92 -23.21 -20.61
N TYR A 136 -8.02 -22.99 -21.56
CA TYR A 136 -6.73 -22.39 -21.24
C TYR A 136 -6.16 -21.79 -22.51
N LEU A 137 -5.37 -20.73 -22.37
CA LEU A 137 -4.76 -20.04 -23.51
C LEU A 137 -3.34 -20.48 -23.77
N GLU A 138 -2.68 -20.93 -22.70
CA GLU A 138 -1.28 -21.31 -22.70
C GLU A 138 -0.94 -22.19 -21.50
N ALA A 139 0.05 -23.07 -21.68
CA ALA A 139 0.44 -24.03 -20.66
C ALA A 139 1.92 -24.39 -20.78
N TYR A 140 2.58 -24.51 -19.63
CA TYR A 140 4.03 -24.70 -19.59
C TYR A 140 4.44 -25.64 -18.50
N GLU A 141 5.51 -26.38 -18.82
CA GLU A 141 6.17 -27.23 -17.85
C GLU A 141 7.03 -26.34 -16.96
N VAL A 142 7.02 -26.57 -15.66
CA VAL A 142 7.75 -25.72 -14.71
C VAL A 142 9.10 -26.37 -14.40
N THR A 143 10.16 -25.85 -15.02
CA THR A 143 11.50 -26.45 -14.89
C THR A 143 12.64 -25.44 -14.68
N SER A 144 12.40 -24.14 -14.90
CA SER A 144 13.48 -23.15 -14.79
C SER A 144 13.98 -22.93 -13.36
N PRO A 145 15.31 -22.89 -13.19
CA PRO A 145 15.85 -22.69 -11.85
C PRO A 145 15.61 -21.27 -11.34
N LYS A 146 15.09 -20.39 -12.18
CA LYS A 146 14.67 -19.08 -11.67
C LYS A 146 13.44 -19.20 -10.76
N VAL A 147 12.69 -20.30 -10.88
CA VAL A 147 11.40 -20.44 -10.18
C VAL A 147 11.24 -21.70 -9.31
N ILE A 148 12.14 -22.67 -9.50
CA ILE A 148 12.20 -23.84 -8.62
C ILE A 148 13.61 -23.99 -8.04
N PRO A 149 13.76 -24.71 -6.88
CA PRO A 149 15.11 -24.96 -6.34
C PRO A 149 16.02 -25.68 -7.33
N GLU A 150 17.31 -25.32 -7.37
CA GLU A 150 18.28 -26.05 -8.20
C GLU A 150 18.40 -27.51 -7.71
N GLN A 151 18.27 -27.69 -6.39
CA GLN A 151 18.32 -28.99 -5.72
C GLN A 151 17.06 -29.19 -4.82
N PRO A 152 15.99 -29.75 -5.39
CA PRO A 152 14.72 -29.81 -4.66
C PRO A 152 14.64 -30.92 -3.61
N GLU A 153 13.97 -30.65 -2.50
CA GLU A 153 13.75 -31.67 -1.50
C GLU A 153 12.92 -32.81 -2.12
N PRO A 154 13.51 -34.03 -2.18
CA PRO A 154 12.92 -35.19 -2.84
C PRO A 154 11.49 -35.54 -2.41
N THR A 155 11.18 -35.39 -1.13
CA THR A 155 9.88 -35.82 -0.62
C THR A 155 8.92 -34.66 -0.41
N PHE A 156 9.30 -33.46 -0.84
CA PHE A 156 8.40 -32.33 -0.63
C PHE A 156 8.12 -31.53 -1.90
N TYR A 157 7.60 -32.19 -2.93
CA TYR A 157 7.39 -31.50 -4.21
C TYR A 157 6.28 -30.42 -4.16
N SER A 158 5.33 -30.55 -3.26
CA SER A 158 4.33 -29.51 -3.05
C SER A 158 4.94 -28.14 -2.73
N ARG A 159 5.94 -28.12 -1.85
CA ARG A 159 6.63 -26.89 -1.53
C ARG A 159 7.56 -26.45 -2.67
N GLU A 160 8.27 -27.41 -3.26
CA GLU A 160 9.36 -27.14 -4.20
C GLU A 160 8.92 -26.73 -5.62
N MET A 161 7.89 -27.42 -6.15
CA MET A 161 7.46 -27.33 -7.55
C MET A 161 6.09 -26.66 -7.71
N VAL A 162 5.47 -26.28 -6.59
CA VAL A 162 4.15 -25.62 -6.62
C VAL A 162 4.22 -24.29 -5.87
N ALA A 163 4.45 -24.35 -4.56
CA ALA A 163 4.54 -23.17 -3.70
C ALA A 163 5.53 -22.12 -4.16
N ILE A 164 6.80 -22.49 -4.24
CA ILE A 164 7.84 -21.54 -4.58
C ILE A 164 7.52 -20.89 -5.91
N PRO A 165 7.33 -21.70 -6.98
CA PRO A 165 7.09 -21.02 -8.25
C PRO A 165 5.75 -20.28 -8.26
N SER A 166 4.77 -20.74 -7.48
CA SER A 166 3.53 -19.97 -7.40
C SER A 166 3.80 -18.53 -7.00
N ALA A 167 4.69 -18.33 -6.03
CA ALA A 167 5.09 -16.98 -5.56
C ALA A 167 5.81 -16.12 -6.59
N HIS A 168 6.67 -16.72 -7.40
CA HIS A 168 7.33 -15.97 -8.45
C HIS A 168 6.33 -15.49 -9.48
N LEU A 169 5.37 -16.35 -9.81
CA LEU A 169 4.29 -15.99 -10.73
C LEU A 169 3.49 -14.84 -10.16
N ALA A 170 3.15 -14.95 -8.87
CA ALA A 170 2.40 -13.90 -8.19
C ALA A 170 3.16 -12.58 -8.19
N ALA A 171 4.50 -12.67 -8.12
CA ALA A 171 5.38 -11.49 -8.13
C ALA A 171 5.50 -10.85 -9.48
N GLY A 172 5.13 -11.58 -10.52
CA GLY A 172 5.18 -11.06 -11.90
C GLY A 172 6.16 -11.73 -12.87
N PHE A 173 6.79 -12.83 -12.45
CA PHE A 173 7.64 -13.60 -13.36
C PHE A 173 6.85 -13.97 -14.62
N PRO A 174 7.48 -13.87 -15.80
CA PRO A 174 6.71 -14.25 -17.00
C PRO A 174 6.40 -15.75 -17.09
N LEU A 175 5.11 -16.08 -17.15
CA LEU A 175 4.65 -17.45 -17.31
C LEU A 175 5.46 -18.22 -18.38
N SER A 176 5.59 -17.67 -19.58
CA SER A 176 6.25 -18.38 -20.68
C SER A 176 7.74 -18.61 -20.49
N GLU A 177 8.29 -17.99 -19.45
CA GLU A 177 9.70 -18.15 -19.05
C GLU A 177 9.93 -19.22 -17.98
N VAL A 178 8.88 -19.88 -17.52
CA VAL A 178 9.01 -20.94 -16.51
C VAL A 178 9.51 -22.29 -17.06
N GLY A 179 9.30 -22.50 -18.37
CA GLY A 179 9.65 -23.76 -19.00
C GLY A 179 9.03 -23.92 -20.37
N ARG A 180 9.28 -25.06 -21.01
CA ARG A 180 8.81 -25.31 -22.39
C ARG A 180 7.28 -25.38 -22.51
N PRO A 181 6.71 -24.90 -23.63
CA PRO A 181 5.23 -25.05 -23.71
C PRO A 181 4.81 -26.53 -23.83
N LEU A 182 3.63 -26.85 -23.28
CA LEU A 182 3.09 -28.19 -23.35
C LEU A 182 1.96 -28.32 -24.39
N GLU A 183 2.08 -29.33 -25.26
CA GLU A 183 1.01 -29.71 -26.18
C GLU A 183 -0.12 -30.31 -25.31
N ASP A 184 -1.37 -30.12 -25.72
CA ASP A 184 -2.54 -30.52 -24.91
C ASP A 184 -2.48 -31.97 -24.39
N HIS A 185 -1.86 -32.85 -25.17
CA HIS A 185 -1.81 -34.27 -24.87
C HIS A 185 -0.76 -34.62 -23.83
N GLU A 186 0.10 -33.67 -23.51
CA GLU A 186 1.11 -33.90 -22.47
C GLU A 186 0.56 -33.60 -21.08
N ILE A 187 -0.58 -32.88 -21.03
CA ILE A 187 -1.29 -32.59 -19.78
C ILE A 187 -2.16 -33.78 -19.37
N VAL A 188 -1.86 -34.35 -18.21
CA VAL A 188 -2.55 -35.55 -17.74
C VAL A 188 -3.99 -35.19 -17.33
N ARG A 189 -4.93 -36.09 -17.61
CA ARG A 189 -6.31 -35.97 -17.14
C ARG A 189 -6.72 -37.28 -16.50
N PHE A 190 -7.56 -37.20 -15.48
CA PHE A 190 -8.20 -38.43 -15.02
C PHE A 190 -9.51 -38.67 -15.78
N ASN A 191 -9.91 -39.93 -15.79
CA ASN A 191 -11.13 -40.41 -16.43
C ASN A 191 -12.36 -40.00 -15.63
N ARG A 192 -13.39 -39.56 -16.34
CA ARG A 192 -14.61 -39.05 -15.72
C ARG A 192 -15.82 -39.91 -16.08
N PRO A 193 -16.53 -40.43 -15.06
CA PRO A 193 -17.71 -41.26 -15.25
C PRO A 193 -18.79 -40.53 -16.04
N ALA A 194 -19.19 -41.11 -17.16
CA ALA A 194 -20.28 -40.57 -17.97
C ALA A 194 -21.63 -40.85 -17.30
N VAL A 195 -22.62 -40.03 -17.61
CA VAL A 195 -23.99 -40.26 -17.16
C VAL A 195 -24.70 -41.15 -18.18
N GLU A 196 -24.92 -42.41 -17.80
CA GLU A 196 -25.52 -43.43 -18.68
C GLU A 196 -27.05 -43.42 -18.70
N GLN A 197 -27.64 -43.88 -19.81
CA GLN A 197 -29.10 -43.98 -19.92
C GLN A 197 -29.60 -45.41 -19.92
N ASP A 198 -30.69 -45.61 -19.18
CA ASP A 198 -31.30 -46.92 -18.96
C ASP A 198 -32.81 -46.71 -18.89
N GLY A 199 -33.49 -46.97 -20.01
CA GLY A 199 -34.90 -46.62 -20.16
C GLY A 199 -35.06 -45.11 -20.11
N GLU A 200 -36.06 -44.66 -19.37
CA GLU A 200 -36.32 -43.23 -19.17
C GLU A 200 -35.41 -42.61 -18.10
N ALA A 201 -34.61 -43.44 -17.45
CA ALA A 201 -33.83 -43.03 -16.29
C ALA A 201 -32.39 -42.57 -16.59
N LEU A 202 -31.84 -41.73 -15.71
CA LEU A 202 -30.43 -41.33 -15.77
C LEU A 202 -29.69 -42.02 -14.63
N VAL A 203 -28.73 -42.88 -14.97
CA VAL A 203 -27.91 -43.58 -13.99
C VAL A 203 -26.55 -42.90 -13.87
N GLY A 204 -26.20 -42.52 -12.65
CA GLY A 204 -24.95 -41.82 -12.38
C GLY A 204 -24.30 -42.31 -11.12
N VAL A 205 -23.92 -41.37 -10.26
CA VAL A 205 -23.15 -41.69 -9.06
C VAL A 205 -23.20 -40.52 -8.06
N VAL A 206 -22.97 -40.83 -6.79
CA VAL A 206 -22.81 -39.81 -5.75
C VAL A 206 -21.39 -39.25 -5.83
N SER A 207 -21.29 -37.96 -6.12
CA SER A 207 -20.01 -37.37 -6.41
C SER A 207 -19.32 -36.85 -5.16
N ALA A 208 -20.10 -36.47 -4.16
CA ALA A 208 -19.58 -35.98 -2.87
C ALA A 208 -20.65 -35.96 -1.78
N ILE A 209 -20.21 -35.97 -0.52
CA ILE A 209 -21.08 -35.66 0.61
C ILE A 209 -20.66 -34.26 1.01
N ASP A 210 -21.63 -33.35 1.17
CA ASP A 210 -21.37 -31.95 1.51
C ASP A 210 -21.28 -31.69 3.03
N HIS A 211 -20.04 -31.61 3.52
CA HIS A 211 -19.75 -31.43 4.92
C HIS A 211 -19.84 -29.93 5.26
N PRO A 212 -20.32 -29.60 6.46
CA PRO A 212 -20.74 -30.49 7.56
C PRO A 212 -22.23 -30.79 7.60
N PHE A 213 -22.94 -30.49 6.52
CA PHE A 213 -24.40 -30.57 6.50
C PHE A 213 -24.98 -31.96 6.23
N GLY A 214 -24.17 -32.85 5.65
CA GLY A 214 -24.67 -34.17 5.28
C GLY A 214 -25.61 -34.12 4.08
N ASN A 215 -25.35 -33.18 3.17
CA ASN A 215 -26.03 -33.14 1.88
C ASN A 215 -25.36 -34.12 0.89
N VAL A 216 -26.17 -34.67 -0.01
CA VAL A 216 -25.69 -35.62 -1.00
C VAL A 216 -25.70 -34.97 -2.39
N TRP A 217 -24.54 -34.94 -3.02
CA TRP A 217 -24.38 -34.42 -4.39
C TRP A 217 -24.09 -35.53 -5.39
N THR A 218 -24.73 -35.45 -6.56
CA THR A 218 -24.56 -36.43 -7.62
C THR A 218 -23.71 -35.88 -8.78
N ASN A 219 -23.39 -36.73 -9.74
CA ASN A 219 -22.66 -36.29 -10.94
C ASN A 219 -23.61 -35.95 -12.10
N ILE A 220 -24.89 -35.73 -11.77
CA ILE A 220 -25.94 -35.48 -12.76
C ILE A 220 -26.26 -33.98 -12.83
N HIS A 221 -25.96 -33.36 -13.97
CA HIS A 221 -26.06 -31.89 -14.15
C HIS A 221 -27.46 -31.41 -14.61
N ARG A 222 -27.73 -30.11 -14.42
CA ARG A 222 -28.94 -29.43 -14.94
C ARG A 222 -29.13 -29.67 -16.44
N THR A 223 -28.02 -29.61 -17.17
CA THR A 223 -28.00 -29.88 -18.61
C THR A 223 -28.40 -31.33 -18.95
N ASP A 224 -27.97 -32.29 -18.13
CA ASP A 224 -28.39 -33.69 -18.28
C ASP A 224 -29.89 -33.89 -18.08
N LEU A 225 -30.47 -33.02 -17.24
CA LEU A 225 -31.89 -33.11 -16.89
C LEU A 225 -32.78 -32.47 -17.95
N GLU A 226 -32.37 -31.30 -18.45
CA GLU A 226 -33.06 -30.59 -19.55
C GLU A 226 -33.31 -31.51 -20.75
N LYS A 227 -32.41 -32.49 -20.94
CA LYS A 227 -32.52 -33.51 -21.98
C LYS A 227 -33.67 -34.50 -21.71
N ALA A 228 -33.92 -34.79 -20.43
CA ALA A 228 -35.02 -35.64 -20.03
C ALA A 228 -36.31 -34.85 -19.78
N GLY A 229 -36.22 -33.53 -19.98
CA GLY A 229 -37.35 -32.61 -19.79
C GLY A 229 -37.67 -32.35 -18.34
N ILE A 230 -36.62 -32.15 -17.54
CA ILE A 230 -36.75 -31.97 -16.11
C ILE A 230 -36.28 -30.58 -15.66
N GLY A 231 -37.22 -29.81 -15.10
CA GLY A 231 -36.95 -28.48 -14.52
C GLY A 231 -37.75 -28.36 -13.25
N TYR A 232 -37.76 -27.17 -12.65
CA TYR A 232 -38.41 -26.94 -11.34
C TYR A 232 -39.87 -27.38 -11.23
N GLY A 233 -40.16 -28.18 -10.19
CA GLY A 233 -41.50 -28.68 -9.92
C GLY A 233 -41.80 -30.07 -10.47
N ALA A 234 -40.81 -30.70 -11.09
CA ALA A 234 -40.98 -32.05 -11.63
C ALA A 234 -40.85 -33.09 -10.52
N ARG A 235 -41.83 -33.99 -10.40
CA ARG A 235 -41.79 -35.06 -9.40
C ARG A 235 -40.77 -36.14 -9.77
N LEU A 236 -39.87 -36.45 -8.85
CA LEU A 236 -38.71 -37.30 -9.09
C LEU A 236 -38.51 -38.42 -8.07
N ARG A 237 -37.98 -39.56 -8.55
CA ARG A 237 -37.55 -40.67 -7.69
C ARG A 237 -36.03 -40.89 -7.80
N LEU A 238 -35.34 -40.96 -6.66
CA LEU A 238 -33.89 -41.17 -6.61
C LEU A 238 -33.48 -42.36 -5.71
N THR A 239 -32.82 -43.34 -6.33
CA THR A 239 -32.35 -44.54 -5.64
C THR A 239 -30.85 -44.47 -5.39
N LEU A 240 -30.45 -44.71 -4.15
CA LEU A 240 -29.06 -44.60 -3.77
C LEU A 240 -28.53 -45.94 -3.26
N ASP A 241 -27.27 -46.22 -3.59
CA ASP A 241 -26.55 -47.45 -3.19
C ASP A 241 -27.12 -48.75 -3.75
N GLY A 242 -28.21 -48.66 -4.53
CA GLY A 242 -28.82 -49.84 -5.11
C GLY A 242 -29.88 -50.42 -4.19
N VAL A 243 -30.15 -49.71 -3.10
CA VAL A 243 -31.09 -50.18 -2.08
C VAL A 243 -32.06 -49.07 -1.65
N LEU A 244 -31.53 -47.92 -1.24
CA LEU A 244 -32.33 -46.86 -0.62
C LEU A 244 -32.98 -45.87 -1.60
N PRO A 245 -34.32 -45.88 -1.66
CA PRO A 245 -35.04 -44.92 -2.51
C PRO A 245 -35.56 -43.67 -1.78
N PHE A 246 -35.84 -42.64 -2.58
CA PHE A 246 -36.37 -41.35 -2.14
C PHE A 246 -37.23 -40.79 -3.26
N GLU A 247 -38.30 -40.07 -2.90
CA GLU A 247 -39.21 -39.49 -3.90
C GLU A 247 -39.62 -38.06 -3.51
N ALA A 248 -39.50 -37.11 -4.45
CA ALA A 248 -39.79 -35.70 -4.20
C ALA A 248 -39.72 -34.84 -5.48
N PRO A 249 -40.34 -33.63 -5.48
CA PRO A 249 -40.17 -32.71 -6.60
C PRO A 249 -38.79 -32.02 -6.65
N LEU A 250 -38.51 -31.31 -7.74
CA LEU A 250 -37.32 -30.47 -7.84
C LEU A 250 -37.60 -29.03 -7.37
N THR A 251 -36.96 -28.63 -6.27
CA THR A 251 -37.20 -27.32 -5.66
C THR A 251 -35.88 -26.48 -5.60
N PRO A 252 -35.96 -25.13 -5.44
CA PRO A 252 -34.71 -24.34 -5.35
C PRO A 252 -33.89 -24.47 -4.05
N THR A 253 -34.58 -24.58 -2.91
CA THR A 253 -33.92 -24.56 -1.60
C THR A 253 -34.50 -25.59 -0.62
N PHE A 254 -33.82 -25.78 0.51
CA PHE A 254 -34.20 -26.76 1.53
C PHE A 254 -35.54 -26.43 2.21
N ALA A 255 -35.76 -25.15 2.51
CA ALA A 255 -36.97 -24.71 3.21
C ALA A 255 -38.28 -24.91 2.42
N ASP A 256 -38.14 -25.21 1.12
CA ASP A 256 -39.28 -25.45 0.23
C ASP A 256 -39.88 -26.85 0.42
N ALA A 257 -39.24 -27.64 1.27
CA ALA A 257 -39.70 -29.00 1.60
C ALA A 257 -40.72 -28.99 2.75
N GLY A 258 -40.82 -27.87 3.45
CA GLY A 258 -41.75 -27.73 4.58
C GLY A 258 -41.12 -28.03 5.92
N GLU A 259 -41.56 -29.13 6.54
CA GLU A 259 -41.12 -29.53 7.89
C GLU A 259 -39.60 -29.70 7.97
N ILE A 260 -39.03 -29.29 9.11
CA ILE A 260 -37.64 -29.60 9.40
C ILE A 260 -37.48 -31.12 9.31
N GLY A 261 -36.45 -31.55 8.56
CA GLY A 261 -36.18 -32.98 8.37
C GLY A 261 -36.79 -33.60 7.12
N ASN A 262 -37.64 -32.85 6.42
CA ASN A 262 -38.24 -33.27 5.14
C ASN A 262 -37.18 -33.33 4.03
N ILE A 263 -37.32 -34.32 3.15
CA ILE A 263 -36.45 -34.51 2.00
C ILE A 263 -36.64 -33.40 0.95
N ALA A 264 -35.54 -32.86 0.45
CA ALA A 264 -35.56 -31.88 -0.62
C ALA A 264 -34.62 -32.34 -1.72
N ILE A 265 -35.07 -32.19 -2.96
CA ILE A 265 -34.28 -32.49 -4.14
C ILE A 265 -34.12 -31.18 -4.94
N TYR A 266 -32.87 -30.78 -5.15
CA TYR A 266 -32.52 -29.44 -5.62
C TYR A 266 -31.26 -29.48 -6.45
N LEU A 267 -30.90 -28.31 -6.99
CA LEU A 267 -29.63 -28.10 -7.68
C LEU A 267 -28.73 -27.23 -6.82
N ASN A 268 -27.53 -27.74 -6.54
CA ASN A 268 -26.61 -27.05 -5.64
C ASN A 268 -25.95 -25.83 -6.28
N SER A 269 -25.11 -25.14 -5.50
CA SER A 269 -24.44 -23.93 -5.98
C SER A 269 -23.41 -24.19 -7.09
N ARG A 270 -23.57 -25.32 -7.77
CA ARG A 270 -22.77 -25.69 -8.95
C ARG A 270 -23.71 -26.21 -10.02
N GLY A 271 -24.99 -26.31 -9.68
CA GLY A 271 -26.02 -26.76 -10.62
C GLY A 271 -26.20 -28.27 -10.79
N TYR A 272 -25.80 -29.05 -9.80
CA TYR A 272 -25.95 -30.52 -9.87
C TYR A 272 -27.14 -31.07 -9.06
N LEU A 273 -27.75 -32.15 -9.57
CA LEU A 273 -28.83 -32.85 -8.90
C LEU A 273 -28.36 -33.30 -7.52
N SER A 274 -29.03 -32.78 -6.50
CA SER A 274 -28.64 -33.07 -5.12
C SER A 274 -29.86 -33.50 -4.33
N ILE A 275 -29.60 -34.10 -3.20
CA ILE A 275 -30.65 -34.45 -2.28
C ILE A 275 -30.16 -34.17 -0.87
N ALA A 276 -31.08 -33.71 -0.02
CA ALA A 276 -30.80 -33.30 1.35
C ALA A 276 -32.03 -33.37 2.25
N ARG A 277 -31.84 -33.01 3.51
CA ARG A 277 -32.97 -32.76 4.45
C ARG A 277 -32.92 -31.29 4.86
N ASN A 278 -34.09 -30.75 5.15
CA ASN A 278 -34.28 -29.34 5.49
C ASN A 278 -33.77 -29.09 6.91
N ALA A 279 -32.58 -28.49 7.00
CA ALA A 279 -31.90 -28.21 8.28
C ALA A 279 -31.64 -29.45 9.13
N ALA A 280 -31.32 -30.55 8.46
CA ALA A 280 -31.02 -31.85 9.07
C ALA A 280 -30.09 -32.60 8.14
N SER A 281 -29.33 -33.56 8.69
CA SER A 281 -28.39 -34.33 7.89
C SER A 281 -29.04 -35.56 7.26
N LEU A 282 -28.91 -35.66 5.94
CA LEU A 282 -29.31 -36.87 5.22
C LEU A 282 -28.27 -37.98 5.28
N ALA A 283 -27.04 -37.67 4.89
CA ALA A 283 -25.97 -38.66 4.74
C ALA A 283 -25.60 -39.40 6.03
N TYR A 284 -25.41 -38.66 7.10
CA TYR A 284 -24.78 -39.20 8.31
C TYR A 284 -25.55 -40.31 9.01
N PRO A 285 -26.87 -40.10 9.29
CA PRO A 285 -27.67 -41.15 9.94
C PRO A 285 -27.74 -42.44 9.12
N TYR A 286 -27.61 -42.32 7.81
CA TYR A 286 -27.77 -43.49 6.96
C TYR A 286 -26.44 -44.02 6.42
N HIS A 287 -25.35 -43.39 6.82
CA HIS A 287 -23.98 -43.69 6.33
C HIS A 287 -23.86 -43.72 4.82
N LEU A 288 -24.42 -42.70 4.18
CA LEU A 288 -24.34 -42.52 2.74
C LEU A 288 -22.95 -41.99 2.40
N LYS A 289 -22.42 -42.47 1.28
CA LYS A 289 -20.99 -42.32 0.98
C LYS A 289 -20.74 -41.89 -0.47
N GLU A 290 -19.72 -41.05 -0.64
CA GLU A 290 -19.12 -40.73 -1.94
C GLU A 290 -18.98 -42.03 -2.70
N GLY A 291 -19.55 -42.10 -3.90
CA GLY A 291 -19.39 -43.28 -4.74
C GLY A 291 -20.49 -44.32 -4.81
N MET A 292 -21.60 -44.10 -4.11
CA MET A 292 -22.75 -44.98 -4.24
C MET A 292 -23.43 -44.69 -5.58
N SER A 293 -24.10 -45.70 -6.14
CA SER A 293 -24.86 -45.49 -7.35
C SER A 293 -25.96 -44.49 -7.06
N ALA A 294 -26.31 -43.70 -8.07
CA ALA A 294 -27.37 -42.71 -7.95
C ALA A 294 -28.26 -42.72 -9.21
N ARG A 295 -29.50 -43.16 -9.04
CA ARG A 295 -30.43 -43.32 -10.16
C ARG A 295 -31.61 -42.38 -9.99
N VAL A 296 -31.92 -41.63 -11.04
CA VAL A 296 -33.08 -40.75 -11.01
C VAL A 296 -34.07 -41.11 -12.12
N GLU A 297 -35.37 -41.02 -11.81
CA GLU A 297 -36.47 -41.14 -12.81
C GLU A 297 -37.70 -40.34 -12.38
N ALA A 298 -38.41 -39.77 -13.36
CA ALA A 298 -39.60 -38.94 -13.13
C ALA A 298 -40.80 -39.75 -12.63
N ARG B 8 7.51 -4.52 6.77
CA ARG B 8 6.86 -5.75 6.31
C ARG B 8 6.88 -6.89 7.34
N PRO B 9 6.40 -6.62 8.56
CA PRO B 9 6.72 -7.50 9.70
C PRO B 9 5.82 -8.73 9.81
N ILE B 10 6.39 -9.86 10.23
CA ILE B 10 5.68 -11.13 10.26
C ILE B 10 5.74 -11.85 11.61
N ILE B 11 4.58 -12.31 12.09
CA ILE B 11 4.52 -13.25 13.21
C ILE B 11 4.01 -14.60 12.76
N ALA B 12 4.79 -15.65 13.03
CA ALA B 12 4.37 -17.04 12.79
C ALA B 12 3.99 -17.67 14.13
N PHE B 13 2.78 -18.24 14.14
CA PHE B 13 2.06 -18.50 15.38
C PHE B 13 1.72 -20.00 15.52
N MET B 14 2.16 -20.60 16.62
CA MET B 14 1.95 -22.01 16.84
C MET B 14 1.41 -22.11 18.24
N SER B 15 0.32 -22.86 18.44
CA SER B 15 -0.21 -22.99 19.76
C SER B 15 -0.93 -24.29 19.96
N ASP B 16 -1.32 -24.52 21.21
CA ASP B 16 -2.19 -25.63 21.50
C ASP B 16 -3.64 -25.14 21.68
N LEU B 17 -3.97 -23.95 21.16
CA LEU B 17 -5.30 -23.36 21.43
C LEU B 17 -6.49 -24.06 20.80
N GLY B 18 -6.24 -24.89 19.79
CA GLY B 18 -7.30 -25.56 19.06
C GLY B 18 -7.83 -24.71 17.92
N THR B 19 -8.60 -25.34 17.03
CA THR B 19 -9.19 -24.66 15.92
C THR B 19 -10.70 -24.59 16.04
N THR B 20 -11.28 -24.95 17.18
CA THR B 20 -12.73 -25.00 17.24
C THR B 20 -13.44 -23.89 18.01
N ASP B 21 -12.74 -22.80 18.31
CA ASP B 21 -13.32 -21.70 19.09
C ASP B 21 -12.66 -20.34 18.77
N ASP B 22 -12.87 -19.34 19.63
CA ASP B 22 -12.37 -17.98 19.35
C ASP B 22 -11.02 -17.63 19.96
N SER B 23 -10.40 -18.59 20.63
CA SER B 23 -9.13 -18.40 21.33
C SER B 23 -8.04 -17.80 20.47
N VAL B 24 -7.76 -18.42 19.31
CA VAL B 24 -6.75 -17.91 18.37
C VAL B 24 -7.15 -16.54 17.81
N ALA B 25 -8.42 -16.35 17.45
CA ALA B 25 -8.88 -15.02 16.99
C ALA B 25 -8.60 -13.93 18.04
N GLN B 26 -8.76 -14.27 19.32
CA GLN B 26 -8.50 -13.29 20.37
C GLN B 26 -7.04 -12.82 20.34
N CYS B 27 -6.12 -13.77 20.25
CA CYS B 27 -4.69 -13.43 20.15
C CYS B 27 -4.42 -12.64 18.88
N LYS B 28 -5.04 -13.03 17.77
CA LYS B 28 -4.73 -12.35 16.50
C LYS B 28 -5.20 -10.92 16.50
N GLY B 29 -6.35 -10.67 17.11
CA GLY B 29 -6.92 -9.34 17.11
C GLY B 29 -6.02 -8.39 17.87
N LEU B 30 -5.45 -8.90 18.97
CA LEU B 30 -4.49 -8.15 19.76
C LEU B 30 -3.25 -7.90 18.94
N MET B 31 -2.74 -8.94 18.31
CA MET B 31 -1.61 -8.81 17.42
C MET B 31 -1.79 -7.69 16.40
N TYR B 32 -2.98 -7.56 15.80
CA TYR B 32 -3.21 -6.50 14.79
C TYR B 32 -3.38 -5.15 15.46
N SER B 33 -3.85 -5.17 16.71
CA SER B 33 -4.06 -3.94 17.49
C SER B 33 -2.73 -3.27 17.77
N ILE B 34 -1.76 -4.08 18.15
CA ILE B 34 -0.44 -3.61 18.53
C ILE B 34 0.35 -3.21 17.28
N CYS B 35 0.28 -4.07 16.27
CA CYS B 35 1.08 -3.91 15.07
C CYS B 35 0.20 -3.95 13.83
N PRO B 36 -0.41 -2.80 13.45
CA PRO B 36 -1.39 -2.77 12.35
C PRO B 36 -0.91 -3.35 10.99
N ASP B 37 0.37 -3.22 10.68
CA ASP B 37 0.89 -3.64 9.37
C ASP B 37 1.31 -5.11 9.29
N VAL B 38 1.11 -5.85 10.37
CA VAL B 38 1.64 -7.22 10.53
C VAL B 38 0.90 -8.29 9.72
N THR B 39 1.63 -9.35 9.33
CA THR B 39 1.05 -10.53 8.74
C THR B 39 1.23 -11.64 9.76
N VAL B 40 0.10 -12.24 10.13
CA VAL B 40 0.10 -13.38 11.03
C VAL B 40 -0.04 -14.66 10.20
N VAL B 41 0.93 -15.55 10.34
CA VAL B 41 0.99 -16.80 9.61
C VAL B 41 0.83 -17.94 10.61
N ASP B 42 -0.20 -18.76 10.42
CA ASP B 42 -0.49 -19.87 11.27
C ASP B 42 0.48 -20.99 10.97
N VAL B 43 1.09 -21.58 12.00
CA VAL B 43 1.87 -22.79 11.85
C VAL B 43 0.82 -23.90 12.01
N CYS B 44 0.56 -24.33 13.25
CA CYS B 44 -0.64 -25.13 13.56
C CYS B 44 -1.18 -24.82 14.97
N HIS B 45 -2.37 -25.33 15.27
CA HIS B 45 -2.96 -25.04 16.56
C HIS B 45 -3.56 -26.28 17.19
N SER B 46 -3.25 -27.44 16.60
CA SER B 46 -3.89 -28.66 17.04
C SER B 46 -2.98 -29.63 17.80
N MET B 47 -1.83 -29.19 18.29
CA MET B 47 -0.95 -30.12 18.98
C MET B 47 -1.66 -30.68 20.22
N THR B 48 -1.15 -31.79 20.75
CA THR B 48 -1.69 -32.40 21.95
C THR B 48 -1.31 -31.48 23.14
N PRO B 49 -2.32 -30.99 23.89
CA PRO B 49 -2.02 -30.07 24.98
C PRO B 49 -1.03 -30.66 25.96
N TRP B 50 -0.17 -29.77 26.44
CA TRP B 50 0.92 -30.07 27.40
C TRP B 50 1.95 -31.10 26.87
N ASP B 51 2.08 -31.24 25.56
CA ASP B 51 3.11 -32.13 24.99
C ASP B 51 4.20 -31.27 24.36
N VAL B 52 5.13 -30.81 25.19
CA VAL B 52 6.13 -29.87 24.69
C VAL B 52 7.03 -30.50 23.62
N GLU B 53 7.29 -31.80 23.75
CA GLU B 53 8.11 -32.53 22.79
C GLU B 53 7.53 -32.48 21.36
N GLU B 54 6.20 -32.52 21.27
CA GLU B 54 5.52 -32.52 19.97
C GLU B 54 5.48 -31.11 19.37
N GLY B 55 5.19 -30.14 20.23
CA GLY B 55 5.15 -28.74 19.80
C GLY B 55 6.52 -28.32 19.33
N ALA B 56 7.56 -28.85 19.95
CA ALA B 56 8.93 -28.59 19.51
C ALA B 56 9.19 -29.03 18.07
N ARG B 57 8.64 -30.17 17.66
CA ARG B 57 8.84 -30.66 16.30
C ARG B 57 8.29 -29.70 15.24
N TYR B 58 7.21 -29.00 15.54
CA TYR B 58 6.56 -28.13 14.56
C TYR B 58 7.21 -26.77 14.41
N ILE B 59 8.16 -26.42 15.27
CA ILE B 59 8.74 -25.07 15.28
C ILE B 59 10.26 -25.00 15.01
N VAL B 60 10.94 -26.13 15.09
CA VAL B 60 12.41 -26.16 15.03
C VAL B 60 12.98 -25.89 13.63
N ASP B 61 12.29 -26.33 12.59
CA ASP B 61 12.73 -26.20 11.20
CA ASP B 61 12.80 -26.16 11.21
C ASP B 61 12.22 -24.93 10.52
N LEU B 62 11.57 -24.06 11.28
CA LEU B 62 10.90 -22.89 10.71
C LEU B 62 11.74 -21.73 10.14
N PRO B 63 12.82 -21.31 10.82
CA PRO B 63 13.45 -20.03 10.42
C PRO B 63 13.88 -19.90 8.96
N ARG B 64 14.53 -20.90 8.38
CA ARG B 64 15.07 -20.74 7.00
C ARG B 64 14.01 -20.53 5.91
N PHE B 65 12.74 -20.82 6.23
CA PHE B 65 11.64 -20.65 5.28
C PHE B 65 11.01 -19.27 5.32
N PHE B 66 11.31 -18.51 6.36
CA PHE B 66 10.69 -17.20 6.57
C PHE B 66 11.65 -16.03 6.34
N PRO B 67 11.10 -14.85 5.94
CA PRO B 67 12.00 -13.68 5.80
C PRO B 67 12.71 -13.30 7.10
N GLU B 68 13.90 -12.72 6.98
CA GLU B 68 14.60 -12.14 8.11
C GLU B 68 13.73 -11.12 8.85
N GLY B 69 13.67 -11.26 10.18
CA GLY B 69 12.91 -10.37 11.04
C GLY B 69 11.68 -11.02 11.62
N THR B 70 11.34 -12.20 11.13
CA THR B 70 10.17 -12.96 11.56
C THR B 70 10.27 -13.21 13.05
N VAL B 71 9.15 -12.99 13.75
CA VAL B 71 8.98 -13.31 15.15
C VAL B 71 8.13 -14.59 15.23
N PHE B 72 8.65 -15.59 15.94
CA PHE B 72 7.96 -16.86 16.09
C PHE B 72 7.32 -16.93 17.47
N ALA B 73 5.99 -16.96 17.49
CA ALA B 73 5.19 -16.97 18.69
C ALA B 73 4.66 -18.36 18.92
N THR B 74 5.27 -19.07 19.85
CA THR B 74 5.00 -20.49 19.98
C THR B 74 4.59 -20.82 21.41
N THR B 75 3.40 -21.40 21.59
CA THR B 75 2.88 -21.57 22.93
C THR B 75 1.98 -22.77 23.22
N THR B 76 2.38 -23.52 24.24
CA THR B 76 1.49 -24.29 25.08
C THR B 76 1.86 -23.94 26.52
N TYR B 77 0.88 -23.65 27.37
CA TYR B 77 1.18 -23.03 28.65
C TYR B 77 0.54 -23.79 29.79
N PRO B 78 1.04 -24.98 30.11
CA PRO B 78 0.55 -25.68 31.33
C PRO B 78 0.62 -24.83 32.62
N ALA B 79 1.64 -23.99 32.76
CA ALA B 79 1.82 -23.19 34.00
C ALA B 79 1.12 -21.79 34.04
N THR B 80 0.12 -21.60 33.18
CA THR B 80 -0.69 -20.35 33.18
C THR B 80 -1.12 -19.89 34.57
N GLY B 81 -1.03 -18.58 34.80
CA GLY B 81 -1.45 -18.00 36.07
C GLY B 81 -0.50 -18.06 37.26
N THR B 82 0.68 -18.65 37.08
CA THR B 82 1.67 -18.65 38.13
C THR B 82 2.75 -17.58 37.97
N THR B 83 3.79 -17.65 38.77
CA THR B 83 4.88 -16.66 38.68
C THR B 83 5.84 -16.93 37.49
N THR B 84 5.63 -18.03 36.75
CA THR B 84 6.46 -18.30 35.58
C THR B 84 6.28 -17.24 34.49
N ARG B 85 7.37 -16.89 33.82
CA ARG B 85 7.31 -15.88 32.77
C ARG B 85 7.85 -16.46 31.47
N SER B 86 7.41 -15.88 30.35
CA SER B 86 7.91 -16.22 29.03
C SER B 86 9.38 -15.83 28.85
N VAL B 87 10.01 -16.40 27.83
CA VAL B 87 11.40 -16.14 27.51
C VAL B 87 11.41 -15.70 26.07
N ALA B 88 12.19 -14.69 25.73
CA ALA B 88 12.34 -14.32 24.31
C ALA B 88 13.81 -14.46 23.92
N VAL B 89 14.04 -15.09 22.77
CA VAL B 89 15.40 -15.35 22.33
C VAL B 89 15.67 -14.90 20.90
N ARG B 90 16.87 -14.39 20.66
CA ARG B 90 17.33 -14.17 19.29
C ARG B 90 18.20 -15.36 18.92
N ILE B 91 17.76 -16.17 17.96
CA ILE B 91 18.56 -17.32 17.52
C ILE B 91 19.80 -16.87 16.75
N LYS B 92 20.82 -17.72 16.68
CA LYS B 92 22.04 -17.41 15.96
C LYS B 92 21.98 -17.84 14.49
N GLN B 93 22.16 -19.12 14.22
CA GLN B 93 22.14 -19.65 12.86
C GLN B 93 20.75 -20.18 12.47
N ALA B 94 20.20 -19.67 11.38
CA ALA B 94 19.03 -20.30 10.76
C ALA B 94 19.57 -21.49 9.97
N ALA B 95 19.53 -22.67 10.58
CA ALA B 95 20.31 -23.81 10.05
C ALA B 95 19.82 -24.30 8.71
N LYS B 96 20.72 -24.86 7.92
CA LYS B 96 20.34 -25.62 6.72
C LYS B 96 19.62 -26.91 7.15
N GLY B 97 18.75 -27.42 6.29
CA GLY B 97 18.00 -28.66 6.57
C GLY B 97 17.59 -29.46 5.33
N GLY B 98 16.70 -30.44 5.54
CA GLY B 98 16.30 -31.34 4.47
C GLY B 98 17.14 -32.60 4.41
N ALA B 99 16.85 -33.46 3.44
CA ALA B 99 17.56 -34.74 3.31
C ALA B 99 19.07 -34.58 3.09
N ARG B 100 19.48 -33.50 2.41
CA ARG B 100 20.89 -33.30 2.05
C ARG B 100 21.62 -32.18 2.83
N GLY B 101 20.87 -31.20 3.33
CA GLY B 101 21.45 -30.07 4.06
C GLY B 101 21.70 -28.88 3.15
N GLN B 102 20.67 -28.05 3.02
CA GLN B 102 20.68 -26.92 2.10
C GLN B 102 19.81 -25.75 2.60
N TRP B 103 20.05 -24.56 2.04
CA TRP B 103 19.11 -23.43 2.14
C TRP B 103 17.81 -23.71 1.37
N ALA B 104 16.73 -23.00 1.74
CA ALA B 104 15.43 -23.16 1.11
C ALA B 104 15.17 -22.07 0.08
N GLY B 105 14.37 -22.39 -0.92
CA GLY B 105 13.97 -21.43 -1.94
C GLY B 105 14.43 -21.84 -3.34
N SER B 106 14.03 -21.05 -4.33
CA SER B 106 14.43 -21.33 -5.71
C SER B 106 15.93 -21.07 -5.94
N GLY B 107 16.46 -21.56 -7.05
CA GLY B 107 17.87 -21.42 -7.34
C GLY B 107 18.72 -22.08 -6.28
N ALA B 108 19.72 -21.35 -5.81
CA ALA B 108 20.57 -21.86 -4.73
C ALA B 108 19.86 -21.79 -3.38
N GLY B 109 18.65 -21.23 -3.36
CA GLY B 109 17.88 -21.06 -2.13
C GLY B 109 18.24 -19.73 -1.50
N PHE B 110 17.52 -19.32 -0.44
CA PHE B 110 17.75 -18.00 0.14
C PHE B 110 18.56 -18.10 1.42
N GLU B 111 19.83 -17.69 1.32
CA GLU B 111 20.72 -17.58 2.45
C GLU B 111 20.13 -16.60 3.48
N ARG B 112 20.19 -16.99 4.76
CA ARG B 112 19.72 -16.12 5.85
C ARG B 112 20.88 -15.68 6.74
N ALA B 113 20.91 -14.38 7.03
CA ALA B 113 21.85 -13.76 7.97
C ALA B 113 21.69 -14.30 9.38
N GLU B 114 22.79 -14.35 10.13
CA GLU B 114 22.72 -14.70 11.54
C GLU B 114 21.95 -13.62 12.33
N GLY B 115 21.37 -14.03 13.45
CA GLY B 115 20.69 -13.11 14.37
C GLY B 115 19.37 -12.54 13.89
N SER B 116 18.68 -13.25 12.99
CA SER B 116 17.59 -12.66 12.20
C SER B 116 16.17 -13.07 12.60
N TYR B 117 16.04 -13.92 13.61
CA TYR B 117 14.74 -14.38 14.05
C TYR B 117 14.64 -14.35 15.56
N ILE B 118 13.43 -14.07 16.03
CA ILE B 118 13.13 -14.10 17.43
C ILE B 118 12.03 -15.13 17.72
N TYR B 119 12.25 -15.95 18.73
CA TYR B 119 11.27 -16.89 19.27
C TYR B 119 10.79 -16.38 20.64
N ILE B 120 9.49 -16.53 20.89
CA ILE B 120 8.98 -16.20 22.23
C ILE B 120 8.02 -17.28 22.69
N ALA B 121 8.26 -17.73 23.92
CA ALA B 121 7.64 -18.93 24.43
C ALA B 121 7.64 -18.94 25.94
N PRO B 122 6.70 -19.70 26.54
CA PRO B 122 6.77 -19.96 27.97
C PRO B 122 8.09 -20.65 28.26
N ASN B 123 8.65 -20.44 29.42
CA ASN B 123 9.89 -21.11 29.75
C ASN B 123 9.58 -22.50 30.33
N ASN B 124 9.08 -23.39 29.48
CA ASN B 124 8.68 -24.74 29.91
C ASN B 124 9.34 -25.87 29.12
N GLY B 125 10.32 -25.50 28.31
CA GLY B 125 11.09 -26.48 27.52
C GLY B 125 10.74 -26.51 26.04
N LEU B 126 9.71 -25.76 25.64
CA LEU B 126 9.25 -25.76 24.25
C LEU B 126 10.35 -25.45 23.22
N LEU B 127 11.35 -24.63 23.62
CA LEU B 127 12.43 -24.15 22.73
C LEU B 127 13.65 -25.07 22.68
N THR B 128 13.61 -26.17 23.43
CA THR B 128 14.75 -27.06 23.52
C THR B 128 15.43 -27.34 22.18
N THR B 129 14.70 -27.88 21.22
CA THR B 129 15.36 -28.33 19.98
C THR B 129 15.77 -27.15 19.11
N VAL B 130 14.95 -26.09 19.13
CA VAL B 130 15.30 -24.79 18.54
C VAL B 130 16.71 -24.31 18.93
N LEU B 131 16.97 -24.26 20.25
CA LEU B 131 18.24 -23.74 20.78
C LEU B 131 19.37 -24.71 20.47
N GLU B 132 19.05 -25.99 20.55
CA GLU B 132 20.00 -27.02 20.20
C GLU B 132 20.43 -26.88 18.73
N GLU B 133 19.48 -26.66 17.81
CA GLU B 133 19.78 -26.62 16.36
C GLU B 133 20.34 -25.31 15.82
N HIS B 134 19.93 -24.20 16.44
CA HIS B 134 20.25 -22.87 15.97
C HIS B 134 21.22 -22.05 16.84
N GLY B 135 21.40 -22.46 18.09
CA GLY B 135 22.04 -21.58 19.08
C GLY B 135 21.28 -20.29 19.26
N TYR B 136 21.80 -19.39 20.10
CA TYR B 136 21.17 -18.09 20.36
C TYR B 136 22.21 -17.06 20.82
N LEU B 137 21.89 -15.77 20.65
CA LEU B 137 22.82 -14.65 20.95
C LEU B 137 22.44 -13.89 22.21
N GLU B 138 21.15 -13.83 22.48
CA GLU B 138 20.65 -13.17 23.67
C GLU B 138 19.35 -13.83 24.06
N ALA B 139 19.10 -13.90 25.37
CA ALA B 139 17.85 -14.44 25.92
C ALA B 139 17.35 -13.55 27.07
N TYR B 140 16.06 -13.21 27.03
CA TYR B 140 15.49 -12.34 28.06
C TYR B 140 14.19 -12.88 28.66
N GLU B 141 14.02 -12.65 29.94
CA GLU B 141 12.77 -12.91 30.62
C GLU B 141 11.77 -11.84 30.14
N VAL B 142 10.52 -12.21 29.93
CA VAL B 142 9.52 -11.26 29.44
C VAL B 142 8.66 -10.75 30.61
N THR B 143 9.01 -9.60 31.15
CA THR B 143 8.31 -9.06 32.34
C THR B 143 7.84 -7.59 32.26
N SER B 144 8.28 -6.87 31.22
CA SER B 144 7.99 -5.45 31.09
C SER B 144 6.49 -5.14 30.93
N PRO B 145 5.97 -4.16 31.69
CA PRO B 145 4.58 -3.76 31.56
C PRO B 145 4.29 -3.05 30.22
N LYS B 146 5.33 -2.73 29.45
CA LYS B 146 5.15 -2.19 28.09
C LYS B 146 4.77 -3.27 27.06
N VAL B 147 5.00 -4.55 27.41
CA VAL B 147 4.83 -5.66 26.45
C VAL B 147 3.88 -6.75 26.96
N ILE B 148 3.66 -6.78 28.28
CA ILE B 148 2.62 -7.66 28.84
C ILE B 148 1.53 -6.83 29.56
N PRO B 149 0.37 -7.43 29.88
CA PRO B 149 -0.63 -6.73 30.68
C PRO B 149 -0.17 -6.56 32.12
N GLU B 150 -0.68 -5.51 32.76
CA GLU B 150 -0.38 -5.23 34.16
C GLU B 150 -1.17 -6.19 35.05
N GLN B 151 -2.28 -6.71 34.51
CA GLN B 151 -3.12 -7.70 35.20
C GLN B 151 -3.55 -8.83 34.24
N PRO B 152 -2.70 -9.85 34.11
CA PRO B 152 -2.90 -10.85 33.07
C PRO B 152 -4.00 -11.82 33.46
N GLU B 153 -4.74 -12.30 32.47
CA GLU B 153 -5.78 -13.30 32.70
C GLU B 153 -5.10 -14.58 33.22
N PRO B 154 -5.50 -15.06 34.40
CA PRO B 154 -4.76 -16.17 35.02
C PRO B 154 -4.78 -17.45 34.19
N THR B 155 -5.84 -17.66 33.42
CA THR B 155 -5.98 -18.87 32.63
C THR B 155 -5.70 -18.70 31.15
N PHE B 156 -5.18 -17.54 30.72
CA PHE B 156 -4.84 -17.40 29.31
C PHE B 156 -3.47 -16.78 29.07
N TYR B 157 -2.43 -17.35 29.67
CA TYR B 157 -1.06 -16.86 29.46
C TYR B 157 -0.52 -16.96 28.02
N SER B 158 -1.08 -17.83 27.18
CA SER B 158 -0.66 -17.91 25.77
C SER B 158 -0.95 -16.59 25.05
N ARG B 159 -2.13 -16.05 25.34
CA ARG B 159 -2.53 -14.71 24.90
C ARG B 159 -1.72 -13.61 25.59
N GLU B 160 -1.62 -13.65 26.92
CA GLU B 160 -1.06 -12.53 27.71
C GLU B 160 0.46 -12.43 27.61
N MET B 161 1.13 -13.59 27.62
CA MET B 161 2.59 -13.64 27.79
C MET B 161 3.36 -14.06 26.54
N VAL B 162 2.64 -14.42 25.49
CA VAL B 162 3.26 -14.81 24.22
C VAL B 162 2.70 -13.99 23.06
N ALA B 163 1.37 -13.95 22.94
CA ALA B 163 0.75 -13.28 21.79
C ALA B 163 0.90 -11.78 21.83
N ILE B 164 0.62 -11.18 22.99
CA ILE B 164 0.71 -9.73 23.11
C ILE B 164 2.18 -9.30 22.91
N PRO B 165 3.13 -9.83 23.73
CA PRO B 165 4.54 -9.44 23.55
C PRO B 165 5.12 -9.65 22.13
N SER B 166 4.81 -10.77 21.47
CA SER B 166 5.31 -11.03 20.11
C SER B 166 4.98 -9.87 19.21
N ALA B 167 3.76 -9.35 19.36
CA ALA B 167 3.28 -8.20 18.59
C ALA B 167 4.13 -6.96 18.83
N HIS B 168 4.52 -6.77 20.07
CA HIS B 168 5.38 -5.65 20.37
C HIS B 168 6.74 -5.84 19.75
N LEU B 169 7.22 -7.08 19.77
CA LEU B 169 8.55 -7.39 19.23
C LEU B 169 8.53 -7.16 17.73
N ALA B 170 7.49 -7.70 17.08
CA ALA B 170 7.33 -7.57 15.63
C ALA B 170 7.17 -6.11 15.25
N ALA B 171 6.54 -5.33 16.14
CA ALA B 171 6.41 -3.86 15.98
C ALA B 171 7.72 -3.09 16.12
N GLY B 172 8.78 -3.74 16.63
CA GLY B 172 10.11 -3.11 16.73
C GLY B 172 10.61 -2.73 18.12
N PHE B 173 9.80 -2.99 19.15
CA PHE B 173 10.21 -2.83 20.55
C PHE B 173 11.53 -3.57 20.80
N PRO B 174 12.52 -2.90 21.41
CA PRO B 174 13.86 -3.50 21.53
C PRO B 174 13.86 -4.75 22.40
N LEU B 175 14.33 -5.87 21.82
CA LEU B 175 14.39 -7.16 22.50
C LEU B 175 14.88 -7.08 23.96
N SER B 176 16.01 -6.40 24.20
CA SER B 176 16.63 -6.35 25.52
C SER B 176 15.86 -5.51 26.56
N GLU B 177 14.81 -4.83 26.13
CA GLU B 177 14.02 -4.05 27.05
C GLU B 177 12.88 -4.83 27.72
N VAL B 178 12.56 -6.04 27.24
CA VAL B 178 11.42 -6.82 27.75
C VAL B 178 11.59 -7.32 29.19
N GLY B 179 12.84 -7.39 29.65
CA GLY B 179 13.18 -7.83 31.00
C GLY B 179 14.65 -8.16 31.15
N ARG B 180 15.01 -8.75 32.31
CA ARG B 180 16.40 -9.13 32.60
C ARG B 180 16.92 -10.20 31.64
N PRO B 181 18.23 -10.15 31.30
CA PRO B 181 18.82 -11.22 30.50
C PRO B 181 18.91 -12.53 31.29
N LEU B 182 18.83 -13.65 30.59
CA LEU B 182 18.83 -14.94 31.24
C LEU B 182 20.13 -15.71 30.97
N GLU B 183 20.66 -16.37 31.99
CA GLU B 183 21.78 -17.27 31.77
C GLU B 183 21.21 -18.59 31.25
N ASP B 184 22.04 -19.36 30.54
CA ASP B 184 21.60 -20.56 29.81
C ASP B 184 20.73 -21.50 30.64
N HIS B 185 21.18 -21.84 31.85
CA HIS B 185 20.49 -22.84 32.65
C HIS B 185 19.19 -22.35 33.29
N GLU B 186 18.86 -21.09 33.07
CA GLU B 186 17.55 -20.61 33.47
C GLU B 186 16.48 -20.97 32.44
N ILE B 187 16.91 -21.38 31.24
CA ILE B 187 15.99 -21.74 30.15
C ILE B 187 15.71 -23.25 30.23
N VAL B 188 14.47 -23.62 30.51
CA VAL B 188 14.13 -25.03 30.69
C VAL B 188 14.36 -25.89 29.43
N ARG B 189 14.87 -27.10 29.65
CA ARG B 189 15.04 -28.11 28.62
C ARG B 189 14.38 -29.41 29.02
N PHE B 190 13.81 -30.10 28.05
CA PHE B 190 13.44 -31.47 28.26
C PHE B 190 14.60 -32.40 27.80
N ASN B 191 14.64 -33.61 28.34
CA ASN B 191 15.66 -34.61 27.98
C ASN B 191 15.45 -35.19 26.58
N ARG B 192 16.54 -35.28 25.83
CA ARG B 192 16.52 -35.92 24.53
C ARG B 192 17.33 -37.23 24.61
N PRO B 193 16.64 -38.39 24.48
CA PRO B 193 17.29 -39.71 24.50
C PRO B 193 18.17 -39.89 23.26
N ALA B 194 19.42 -40.32 23.45
CA ALA B 194 20.32 -40.50 22.31
C ALA B 194 19.95 -41.72 21.46
N VAL B 195 20.28 -41.63 20.17
CA VAL B 195 20.36 -42.79 19.30
C VAL B 195 21.55 -43.63 19.78
N GLU B 196 21.33 -44.93 19.99
CA GLU B 196 22.39 -45.81 20.50
C GLU B 196 23.01 -46.73 19.42
N GLN B 197 24.32 -46.93 19.50
CA GLN B 197 25.04 -47.82 18.59
C GLN B 197 25.16 -49.25 19.14
N ASP B 198 24.98 -50.24 18.26
CA ASP B 198 24.99 -51.65 18.66
C ASP B 198 25.69 -52.51 17.61
N GLY B 199 27.02 -52.50 17.65
CA GLY B 199 27.84 -53.11 16.61
C GLY B 199 27.76 -52.23 15.37
N GLU B 200 27.19 -52.77 14.29
CA GLU B 200 26.96 -51.98 13.09
C GLU B 200 25.53 -51.41 12.97
N ALA B 201 24.70 -51.63 13.99
CA ALA B 201 23.32 -51.19 13.96
C ALA B 201 23.12 -49.85 14.69
N LEU B 202 22.00 -49.20 14.42
CA LEU B 202 21.58 -47.98 15.12
C LEU B 202 20.22 -48.24 15.76
N VAL B 203 20.10 -47.93 17.04
CA VAL B 203 18.89 -48.20 17.82
C VAL B 203 18.27 -46.89 18.32
N GLY B 204 17.13 -46.53 17.73
CA GLY B 204 16.39 -45.35 18.10
C GLY B 204 14.92 -45.66 18.38
N VAL B 205 14.06 -44.71 18.01
CA VAL B 205 12.63 -44.75 18.30
C VAL B 205 11.86 -44.04 17.22
N VAL B 206 10.56 -44.34 17.12
CA VAL B 206 9.64 -43.61 16.24
C VAL B 206 9.20 -42.31 16.91
N SER B 207 9.62 -41.19 16.35
CA SER B 207 9.39 -39.89 16.99
C SER B 207 8.09 -39.20 16.61
N ALA B 208 7.56 -39.53 15.44
CA ALA B 208 6.29 -38.97 14.99
C ALA B 208 5.69 -39.83 13.88
N ILE B 209 4.36 -39.83 13.79
CA ILE B 209 3.69 -40.26 12.57
C ILE B 209 3.44 -39.01 11.76
N ASP B 210 3.82 -39.04 10.48
CA ASP B 210 3.65 -37.94 9.51
C ASP B 210 2.26 -37.95 8.90
N HIS B 211 1.33 -37.19 9.49
CA HIS B 211 -0.04 -36.99 9.01
C HIS B 211 -0.07 -35.96 7.89
N PRO B 212 -0.96 -36.13 6.91
CA PRO B 212 -2.04 -37.11 6.83
C PRO B 212 -1.70 -38.39 6.12
N PHE B 213 -0.44 -38.60 5.77
CA PHE B 213 -0.02 -39.73 4.95
C PHE B 213 0.22 -41.00 5.73
N GLY B 214 0.57 -40.86 7.01
CA GLY B 214 0.92 -42.05 7.82
C GLY B 214 2.28 -42.65 7.44
N ASN B 215 3.23 -41.77 7.07
CA ASN B 215 4.65 -42.13 6.99
C ASN B 215 5.22 -42.23 8.42
N VAL B 216 6.25 -43.07 8.61
CA VAL B 216 6.80 -43.27 9.95
C VAL B 216 8.18 -42.57 10.05
N TRP B 217 8.27 -41.60 10.96
CA TRP B 217 9.52 -40.86 11.20
C TRP B 217 10.27 -41.33 12.43
N THR B 218 11.56 -41.59 12.26
CA THR B 218 12.41 -42.02 13.39
C THR B 218 13.27 -40.87 13.88
N ASN B 219 13.92 -41.04 15.04
CA ASN B 219 14.90 -40.07 15.50
C ASN B 219 16.34 -40.35 15.01
N ILE B 220 16.52 -41.30 14.08
CA ILE B 220 17.88 -41.63 13.56
C ILE B 220 18.25 -40.69 12.44
N HIS B 221 19.17 -39.76 12.72
CA HIS B 221 19.55 -38.71 11.76
C HIS B 221 20.55 -39.24 10.72
N ARG B 222 20.53 -38.63 9.53
CA ARG B 222 21.54 -38.83 8.49
C ARG B 222 22.98 -38.85 9.02
N THR B 223 23.32 -37.97 9.96
CA THR B 223 24.68 -38.00 10.56
C THR B 223 24.96 -39.25 11.41
N ASP B 224 23.92 -39.90 11.96
CA ASP B 224 24.03 -41.23 12.60
C ASP B 224 24.24 -42.32 11.54
N LEU B 225 23.44 -42.29 10.48
CA LEU B 225 23.56 -43.22 9.35
C LEU B 225 24.95 -43.20 8.69
N GLU B 226 25.44 -42.00 8.36
CA GLU B 226 26.73 -41.90 7.69
C GLU B 226 27.91 -42.20 8.61
N LYS B 227 27.68 -42.09 9.92
CA LYS B 227 28.62 -42.53 10.97
C LYS B 227 28.67 -44.06 11.06
N ALA B 228 27.65 -44.70 10.50
CA ALA B 228 27.58 -46.16 10.47
C ALA B 228 27.91 -46.71 9.09
N GLY B 229 28.27 -45.82 8.17
CA GLY B 229 28.63 -46.20 6.81
C GLY B 229 27.45 -46.38 5.89
N ILE B 230 26.25 -46.05 6.39
CA ILE B 230 25.01 -46.19 5.62
C ILE B 230 24.84 -44.97 4.72
N GLY B 231 24.40 -45.20 3.48
CA GLY B 231 24.11 -44.13 2.51
C GLY B 231 23.17 -44.63 1.43
N TYR B 232 22.61 -43.71 0.65
CA TYR B 232 21.71 -44.08 -0.44
C TYR B 232 22.19 -45.31 -1.21
N GLY B 233 21.27 -46.25 -1.45
CA GLY B 233 21.64 -47.51 -2.12
C GLY B 233 22.09 -48.64 -1.21
N ALA B 234 22.29 -48.34 0.09
CA ALA B 234 22.53 -49.38 1.09
C ALA B 234 21.25 -50.18 1.23
N ARG B 235 21.41 -51.52 1.18
CA ARG B 235 20.35 -52.48 1.47
C ARG B 235 20.16 -52.48 2.99
N LEU B 236 18.97 -52.08 3.45
CA LEU B 236 18.69 -51.97 4.89
C LEU B 236 17.68 -52.96 5.41
N ARG B 237 17.93 -53.42 6.64
CA ARG B 237 16.89 -54.02 7.48
C ARG B 237 16.58 -53.00 8.54
N LEU B 238 15.32 -52.61 8.61
CA LEU B 238 14.87 -51.67 9.62
C LEU B 238 13.77 -52.37 10.41
N THR B 239 14.07 -52.70 11.65
CA THR B 239 13.12 -53.41 12.50
C THR B 239 12.37 -52.41 13.33
N LEU B 240 11.05 -52.35 13.14
CA LEU B 240 10.14 -51.55 13.99
C LEU B 240 9.44 -52.40 15.02
N ASP B 241 9.09 -51.81 16.16
CA ASP B 241 8.28 -52.44 17.24
C ASP B 241 8.82 -53.75 17.77
N GLY B 242 10.08 -54.03 17.42
CA GLY B 242 10.78 -55.25 17.84
C GLY B 242 10.68 -56.46 16.92
N VAL B 243 9.58 -56.55 16.17
CA VAL B 243 9.23 -57.81 15.50
C VAL B 243 8.91 -57.66 14.00
N LEU B 244 9.14 -56.47 13.45
CA LEU B 244 8.81 -56.19 12.05
C LEU B 244 10.05 -55.82 11.22
N PRO B 245 10.87 -56.83 10.78
CA PRO B 245 12.13 -56.54 10.05
C PRO B 245 11.97 -56.13 8.58
N PHE B 246 11.59 -54.87 8.34
CA PHE B 246 11.39 -54.36 6.98
C PHE B 246 12.68 -54.38 6.20
N GLU B 247 12.60 -54.61 4.90
CA GLU B 247 13.79 -54.66 4.07
C GLU B 247 13.65 -53.85 2.79
N ALA B 248 14.55 -52.90 2.62
CA ALA B 248 14.55 -52.00 1.49
C ALA B 248 15.87 -51.24 1.37
N PRO B 249 16.22 -50.87 0.13
CA PRO B 249 17.34 -49.95 -0.07
C PRO B 249 16.94 -48.57 0.43
N LEU B 250 17.90 -47.82 0.96
CA LEU B 250 17.70 -46.44 1.33
C LEU B 250 17.67 -45.64 0.02
N THR B 251 16.50 -45.13 -0.31
CA THR B 251 16.29 -44.41 -1.57
C THR B 251 15.78 -43.02 -1.20
N PRO B 252 15.93 -42.02 -2.11
CA PRO B 252 15.56 -40.61 -1.86
C PRO B 252 14.08 -40.32 -1.71
N THR B 253 13.24 -41.07 -2.41
CA THR B 253 11.82 -40.84 -2.39
C THR B 253 11.01 -42.13 -2.46
N PHE B 254 9.68 -41.96 -2.39
CA PHE B 254 8.70 -43.02 -2.33
C PHE B 254 8.62 -43.79 -3.62
N ALA B 255 8.66 -43.10 -4.75
CA ALA B 255 8.43 -43.74 -6.05
C ALA B 255 9.50 -44.75 -6.46
N ASP B 256 10.70 -44.65 -5.89
CA ASP B 256 11.80 -45.59 -6.21
C ASP B 256 11.55 -47.01 -5.68
N ALA B 257 10.48 -47.17 -4.92
CA ALA B 257 10.06 -48.46 -4.40
C ALA B 257 9.33 -49.29 -5.48
N GLY B 258 8.92 -48.63 -6.56
CA GLY B 258 8.23 -49.28 -7.69
C GLY B 258 6.72 -49.20 -7.59
N GLU B 259 6.08 -50.36 -7.45
CA GLU B 259 4.62 -50.45 -7.33
C GLU B 259 4.08 -49.55 -6.21
N ILE B 260 2.85 -49.07 -6.39
CA ILE B 260 2.10 -48.38 -5.34
C ILE B 260 1.95 -49.37 -4.19
N GLY B 261 2.16 -48.89 -2.95
CA GLY B 261 2.01 -49.73 -1.76
C GLY B 261 3.30 -50.41 -1.29
N ASN B 262 4.28 -50.48 -2.19
CA ASN B 262 5.60 -50.98 -1.82
C ASN B 262 6.30 -50.08 -0.75
N ILE B 263 7.05 -50.75 0.13
CA ILE B 263 7.81 -50.11 1.20
C ILE B 263 9.00 -49.34 0.68
N ALA B 264 9.14 -48.10 1.14
CA ALA B 264 10.36 -47.33 0.94
C ALA B 264 10.97 -46.95 2.27
N ILE B 265 12.30 -47.02 2.32
CA ILE B 265 13.08 -46.49 3.43
C ILE B 265 13.86 -45.33 2.84
N TYR B 266 13.73 -44.14 3.45
CA TYR B 266 14.27 -42.89 2.91
C TYR B 266 14.72 -41.93 4.02
N LEU B 267 15.14 -40.72 3.61
CA LEU B 267 15.45 -39.60 4.51
C LEU B 267 14.43 -38.49 4.32
N ASN B 268 13.70 -38.13 5.38
CA ASN B 268 12.65 -37.13 5.26
C ASN B 268 13.21 -35.72 5.14
N SER B 269 12.32 -34.76 4.92
CA SER B 269 12.68 -33.37 4.66
C SER B 269 13.33 -32.71 5.86
N ARG B 270 13.55 -33.49 6.92
CA ARG B 270 14.23 -33.01 8.10
C ARG B 270 15.59 -33.69 8.22
N GLY B 271 15.85 -34.65 7.35
CA GLY B 271 17.12 -35.34 7.37
C GLY B 271 17.11 -36.58 8.22
N TYR B 272 15.93 -37.04 8.66
CA TYR B 272 15.84 -38.23 9.50
C TYR B 272 15.40 -39.49 8.74
N LEU B 273 15.92 -40.65 9.18
CA LEU B 273 15.52 -41.97 8.63
C LEU B 273 14.02 -42.19 8.79
N SER B 274 13.37 -42.45 7.68
CA SER B 274 11.94 -42.71 7.71
C SER B 274 11.57 -43.95 6.90
N ILE B 275 10.34 -44.40 7.07
CA ILE B 275 9.83 -45.57 6.38
C ILE B 275 8.38 -45.31 6.04
N ALA B 276 8.02 -45.72 4.81
CA ALA B 276 6.71 -45.46 4.26
C ALA B 276 6.38 -46.41 3.14
N ARG B 277 5.17 -46.24 2.63
CA ARG B 277 4.68 -46.88 1.42
C ARG B 277 4.56 -45.87 0.29
N ASN B 278 4.87 -46.33 -0.92
CA ASN B 278 4.71 -45.55 -2.12
C ASN B 278 3.25 -45.28 -2.40
N ALA B 279 2.84 -44.03 -2.21
CA ALA B 279 1.46 -43.59 -2.43
C ALA B 279 0.42 -44.47 -1.73
N ALA B 280 0.73 -44.83 -0.49
CA ALA B 280 -0.21 -45.50 0.41
C ALA B 280 0.29 -45.28 1.83
N SER B 281 -0.60 -45.47 2.80
CA SER B 281 -0.30 -45.31 4.23
C SER B 281 0.33 -46.53 4.85
N LEU B 282 1.42 -46.30 5.57
CA LEU B 282 2.05 -47.36 6.35
C LEU B 282 1.50 -47.40 7.76
N ALA B 283 1.48 -46.25 8.45
CA ALA B 283 1.10 -46.24 9.87
C ALA B 283 -0.35 -46.67 10.10
N TYR B 284 -1.26 -46.08 9.36
CA TYR B 284 -2.69 -46.23 9.66
C TYR B 284 -3.24 -47.64 9.63
N PRO B 285 -3.07 -48.39 8.54
CA PRO B 285 -3.72 -49.72 8.62
C PRO B 285 -3.18 -50.68 9.67
N TYR B 286 -1.96 -50.47 10.17
CA TYR B 286 -1.37 -51.44 11.12
C TYR B 286 -1.25 -50.85 12.50
N HIS B 287 -1.74 -49.61 12.63
CA HIS B 287 -1.83 -48.92 13.92
C HIS B 287 -0.45 -48.66 14.53
N LEU B 288 0.51 -48.34 13.65
CA LEU B 288 1.86 -48.01 14.09
C LEU B 288 1.82 -46.64 14.76
N LYS B 289 2.55 -46.52 15.87
CA LYS B 289 2.45 -45.33 16.74
C LYS B 289 3.81 -44.77 17.18
N GLU B 290 3.85 -43.45 17.37
CA GLU B 290 4.93 -42.75 18.08
C GLU B 290 5.34 -43.52 19.33
N GLY B 291 6.65 -43.68 19.54
CA GLY B 291 7.17 -44.45 20.69
C GLY B 291 7.62 -45.90 20.46
N MET B 292 7.36 -46.45 19.29
CA MET B 292 7.79 -47.80 18.97
C MET B 292 9.28 -47.82 18.64
N SER B 293 10.00 -48.84 19.10
CA SER B 293 11.43 -48.91 18.84
C SER B 293 11.74 -48.89 17.35
N ALA B 294 12.88 -48.34 17.01
CA ALA B 294 13.34 -48.39 15.64
C ALA B 294 14.82 -48.76 15.64
N ARG B 295 15.14 -49.90 15.02
CA ARG B 295 16.49 -50.39 14.84
C ARG B 295 16.83 -50.47 13.34
N VAL B 296 17.99 -49.98 12.92
CA VAL B 296 18.40 -50.06 11.50
C VAL B 296 19.82 -50.61 11.32
N GLU B 297 20.02 -51.44 10.30
CA GLU B 297 21.35 -52.03 9.99
C GLU B 297 21.37 -52.53 8.53
N ALA B 298 22.56 -52.56 7.92
CA ALA B 298 22.75 -53.19 6.61
C ALA B 298 22.68 -54.71 6.71
N ARG C 8 -7.11 0.88 8.04
CA ARG C 8 -6.67 -0.53 7.72
C ARG C 8 -7.77 -1.50 8.18
N PRO C 9 -8.57 -1.99 7.23
CA PRO C 9 -9.86 -2.63 7.59
C PRO C 9 -9.78 -4.15 7.81
N ILE C 10 -10.59 -4.62 8.76
CA ILE C 10 -10.60 -6.03 9.14
C ILE C 10 -11.99 -6.60 9.16
N ILE C 11 -12.14 -7.76 8.56
CA ILE C 11 -13.31 -8.60 8.73
C ILE C 11 -12.91 -9.78 9.57
N ALA C 12 -13.49 -9.90 10.76
CA ALA C 12 -13.36 -11.13 11.53
C ALA C 12 -14.54 -12.03 11.19
N PHE C 13 -14.23 -13.29 10.88
CA PHE C 13 -15.14 -14.17 10.16
C PHE C 13 -15.39 -15.49 10.91
N MET C 14 -16.65 -15.74 11.24
CA MET C 14 -17.04 -16.95 11.95
C MET C 14 -18.14 -17.65 11.16
N SER C 15 -18.06 -18.97 10.96
CA SER C 15 -19.12 -19.64 10.23
C SER C 15 -19.35 -21.10 10.62
N ASP C 16 -20.35 -21.71 10.00
CA ASP C 16 -20.55 -23.16 10.09
C ASP C 16 -20.20 -23.87 8.76
N LEU C 17 -19.39 -23.23 7.93
CA LEU C 17 -19.07 -23.75 6.62
C LEU C 17 -18.14 -24.94 6.61
N GLY C 18 -17.47 -25.22 7.74
CA GLY C 18 -16.45 -26.28 7.80
C GLY C 18 -15.10 -25.87 7.25
N THR C 19 -14.10 -26.71 7.43
CA THR C 19 -12.76 -26.44 6.89
C THR C 19 -12.33 -27.47 5.84
N THR C 20 -13.24 -28.29 5.33
CA THR C 20 -12.82 -29.40 4.48
C THR C 20 -13.05 -29.16 2.97
N ASP C 21 -13.42 -27.94 2.60
CA ASP C 21 -13.75 -27.63 1.21
C ASP C 21 -13.50 -26.15 0.87
N ASP C 22 -14.08 -25.68 -0.23
CA ASP C 22 -13.77 -24.34 -0.77
C ASP C 22 -14.77 -23.25 -0.37
N SER C 23 -15.69 -23.58 0.53
CA SER C 23 -16.76 -22.67 0.93
C SER C 23 -16.27 -21.34 1.50
N VAL C 24 -15.27 -21.40 2.40
CA VAL C 24 -14.73 -20.19 3.04
C VAL C 24 -13.86 -19.42 2.06
N ALA C 25 -13.09 -20.13 1.26
CA ALA C 25 -12.28 -19.55 0.17
C ALA C 25 -13.15 -18.76 -0.83
N GLN C 26 -14.34 -19.28 -1.13
CA GLN C 26 -15.28 -18.57 -1.99
C GLN C 26 -15.65 -17.24 -1.34
N CYS C 27 -15.98 -17.28 -0.06
CA CYS C 27 -16.31 -16.05 0.68
C CYS C 27 -15.10 -15.10 0.70
N LYS C 28 -13.91 -15.59 1.04
CA LYS C 28 -12.77 -14.67 1.12
C LYS C 28 -12.39 -13.98 -0.20
N GLY C 29 -12.54 -14.67 -1.32
CA GLY C 29 -12.22 -14.08 -2.62
C GLY C 29 -13.08 -12.86 -2.90
N LEU C 30 -14.37 -12.96 -2.58
CA LEU C 30 -15.28 -11.83 -2.76
C LEU C 30 -14.92 -10.71 -1.82
N MET C 31 -14.53 -11.06 -0.59
CA MET C 31 -14.08 -10.05 0.38
C MET C 31 -12.90 -9.24 -0.19
N TYR C 32 -11.92 -9.94 -0.77
CA TYR C 32 -10.75 -9.26 -1.33
C TYR C 32 -11.06 -8.49 -2.60
N SER C 33 -12.04 -8.97 -3.38
CA SER C 33 -12.47 -8.28 -4.59
C SER C 33 -13.03 -6.90 -4.25
N ILE C 34 -13.87 -6.87 -3.22
CA ILE C 34 -14.60 -5.67 -2.80
C ILE C 34 -13.68 -4.67 -2.09
N CYS C 35 -12.94 -5.15 -1.11
CA CYS C 35 -12.07 -4.32 -0.30
C CYS C 35 -10.63 -4.81 -0.45
N PRO C 36 -9.92 -4.38 -1.51
CA PRO C 36 -8.59 -4.98 -1.82
C PRO C 36 -7.57 -5.01 -0.65
N ASP C 37 -7.61 -4.02 0.23
CA ASP C 37 -6.69 -3.93 1.37
C ASP C 37 -7.16 -4.55 2.71
N VAL C 38 -8.25 -5.32 2.69
CA VAL C 38 -8.75 -5.94 3.93
C VAL C 38 -7.78 -7.03 4.43
N THR C 39 -7.71 -7.19 5.75
CA THR C 39 -7.12 -8.40 6.36
C THR C 39 -8.26 -9.18 6.96
N VAL C 40 -8.41 -10.42 6.50
CA VAL C 40 -9.49 -11.30 6.92
C VAL C 40 -8.98 -12.23 8.01
N VAL C 41 -9.61 -12.19 9.17
CA VAL C 41 -9.20 -12.97 10.33
C VAL C 41 -10.21 -14.07 10.62
N ASP C 42 -9.76 -15.30 10.53
CA ASP C 42 -10.65 -16.40 10.83
C ASP C 42 -10.88 -16.55 12.34
N VAL C 43 -12.16 -16.57 12.74
CA VAL C 43 -12.51 -16.88 14.10
C VAL C 43 -12.50 -18.41 14.20
N CYS C 44 -13.57 -19.02 13.71
CA CYS C 44 -13.65 -20.47 13.49
C CYS C 44 -14.82 -20.85 12.54
N HIS C 45 -14.76 -22.06 11.99
CA HIS C 45 -15.71 -22.51 10.98
C HIS C 45 -16.21 -23.95 11.24
N SER C 46 -16.04 -24.44 12.46
CA SER C 46 -16.34 -25.83 12.72
C SER C 46 -17.46 -26.07 13.73
N MET C 47 -18.27 -25.07 13.97
CA MET C 47 -19.44 -25.24 14.85
C MET C 47 -20.49 -26.20 14.27
N THR C 48 -21.32 -26.72 15.17
CA THR C 48 -22.39 -27.58 14.79
C THR C 48 -23.37 -26.76 13.93
N PRO C 49 -23.62 -27.20 12.71
CA PRO C 49 -24.64 -26.58 11.87
C PRO C 49 -25.98 -26.29 12.57
N TRP C 50 -26.49 -25.07 12.37
CA TRP C 50 -27.82 -24.68 12.81
C TRP C 50 -27.93 -24.39 14.30
N ASP C 51 -26.84 -24.67 15.01
CA ASP C 51 -26.77 -24.43 16.46
C ASP C 51 -26.36 -22.98 16.76
N VAL C 52 -27.35 -22.09 16.80
CA VAL C 52 -27.08 -20.67 17.00
C VAL C 52 -26.50 -20.39 18.38
N GLU C 53 -26.95 -21.13 19.39
CA GLU C 53 -26.44 -20.95 20.76
C GLU C 53 -24.92 -21.06 20.76
N GLU C 54 -24.38 -22.05 20.03
CA GLU C 54 -22.93 -22.31 19.99
C GLU C 54 -22.13 -21.22 19.23
N GLY C 55 -22.67 -20.72 18.13
CA GLY C 55 -22.00 -19.67 17.38
C GLY C 55 -21.96 -18.38 18.16
N ALA C 56 -23.07 -18.09 18.85
CA ALA C 56 -23.17 -16.98 19.78
C ALA C 56 -21.94 -16.93 20.69
N ARG C 57 -21.62 -18.05 21.33
CA ARG C 57 -20.48 -18.15 22.25
C ARG C 57 -19.14 -17.72 21.64
N TYR C 58 -18.93 -18.04 20.36
CA TYR C 58 -17.65 -17.76 19.72
C TYR C 58 -17.50 -16.31 19.27
N ILE C 59 -18.59 -15.54 19.32
CA ILE C 59 -18.54 -14.17 18.80
C ILE C 59 -18.77 -13.07 19.84
N VAL C 60 -19.35 -13.46 20.97
CA VAL C 60 -19.76 -12.52 22.00
C VAL C 60 -18.61 -11.73 22.67
N ASP C 61 -17.43 -12.33 22.82
CA ASP C 61 -16.30 -11.73 23.53
CA ASP C 61 -16.33 -11.64 23.53
C ASP C 61 -15.27 -11.10 22.57
N LEU C 62 -15.58 -11.06 21.27
CA LEU C 62 -14.63 -10.59 20.27
C LEU C 62 -14.19 -9.10 20.32
N PRO C 63 -15.15 -8.15 20.39
CA PRO C 63 -14.91 -6.69 20.26
C PRO C 63 -13.65 -6.08 20.88
N ARG C 64 -13.44 -6.23 22.19
CA ARG C 64 -12.30 -5.60 22.89
C ARG C 64 -10.88 -5.92 22.34
N PHE C 65 -10.74 -7.11 21.76
CA PHE C 65 -9.46 -7.59 21.27
C PHE C 65 -9.10 -7.00 19.93
N PHE C 66 -10.08 -6.40 19.25
CA PHE C 66 -9.90 -5.99 17.87
C PHE C 66 -9.76 -4.48 17.70
N PRO C 67 -9.05 -4.04 16.65
CA PRO C 67 -9.00 -2.59 16.33
C PRO C 67 -10.38 -2.09 16.02
N GLU C 68 -10.66 -0.87 16.44
CA GLU C 68 -11.93 -0.22 16.16
C GLU C 68 -12.15 -0.16 14.64
N GLY C 69 -13.40 -0.35 14.21
CA GLY C 69 -13.75 -0.35 12.80
C GLY C 69 -13.87 -1.75 12.22
N THR C 70 -13.57 -2.75 13.05
CA THR C 70 -13.63 -4.17 12.64
C THR C 70 -15.06 -4.59 12.36
N VAL C 71 -15.27 -5.38 11.30
CA VAL C 71 -16.57 -5.90 10.94
C VAL C 71 -16.60 -7.37 11.25
N PHE C 72 -17.57 -7.77 12.07
CA PHE C 72 -17.70 -9.17 12.44
C PHE C 72 -18.72 -9.87 11.55
N ALA C 73 -18.21 -10.74 10.69
CA ALA C 73 -19.02 -11.48 9.75
C ALA C 73 -19.29 -12.87 10.32
N THR C 74 -20.50 -13.02 10.84
CA THR C 74 -20.80 -14.17 11.65
C THR C 74 -22.04 -14.81 11.09
N THR C 75 -21.95 -16.09 10.72
CA THR C 75 -23.08 -16.75 10.07
C THR C 75 -23.27 -18.28 10.20
N THR C 76 -24.52 -18.65 10.44
CA THR C 76 -25.04 -19.99 10.23
C THR C 76 -26.42 -19.77 9.61
N TYR C 77 -26.68 -20.33 8.44
CA TYR C 77 -27.86 -19.87 7.71
C TYR C 77 -28.88 -20.99 7.39
N PRO C 78 -29.49 -21.61 8.42
CA PRO C 78 -30.57 -22.58 8.16
C PRO C 78 -31.62 -22.18 7.10
N ALA C 79 -32.28 -21.02 7.26
CA ALA C 79 -33.39 -20.64 6.34
C ALA C 79 -32.94 -20.00 5.01
N THR C 80 -31.73 -20.36 4.57
CA THR C 80 -31.20 -20.01 3.25
C THR C 80 -32.23 -20.21 2.14
N GLY C 81 -32.21 -19.31 1.15
CA GLY C 81 -33.11 -19.39 0.01
C GLY C 81 -34.48 -18.75 0.20
N THR C 82 -34.87 -18.47 1.44
CA THR C 82 -36.17 -17.86 1.75
C THR C 82 -36.14 -16.32 1.63
N THR C 83 -37.18 -15.68 2.17
CA THR C 83 -37.26 -14.22 2.24
C THR C 83 -36.49 -13.64 3.44
N THR C 84 -36.06 -14.52 4.36
CA THR C 84 -35.35 -14.12 5.57
C THR C 84 -34.02 -13.36 5.24
N ARG C 85 -33.85 -12.20 5.86
CA ARG C 85 -32.72 -11.32 5.53
C ARG C 85 -31.68 -11.17 6.65
N SER C 86 -30.47 -10.75 6.27
CA SER C 86 -29.41 -10.44 7.22
C SER C 86 -29.65 -9.12 7.93
N VAL C 87 -29.18 -9.05 9.16
CA VAL C 87 -29.21 -7.84 9.96
C VAL C 87 -27.77 -7.36 10.23
N ALA C 88 -27.55 -6.07 9.99
CA ALA C 88 -26.27 -5.43 10.29
C ALA C 88 -26.47 -4.46 11.45
N VAL C 89 -25.68 -4.64 12.50
CA VAL C 89 -25.84 -3.86 13.72
C VAL C 89 -24.54 -3.20 14.13
N ARG C 90 -24.64 -1.96 14.58
CA ARG C 90 -23.52 -1.25 15.17
C ARG C 90 -23.72 -1.33 16.66
N ILE C 91 -22.81 -2.01 17.35
CA ILE C 91 -22.94 -2.18 18.80
C ILE C 91 -22.55 -0.93 19.56
N LYS C 92 -23.05 -0.78 20.77
CA LYS C 92 -22.72 0.39 21.58
C LYS C 92 -21.41 0.19 22.36
N GLN C 93 -21.44 -0.71 23.35
CA GLN C 93 -20.33 -0.87 24.28
C GLN C 93 -19.45 -2.07 23.95
N ALA C 94 -18.18 -1.83 23.62
CA ALA C 94 -17.21 -2.93 23.55
C ALA C 94 -16.91 -3.33 24.99
N ALA C 95 -17.77 -4.18 25.57
CA ALA C 95 -17.74 -4.48 27.00
C ALA C 95 -16.40 -5.03 27.47
N LYS C 96 -16.09 -4.77 28.73
CA LYS C 96 -14.93 -5.38 29.38
C LYS C 96 -15.24 -6.87 29.64
N GLY C 97 -14.20 -7.70 29.74
CA GLY C 97 -14.44 -9.13 29.99
C GLY C 97 -13.44 -9.76 30.94
N GLY C 98 -13.31 -11.09 30.85
CA GLY C 98 -12.41 -11.83 31.72
C GLY C 98 -12.96 -12.07 33.12
N ALA C 99 -12.09 -12.58 33.99
CA ALA C 99 -12.44 -12.90 35.38
C ALA C 99 -12.59 -11.63 36.23
N ARG C 100 -11.71 -10.66 35.98
CA ARG C 100 -11.66 -9.39 36.70
C ARG C 100 -12.68 -8.36 36.18
N GLY C 101 -12.73 -8.19 34.85
CA GLY C 101 -13.62 -7.20 34.20
C GLY C 101 -12.84 -6.00 33.73
N GLN C 102 -12.05 -6.19 32.67
CA GLN C 102 -11.01 -5.25 32.26
C GLN C 102 -10.89 -5.08 30.73
N TRP C 103 -9.97 -4.20 30.31
CA TRP C 103 -9.65 -4.09 28.89
C TRP C 103 -8.52 -5.06 28.51
N ALA C 104 -8.58 -5.58 27.28
CA ALA C 104 -7.52 -6.43 26.75
C ALA C 104 -6.32 -5.62 26.29
N GLY C 105 -5.16 -6.27 26.17
CA GLY C 105 -3.94 -5.62 25.71
C GLY C 105 -2.84 -5.60 26.77
N SER C 106 -1.69 -5.02 26.41
CA SER C 106 -0.61 -4.83 27.38
C SER C 106 -0.85 -3.56 28.18
N GLY C 107 -0.10 -3.41 29.28
CA GLY C 107 -0.28 -2.28 30.19
C GLY C 107 -1.62 -2.39 30.92
N ALA C 108 -2.35 -1.28 30.95
CA ALA C 108 -3.70 -1.24 31.53
C ALA C 108 -4.79 -1.60 30.49
N GLY C 109 -4.33 -2.09 29.33
CA GLY C 109 -5.21 -2.48 28.23
C GLY C 109 -5.45 -1.37 27.21
N PHE C 110 -6.24 -1.70 26.20
CA PHE C 110 -6.56 -0.73 25.16
C PHE C 110 -8.05 -0.48 25.28
N GLU C 111 -8.39 0.70 25.77
CA GLU C 111 -9.78 1.13 25.82
C GLU C 111 -10.32 1.24 24.40
N ARG C 112 -11.60 0.87 24.23
CA ARG C 112 -12.28 0.99 22.92
C ARG C 112 -13.46 1.94 22.99
N ALA C 113 -13.45 2.91 22.06
CA ALA C 113 -14.50 3.93 21.93
C ALA C 113 -15.86 3.27 21.71
N GLU C 114 -16.91 4.01 22.08
CA GLU C 114 -18.30 3.59 21.86
C GLU C 114 -18.60 3.43 20.36
N GLY C 115 -19.47 2.50 20.00
CA GLY C 115 -19.91 2.31 18.60
C GLY C 115 -18.81 2.23 17.54
N SER C 116 -17.92 1.24 17.68
CA SER C 116 -16.72 1.11 16.83
C SER C 116 -16.62 -0.26 16.14
N TYR C 117 -17.70 -1.03 16.21
CA TYR C 117 -17.72 -2.36 15.64
C TYR C 117 -19.07 -2.61 15.07
N ILE C 118 -19.09 -3.41 14.01
CA ILE C 118 -20.32 -3.80 13.35
C ILE C 118 -20.45 -5.31 13.24
N TYR C 119 -21.66 -5.79 13.51
CA TYR C 119 -21.92 -7.20 13.36
C TYR C 119 -22.88 -7.36 12.21
N ILE C 120 -22.65 -8.39 11.39
CA ILE C 120 -23.58 -8.68 10.30
C ILE C 120 -23.82 -10.18 10.29
N ALA C 121 -25.09 -10.55 10.40
CA ALA C 121 -25.51 -11.93 10.65
C ALA C 121 -26.93 -12.14 10.16
N PRO C 122 -27.29 -13.39 9.82
CA PRO C 122 -28.69 -13.68 9.56
C PRO C 122 -29.55 -13.29 10.77
N ASN C 123 -30.75 -12.80 10.50
CA ASN C 123 -31.67 -12.49 11.58
C ASN C 123 -32.32 -13.78 12.14
N ASN C 124 -31.51 -14.59 12.83
CA ASN C 124 -31.97 -15.85 13.39
C ASN C 124 -31.59 -16.04 14.85
N GLY C 125 -31.13 -14.97 15.46
CA GLY C 125 -30.81 -14.97 16.88
C GLY C 125 -29.34 -15.20 17.23
N LEU C 126 -28.50 -15.40 16.21
CA LEU C 126 -27.05 -15.58 16.39
C LEU C 126 -26.49 -14.43 17.21
N LEU C 127 -27.08 -13.24 17.07
CA LEU C 127 -26.61 -12.04 17.78
C LEU C 127 -27.22 -11.82 19.18
N THR C 128 -28.09 -12.74 19.63
CA THR C 128 -28.80 -12.59 20.92
C THR C 128 -27.88 -12.08 22.03
N THR C 129 -26.74 -12.76 22.21
CA THR C 129 -25.85 -12.45 23.33
C THR C 129 -24.95 -11.27 23.05
N VAL C 130 -24.66 -11.02 21.78
CA VAL C 130 -23.89 -9.84 21.38
C VAL C 130 -24.61 -8.57 21.83
N LEU C 131 -25.90 -8.49 21.55
CA LEU C 131 -26.74 -7.31 21.88
C LEU C 131 -27.02 -7.15 23.38
N GLU C 132 -27.22 -8.27 24.08
CA GLU C 132 -27.33 -8.27 25.54
C GLU C 132 -26.08 -7.73 26.23
N GLU C 133 -24.93 -8.20 25.78
CA GLU C 133 -23.66 -7.83 26.37
C GLU C 133 -23.24 -6.42 25.94
N HIS C 134 -23.41 -6.12 24.66
CA HIS C 134 -22.79 -4.93 24.09
C HIS C 134 -23.73 -3.72 23.90
N GLY C 135 -25.03 -3.99 23.82
CA GLY C 135 -26.00 -2.99 23.37
C GLY C 135 -25.77 -2.72 21.89
N TYR C 136 -26.48 -1.75 21.32
CA TYR C 136 -26.27 -1.35 19.93
C TYR C 136 -26.89 0.03 19.68
N LEU C 137 -26.28 0.82 18.80
CA LEU C 137 -26.79 2.16 18.50
C LEU C 137 -27.75 2.17 17.30
N GLU C 138 -27.43 1.37 16.27
CA GLU C 138 -28.24 1.28 15.05
C GLU C 138 -28.29 -0.14 14.50
N ALA C 139 -29.44 -0.50 13.96
CA ALA C 139 -29.67 -1.84 13.38
C ALA C 139 -30.45 -1.72 12.06
N TYR C 140 -30.00 -2.47 11.06
CA TYR C 140 -30.57 -2.42 9.72
C TYR C 140 -30.77 -3.77 9.04
N GLU C 141 -31.86 -3.88 8.29
CA GLU C 141 -32.06 -5.02 7.41
C GLU C 141 -31.13 -4.84 6.20
N VAL C 142 -30.41 -5.90 5.82
CA VAL C 142 -29.51 -5.85 4.66
C VAL C 142 -30.27 -6.23 3.37
N THR C 143 -30.56 -5.27 2.52
CA THR C 143 -31.35 -5.56 1.30
C THR C 143 -30.88 -4.90 0.00
N SER C 144 -30.08 -3.84 0.11
CA SER C 144 -29.66 -3.06 -1.08
C SER C 144 -28.78 -3.86 -2.04
N PRO C 145 -29.14 -3.84 -3.34
CA PRO C 145 -28.32 -4.36 -4.46
C PRO C 145 -26.90 -3.76 -4.54
N LYS C 146 -26.66 -2.63 -3.85
CA LYS C 146 -25.30 -2.11 -3.65
C LYS C 146 -24.44 -3.04 -2.77
N VAL C 147 -25.08 -3.79 -1.87
CA VAL C 147 -24.32 -4.71 -0.98
C VAL C 147 -24.60 -6.22 -1.08
N ILE C 148 -25.71 -6.61 -1.72
CA ILE C 148 -25.97 -8.02 -2.05
C ILE C 148 -26.16 -8.31 -3.55
N PRO C 149 -26.08 -9.57 -3.97
CA PRO C 149 -26.39 -9.88 -5.38
C PRO C 149 -27.85 -9.59 -5.68
N GLU C 150 -28.09 -9.12 -6.89
CA GLU C 150 -29.44 -8.94 -7.38
C GLU C 150 -30.13 -10.30 -7.51
N GLN C 151 -29.34 -11.34 -7.74
CA GLN C 151 -29.86 -12.71 -7.76
C GLN C 151 -29.05 -13.69 -6.87
N PRO C 152 -29.36 -13.73 -5.57
CA PRO C 152 -28.65 -14.57 -4.61
C PRO C 152 -28.81 -16.07 -4.87
N GLU C 153 -27.71 -16.80 -4.74
CA GLU C 153 -27.71 -18.27 -4.75
C GLU C 153 -28.50 -18.80 -3.54
N PRO C 154 -29.60 -19.56 -3.78
CA PRO C 154 -30.51 -19.92 -2.67
C PRO C 154 -29.91 -20.89 -1.64
N THR C 155 -28.87 -21.64 -2.01
CA THR C 155 -28.26 -22.56 -1.07
C THR C 155 -27.00 -21.98 -0.42
N PHE C 156 -26.69 -20.71 -0.66
CA PHE C 156 -25.46 -20.18 -0.06
C PHE C 156 -25.61 -18.75 0.48
N TYR C 157 -26.66 -18.51 1.24
CA TYR C 157 -26.89 -17.19 1.82
C TYR C 157 -25.74 -16.67 2.73
N SER C 158 -24.94 -17.57 3.33
CA SER C 158 -23.78 -17.15 4.14
C SER C 158 -22.82 -16.29 3.31
N ARG C 159 -22.60 -16.74 2.08
CA ARG C 159 -21.78 -16.04 1.10
C ARG C 159 -22.45 -14.75 0.63
N GLU C 160 -23.69 -14.88 0.15
CA GLU C 160 -24.37 -13.79 -0.53
C GLU C 160 -24.87 -12.69 0.42
N MET C 161 -25.36 -13.09 1.59
CA MET C 161 -26.06 -12.17 2.51
C MET C 161 -25.25 -11.78 3.73
N VAL C 162 -24.11 -12.42 3.94
CA VAL C 162 -23.25 -12.03 5.05
C VAL C 162 -21.88 -11.61 4.50
N ALA C 163 -21.20 -12.51 3.80
CA ALA C 163 -19.81 -12.28 3.36
C ALA C 163 -19.64 -11.07 2.48
N ILE C 164 -20.36 -11.04 1.36
CA ILE C 164 -20.28 -9.95 0.40
C ILE C 164 -20.57 -8.61 1.06
N PRO C 165 -21.74 -8.47 1.73
CA PRO C 165 -22.05 -7.14 2.35
C PRO C 165 -21.11 -6.72 3.47
N SER C 166 -20.55 -7.67 4.21
CA SER C 166 -19.56 -7.36 5.25
C SER C 166 -18.32 -6.68 4.64
N ALA C 167 -17.99 -7.09 3.42
CA ALA C 167 -16.90 -6.51 2.66
C ALA C 167 -17.20 -5.06 2.29
N HIS C 168 -18.43 -4.80 1.86
CA HIS C 168 -18.81 -3.42 1.56
C HIS C 168 -18.72 -2.53 2.79
N LEU C 169 -19.14 -3.05 3.94
CA LEU C 169 -19.11 -2.29 5.18
C LEU C 169 -17.68 -2.01 5.59
N ALA C 170 -16.81 -3.00 5.44
CA ALA C 170 -15.38 -2.87 5.71
C ALA C 170 -14.74 -1.87 4.75
N ALA C 171 -15.26 -1.85 3.51
CA ALA C 171 -14.84 -0.90 2.48
C ALA C 171 -15.36 0.50 2.69
N GLY C 172 -16.26 0.68 3.66
CA GLY C 172 -16.73 2.02 4.02
C GLY C 172 -18.07 2.45 3.46
N PHE C 173 -18.81 1.51 2.86
CA PHE C 173 -20.22 1.73 2.52
C PHE C 173 -21.01 2.11 3.80
N PRO C 174 -21.70 3.27 3.79
CA PRO C 174 -22.50 3.70 4.96
C PRO C 174 -23.50 2.66 5.50
N LEU C 175 -23.41 2.41 6.81
CA LEU C 175 -24.23 1.41 7.46
C LEU C 175 -25.72 1.60 7.17
N SER C 176 -26.23 2.83 7.32
CA SER C 176 -27.66 3.10 7.19
C SER C 176 -28.24 2.96 5.78
N GLU C 177 -27.41 2.60 4.81
CA GLU C 177 -27.83 2.53 3.41
C GLU C 177 -27.98 1.10 2.85
N VAL C 178 -27.79 0.09 3.70
CA VAL C 178 -28.01 -1.30 3.34
C VAL C 178 -29.49 -1.68 3.25
N GLY C 179 -30.35 -0.88 3.87
CA GLY C 179 -31.80 -1.14 3.90
C GLY C 179 -32.48 -0.43 5.05
N ARG C 180 -33.77 -0.74 5.25
CA ARG C 180 -34.60 -0.03 6.22
C ARG C 180 -34.09 -0.30 7.66
N PRO C 181 -34.17 0.71 8.54
CA PRO C 181 -33.89 0.44 9.96
C PRO C 181 -34.88 -0.55 10.59
N LEU C 182 -34.37 -1.41 11.46
CA LEU C 182 -35.21 -2.39 12.17
C LEU C 182 -35.44 -2.03 13.63
N GLU C 183 -36.71 -2.04 14.03
CA GLU C 183 -37.15 -1.94 15.43
C GLU C 183 -36.60 -3.12 16.26
N ASP C 184 -36.57 -2.98 17.59
CA ASP C 184 -35.95 -4.01 18.44
C ASP C 184 -36.60 -5.39 18.31
N HIS C 185 -37.93 -5.41 18.25
CA HIS C 185 -38.70 -6.65 18.18
C HIS C 185 -38.61 -7.39 16.83
N GLU C 186 -38.06 -6.73 15.81
CA GLU C 186 -37.84 -7.36 14.51
C GLU C 186 -36.52 -8.13 14.49
N ILE C 187 -35.72 -8.00 15.56
CA ILE C 187 -34.45 -8.70 15.69
C ILE C 187 -34.63 -9.95 16.53
N VAL C 188 -34.56 -11.11 15.89
CA VAL C 188 -34.81 -12.40 16.54
C VAL C 188 -33.75 -12.69 17.62
N ARG C 189 -34.21 -13.28 18.73
CA ARG C 189 -33.37 -13.82 19.80
C ARG C 189 -33.76 -15.25 20.13
N PHE C 190 -32.80 -16.03 20.60
CA PHE C 190 -33.13 -17.34 21.15
C PHE C 190 -33.36 -17.24 22.66
N ASN C 191 -33.77 -18.37 23.23
CA ASN C 191 -33.96 -18.51 24.67
C ASN C 191 -32.73 -18.65 25.54
N ARG C 192 -32.79 -17.96 26.68
CA ARG C 192 -31.70 -17.92 27.66
C ARG C 192 -32.14 -18.34 29.08
N PRO C 193 -32.45 -19.63 29.33
CA PRO C 193 -32.89 -19.98 30.70
C PRO C 193 -31.80 -19.68 31.74
N ALA C 194 -32.18 -18.96 32.79
CA ALA C 194 -31.25 -18.33 33.72
C ALA C 194 -30.78 -19.22 34.88
N VAL C 195 -29.69 -18.79 35.52
CA VAL C 195 -29.21 -19.35 36.79
C VAL C 195 -30.31 -19.13 37.82
N GLU C 196 -30.71 -20.21 38.49
CA GLU C 196 -31.78 -20.16 39.47
C GLU C 196 -31.24 -20.31 40.88
N GLN C 197 -31.65 -19.42 41.78
CA GLN C 197 -31.26 -19.57 43.19
C GLN C 197 -32.11 -20.62 43.88
N ASP C 198 -31.45 -21.58 44.53
CA ASP C 198 -32.14 -22.62 45.29
C ASP C 198 -31.78 -22.53 46.77
N GLY C 199 -32.20 -21.43 47.39
CA GLY C 199 -31.96 -21.19 48.83
C GLY C 199 -30.54 -20.72 49.10
N GLU C 200 -29.60 -21.64 49.03
CA GLU C 200 -28.18 -21.35 49.22
C GLU C 200 -27.43 -21.73 47.93
N ALA C 201 -27.93 -22.77 47.27
CA ALA C 201 -27.39 -23.25 46.00
C ALA C 201 -27.71 -22.33 44.82
N LEU C 202 -26.82 -22.29 43.82
CA LEU C 202 -27.10 -21.69 42.52
C LEU C 202 -27.18 -22.83 41.51
N VAL C 203 -28.23 -22.85 40.70
CA VAL C 203 -28.48 -23.96 39.78
C VAL C 203 -28.39 -23.50 38.31
N GLY C 204 -27.41 -24.07 37.60
CA GLY C 204 -27.19 -23.75 36.22
C GLY C 204 -27.04 -24.98 35.35
N VAL C 205 -26.16 -24.85 34.36
CA VAL C 205 -25.96 -25.84 33.33
C VAL C 205 -24.52 -25.74 32.84
N VAL C 206 -23.95 -26.86 32.39
CA VAL C 206 -22.67 -26.85 31.67
C VAL C 206 -22.91 -26.24 30.30
N SER C 207 -22.45 -25.01 30.12
CA SER C 207 -22.65 -24.27 28.87
C SER C 207 -21.72 -24.69 27.73
N ALA C 208 -20.53 -25.22 28.07
CA ALA C 208 -19.56 -25.69 27.08
C ALA C 208 -18.43 -26.54 27.70
N ILE C 209 -17.87 -27.44 26.89
CA ILE C 209 -16.65 -28.15 27.23
C ILE C 209 -15.58 -27.41 26.45
N ASP C 210 -14.56 -26.89 27.16
CA ASP C 210 -13.42 -26.15 26.58
C ASP C 210 -12.38 -27.07 25.91
N HIS C 211 -12.42 -27.10 24.57
CA HIS C 211 -11.46 -27.86 23.74
C HIS C 211 -10.19 -27.06 23.45
N PRO C 212 -9.04 -27.72 23.39
CA PRO C 212 -8.76 -29.16 23.45
C PRO C 212 -8.51 -29.71 24.86
N PHE C 213 -8.76 -28.89 25.86
CA PHE C 213 -8.36 -29.23 27.21
C PHE C 213 -9.36 -30.10 27.96
N GLY C 214 -10.64 -29.96 27.63
CA GLY C 214 -11.67 -30.67 28.40
C GLY C 214 -11.94 -30.06 29.77
N ASN C 215 -11.74 -28.74 29.89
CA ASN C 215 -12.22 -27.98 31.03
C ASN C 215 -13.75 -27.79 30.92
N VAL C 216 -14.42 -27.67 32.06
CA VAL C 216 -15.88 -27.58 32.09
C VAL C 216 -16.35 -26.17 32.48
N TRP C 217 -16.96 -25.47 31.53
CA TRP C 217 -17.53 -24.14 31.79
C TRP C 217 -19.03 -24.21 32.13
N THR C 218 -19.42 -23.55 33.21
CA THR C 218 -20.84 -23.41 33.51
C THR C 218 -21.37 -22.08 32.98
N ASN C 219 -22.63 -21.77 33.30
CA ASN C 219 -23.25 -20.51 32.93
C ASN C 219 -23.47 -19.65 34.16
N ILE C 220 -22.86 -20.08 35.27
CA ILE C 220 -22.86 -19.33 36.51
C ILE C 220 -21.71 -18.30 36.52
N HIS C 221 -22.08 -17.02 36.40
CA HIS C 221 -21.15 -15.90 36.28
C HIS C 221 -20.65 -15.45 37.65
N ARG C 222 -19.56 -14.65 37.66
CA ARG C 222 -18.97 -14.11 38.90
C ARG C 222 -19.92 -13.22 39.67
N THR C 223 -20.78 -12.50 38.96
CA THR C 223 -21.80 -11.65 39.60
C THR C 223 -22.88 -12.50 40.25
N ASP C 224 -23.07 -13.74 39.78
CA ASP C 224 -24.01 -14.67 40.43
C ASP C 224 -23.43 -15.12 41.76
N LEU C 225 -22.10 -15.17 41.80
CA LEU C 225 -21.33 -15.63 42.95
C LEU C 225 -21.07 -14.52 43.96
N GLU C 226 -20.62 -13.35 43.50
CA GLU C 226 -20.33 -12.23 44.39
C GLU C 226 -21.63 -11.67 45.00
N LYS C 227 -22.74 -11.87 44.30
CA LYS C 227 -24.06 -11.53 44.84
C LYS C 227 -24.45 -12.49 45.98
N ALA C 228 -24.00 -13.75 45.86
CA ALA C 228 -24.25 -14.78 46.86
C ALA C 228 -23.10 -14.92 47.86
N GLY C 229 -22.18 -13.95 47.83
CA GLY C 229 -21.11 -13.86 48.81
C GLY C 229 -20.03 -14.91 48.66
N ILE C 230 -19.93 -15.46 47.46
CA ILE C 230 -18.90 -16.42 47.08
C ILE C 230 -17.85 -15.72 46.23
N GLY C 231 -16.66 -15.57 46.78
CA GLY C 231 -15.52 -15.04 46.06
C GLY C 231 -14.36 -16.00 46.23
N TYR C 232 -13.23 -15.66 45.63
CA TYR C 232 -12.02 -16.47 45.77
C TYR C 232 -11.83 -16.96 47.21
N GLY C 233 -11.35 -18.19 47.36
CA GLY C 233 -11.11 -18.76 48.69
C GLY C 233 -12.23 -19.64 49.22
N ALA C 234 -13.46 -19.41 48.76
CA ALA C 234 -14.65 -20.17 49.19
C ALA C 234 -14.54 -21.68 49.00
N ARG C 235 -14.91 -22.43 50.03
CA ARG C 235 -14.95 -23.89 49.96
C ARG C 235 -16.24 -24.27 49.23
N LEU C 236 -16.10 -24.84 48.03
CA LEU C 236 -17.26 -25.07 47.17
C LEU C 236 -17.66 -26.53 46.97
N ARG C 237 -18.96 -26.73 46.79
CA ARG C 237 -19.49 -28.01 46.35
C ARG C 237 -20.15 -27.82 44.98
N LEU C 238 -19.60 -28.50 43.98
CA LEU C 238 -20.07 -28.40 42.60
C LEU C 238 -20.54 -29.75 42.06
N THR C 239 -21.84 -29.84 41.80
CA THR C 239 -22.46 -31.09 41.36
C THR C 239 -22.75 -31.11 39.85
N LEU C 240 -22.12 -32.04 39.14
CA LEU C 240 -22.39 -32.20 37.72
C LEU C 240 -23.28 -33.41 37.48
N ASP C 241 -24.03 -33.36 36.38
CA ASP C 241 -25.02 -34.39 36.00
C ASP C 241 -26.05 -34.70 37.10
N GLY C 242 -26.04 -33.86 38.14
CA GLY C 242 -26.89 -34.03 39.34
C GLY C 242 -26.42 -35.09 40.31
N VAL C 243 -25.28 -35.73 40.01
CA VAL C 243 -24.84 -36.91 40.78
C VAL C 243 -23.34 -36.94 41.15
N LEU C 244 -22.56 -36.02 40.57
CA LEU C 244 -21.10 -35.97 40.78
C LEU C 244 -20.68 -34.74 41.61
N PRO C 245 -20.70 -34.86 42.96
CA PRO C 245 -20.45 -33.69 43.82
C PRO C 245 -18.98 -33.38 44.11
N PHE C 246 -18.34 -32.68 43.17
CA PHE C 246 -16.94 -32.23 43.31
C PHE C 246 -16.79 -31.20 44.42
N GLU C 247 -15.62 -31.18 45.03
CA GLU C 247 -15.35 -30.33 46.17
C GLU C 247 -13.94 -29.80 46.07
N ALA C 248 -13.81 -28.48 46.13
CA ALA C 248 -12.52 -27.79 46.01
C ALA C 248 -12.68 -26.33 46.39
N PRO C 249 -11.56 -25.63 46.67
CA PRO C 249 -11.71 -24.18 46.90
C PRO C 249 -11.82 -23.40 45.59
N LEU C 250 -12.32 -22.18 45.65
CA LEU C 250 -12.32 -21.31 44.48
C LEU C 250 -10.97 -20.63 44.31
N THR C 251 -10.21 -21.09 43.32
CA THR C 251 -8.87 -20.58 43.05
C THR C 251 -8.83 -19.84 41.70
N PRO C 252 -7.80 -18.97 41.47
CA PRO C 252 -7.65 -18.28 40.17
C PRO C 252 -7.21 -19.17 39.00
N THR C 253 -6.44 -20.21 39.29
CA THR C 253 -5.86 -21.00 38.21
C THR C 253 -5.79 -22.50 38.48
N PHE C 254 -5.33 -23.23 37.47
CA PHE C 254 -5.21 -24.69 37.51
C PHE C 254 -4.14 -25.14 38.50
N ALA C 255 -2.95 -24.54 38.42
CA ALA C 255 -1.79 -24.97 39.23
C ALA C 255 -1.95 -24.79 40.74
N ASP C 256 -2.88 -23.93 41.14
CA ASP C 256 -3.19 -23.71 42.56
C ASP C 256 -3.90 -24.90 43.23
N ALA C 257 -4.14 -25.97 42.47
CA ALA C 257 -4.74 -27.20 42.99
C ALA C 257 -3.65 -28.19 43.45
N GLY C 258 -2.39 -27.84 43.16
CA GLY C 258 -1.24 -28.63 43.56
C GLY C 258 -0.78 -29.62 42.52
N GLU C 259 -0.96 -30.89 42.83
CA GLU C 259 -0.55 -31.94 41.92
C GLU C 259 -1.28 -31.94 40.56
N ILE C 260 -0.52 -32.23 39.50
CA ILE C 260 -1.04 -32.58 38.18
C ILE C 260 -2.20 -33.57 38.29
N GLY C 261 -3.30 -33.27 37.60
CA GLY C 261 -4.47 -34.12 37.63
C GLY C 261 -5.49 -33.68 38.67
N ASN C 262 -5.07 -32.87 39.64
CA ASN C 262 -5.93 -32.46 40.74
C ASN C 262 -7.09 -31.58 40.30
N ILE C 263 -8.16 -31.52 41.10
CA ILE C 263 -9.36 -30.75 40.76
C ILE C 263 -9.27 -29.28 41.14
N ALA C 264 -9.65 -28.42 40.20
CA ALA C 264 -9.65 -26.98 40.39
C ALA C 264 -11.02 -26.39 40.03
N ILE C 265 -11.53 -25.54 40.92
CA ILE C 265 -12.72 -24.72 40.66
C ILE C 265 -12.27 -23.28 40.53
N TYR C 266 -12.55 -22.67 39.38
CA TYR C 266 -11.99 -21.36 39.05
C TYR C 266 -12.94 -20.46 38.26
N LEU C 267 -12.51 -19.23 37.99
CA LEU C 267 -13.21 -18.36 37.03
C LEU C 267 -12.49 -18.27 35.69
N ASN C 268 -13.18 -18.62 34.61
CA ASN C 268 -12.56 -18.67 33.29
C ASN C 268 -12.36 -17.28 32.68
N SER C 269 -11.76 -17.23 31.50
CA SER C 269 -11.41 -15.97 30.83
C SER C 269 -12.62 -15.18 30.32
N ARG C 270 -13.82 -15.70 30.55
CA ARG C 270 -15.06 -15.04 30.16
C ARG C 270 -15.77 -14.57 31.39
N GLY C 271 -15.29 -15.03 32.56
CA GLY C 271 -15.85 -14.63 33.85
C GLY C 271 -16.73 -15.69 34.50
N TYR C 272 -16.82 -16.88 33.89
CA TYR C 272 -17.77 -17.90 34.34
C TYR C 272 -17.17 -19.02 35.19
N LEU C 273 -17.95 -19.52 36.15
CA LEU C 273 -17.53 -20.62 37.04
C LEU C 273 -17.12 -21.85 36.22
N SER C 274 -15.96 -22.42 36.56
CA SER C 274 -15.45 -23.58 35.85
C SER C 274 -14.81 -24.64 36.75
N ILE C 275 -14.80 -25.88 36.26
CA ILE C 275 -14.10 -26.97 36.92
C ILE C 275 -13.23 -27.73 35.92
N ALA C 276 -12.08 -28.17 36.38
CA ALA C 276 -11.06 -28.75 35.50
C ALA C 276 -10.05 -29.54 36.34
N ARG C 277 -9.05 -30.09 35.67
CA ARG C 277 -7.92 -30.70 36.36
C ARG C 277 -6.69 -29.89 36.02
N ASN C 278 -5.70 -29.94 36.91
CA ASN C 278 -4.45 -29.25 36.67
C ASN C 278 -3.59 -30.06 35.70
N ALA C 279 -3.40 -29.51 34.50
CA ALA C 279 -2.61 -30.11 33.42
C ALA C 279 -3.15 -31.48 32.93
N ALA C 280 -4.46 -31.67 33.06
CA ALA C 280 -5.13 -32.90 32.65
C ALA C 280 -6.61 -32.64 32.30
N SER C 281 -7.20 -33.51 31.47
CA SER C 281 -8.61 -33.40 31.06
C SER C 281 -9.64 -33.89 32.06
N LEU C 282 -10.62 -33.04 32.33
CA LEU C 282 -11.75 -33.41 33.15
C LEU C 282 -12.84 -34.11 32.34
N ALA C 283 -13.25 -33.50 31.22
CA ALA C 283 -14.41 -33.97 30.46
C ALA C 283 -14.21 -35.32 29.77
N TYR C 284 -13.11 -35.45 29.03
CA TYR C 284 -12.92 -36.56 28.10
C TYR C 284 -12.95 -37.95 28.75
N PRO C 285 -12.11 -38.20 29.77
CA PRO C 285 -12.17 -39.53 30.39
C PRO C 285 -13.56 -39.96 30.90
N TYR C 286 -14.38 -39.00 31.36
CA TYR C 286 -15.68 -39.32 31.99
C TYR C 286 -16.88 -39.04 31.08
N HIS C 287 -16.61 -38.54 29.87
CA HIS C 287 -17.62 -38.15 28.87
C HIS C 287 -18.63 -37.11 29.38
N LEU C 288 -18.12 -36.10 30.09
CA LEU C 288 -18.97 -35.00 30.54
C LEU C 288 -19.37 -34.14 29.33
N LYS C 289 -20.53 -33.48 29.42
CA LYS C 289 -21.11 -32.86 28.23
C LYS C 289 -21.77 -31.50 28.44
N GLU C 290 -21.69 -30.67 27.40
CA GLU C 290 -22.55 -29.50 27.22
C GLU C 290 -24.03 -29.85 27.44
N GLY C 291 -24.63 -29.30 28.49
CA GLY C 291 -26.06 -29.55 28.76
C GLY C 291 -26.39 -30.35 30.01
N MET C 292 -25.36 -30.81 30.71
CA MET C 292 -25.52 -31.46 32.02
C MET C 292 -25.77 -30.41 33.07
N SER C 293 -26.52 -30.78 34.12
CA SER C 293 -26.83 -29.87 35.23
C SER C 293 -25.56 -29.43 35.97
N ALA C 294 -25.63 -28.28 36.63
CA ALA C 294 -24.48 -27.71 37.32
C ALA C 294 -24.88 -26.88 38.56
N ARG C 295 -24.80 -27.51 39.74
CA ARG C 295 -25.14 -26.87 41.03
C ARG C 295 -23.91 -26.52 41.89
N VAL C 296 -23.85 -25.27 42.36
CA VAL C 296 -22.78 -24.79 43.23
C VAL C 296 -23.35 -24.30 44.57
N GLU C 297 -22.55 -24.40 45.64
CA GLU C 297 -22.92 -23.98 47.01
C GLU C 297 -21.68 -23.95 47.88
N ALA C 298 -21.68 -23.08 48.89
CA ALA C 298 -20.56 -23.00 49.85
C ALA C 298 -20.81 -23.93 51.05
N ARG D 8 4.86 4.10 3.67
CA ARG D 8 4.97 5.52 3.18
C ARG D 8 6.29 6.20 3.59
N PRO D 9 7.45 5.74 3.04
CA PRO D 9 8.68 6.54 3.27
C PRO D 9 8.72 7.82 2.41
N ILE D 10 9.16 8.92 3.01
CA ILE D 10 9.17 10.21 2.36
C ILE D 10 10.58 10.76 2.20
N ILE D 11 10.84 11.38 1.05
CA ILE D 11 12.02 12.21 0.87
C ILE D 11 11.70 13.67 0.52
N ALA D 12 12.17 14.58 1.37
CA ALA D 12 12.09 16.02 1.11
C ALA D 12 13.37 16.56 0.46
N PHE D 13 13.18 17.22 -0.68
CA PHE D 13 14.25 17.50 -1.61
C PHE D 13 14.39 19.00 -1.84
N MET D 14 15.57 19.52 -1.49
CA MET D 14 15.93 20.92 -1.67
C MET D 14 17.27 20.97 -2.40
N SER D 15 17.29 21.61 -3.57
CA SER D 15 18.52 21.65 -4.36
C SER D 15 18.76 23.03 -4.93
N ASP D 16 19.88 23.22 -5.63
CA ASP D 16 20.10 24.46 -6.36
C ASP D 16 19.96 24.20 -7.85
N LEU D 17 19.26 23.14 -8.21
CA LEU D 17 19.31 22.60 -9.58
C LEU D 17 18.46 23.33 -10.58
N GLY D 18 17.53 24.16 -10.08
CA GLY D 18 16.70 25.00 -10.91
C GLY D 18 15.47 24.24 -11.29
N THR D 19 14.49 24.96 -11.83
CA THR D 19 13.24 24.36 -12.22
C THR D 19 13.10 24.34 -13.75
N THR D 20 14.20 24.56 -14.50
CA THR D 20 14.13 24.80 -15.96
C THR D 20 14.76 23.73 -16.88
N ASP D 21 15.12 22.57 -16.33
CA ASP D 21 15.61 21.46 -17.13
C ASP D 21 15.28 20.13 -16.46
N ASP D 22 15.99 19.07 -16.81
CA ASP D 22 15.70 17.72 -16.38
C ASP D 22 16.49 17.26 -15.15
N SER D 23 17.34 18.13 -14.63
CA SER D 23 18.18 17.82 -13.45
C SER D 23 17.45 17.16 -12.30
N VAL D 24 16.42 17.83 -11.79
CA VAL D 24 15.68 17.29 -10.65
C VAL D 24 15.03 15.97 -11.01
N ALA D 25 14.41 15.90 -12.19
CA ALA D 25 13.77 14.65 -12.64
C ALA D 25 14.76 13.48 -12.69
N GLN D 26 16.01 13.73 -13.06
CA GLN D 26 17.00 12.65 -13.06
C GLN D 26 17.17 12.05 -11.65
N CYS D 27 17.27 12.95 -10.66
CA CYS D 27 17.31 12.60 -9.24
C CYS D 27 16.06 11.83 -8.82
N LYS D 28 14.88 12.39 -9.09
CA LYS D 28 13.61 11.71 -8.72
C LYS D 28 13.52 10.30 -9.28
N GLY D 29 13.88 10.13 -10.55
CA GLY D 29 13.89 8.82 -11.22
C GLY D 29 14.69 7.79 -10.45
N LEU D 30 15.87 8.19 -10.00
CA LEU D 30 16.75 7.29 -9.27
C LEU D 30 16.16 6.97 -7.92
N MET D 31 15.50 7.97 -7.33
CA MET D 31 14.83 7.83 -6.06
C MET D 31 13.70 6.83 -6.15
N TYR D 32 13.00 6.79 -7.28
CA TYR D 32 11.94 5.78 -7.43
C TYR D 32 12.48 4.40 -7.78
N SER D 33 13.65 4.35 -8.41
CA SER D 33 14.26 3.08 -8.75
C SER D 33 14.72 2.38 -7.51
N ILE D 34 15.25 3.15 -6.56
CA ILE D 34 15.86 2.59 -5.36
C ILE D 34 14.80 2.25 -4.32
N CYS D 35 13.74 3.05 -4.27
CA CYS D 35 12.76 2.95 -3.21
C CYS D 35 11.37 3.14 -3.82
N PRO D 36 10.81 2.05 -4.36
CA PRO D 36 9.59 2.15 -5.19
C PRO D 36 8.37 2.77 -4.48
N ASP D 37 8.23 2.56 -3.16
CA ASP D 37 7.11 3.10 -2.38
C ASP D 37 7.30 4.56 -1.96
N VAL D 38 8.42 5.19 -2.35
CA VAL D 38 8.76 6.51 -1.83
C VAL D 38 7.83 7.60 -2.32
N THR D 39 7.59 8.59 -1.46
CA THR D 39 6.95 9.81 -1.86
C THR D 39 7.99 10.91 -1.83
N VAL D 40 8.18 11.58 -2.96
CA VAL D 40 9.14 12.66 -3.02
C VAL D 40 8.40 13.98 -2.91
N VAL D 41 8.77 14.79 -1.93
CA VAL D 41 8.18 16.09 -1.73
C VAL D 41 9.24 17.18 -2.01
N ASP D 42 8.98 18.00 -3.02
CA ASP D 42 9.85 19.14 -3.31
C ASP D 42 9.70 20.22 -2.24
N VAL D 43 10.82 20.67 -1.72
CA VAL D 43 10.87 21.81 -0.83
C VAL D 43 10.96 23.02 -1.76
N CYS D 44 12.15 23.33 -2.26
CA CYS D 44 12.33 24.28 -3.35
C CYS D 44 13.62 23.96 -4.05
N HIS D 45 13.77 24.44 -5.29
CA HIS D 45 14.93 24.16 -6.14
C HIS D 45 15.53 25.40 -6.76
N SER D 46 15.20 26.59 -6.24
CA SER D 46 15.59 27.82 -6.91
C SER D 46 16.53 28.80 -6.17
N MET D 47 17.27 28.28 -5.18
CA MET D 47 18.22 29.09 -4.42
C MET D 47 19.36 29.60 -5.30
N THR D 48 19.98 30.71 -4.89
CA THR D 48 21.17 31.21 -5.57
C THR D 48 22.26 30.16 -5.50
N PRO D 49 22.68 29.62 -6.66
CA PRO D 49 23.81 28.68 -6.69
C PRO D 49 24.96 29.10 -5.74
N TRP D 50 25.50 28.15 -4.97
CA TRP D 50 26.64 28.41 -4.04
C TRP D 50 26.32 29.36 -2.87
N ASP D 51 25.05 29.61 -2.59
CA ASP D 51 24.69 30.44 -1.42
C ASP D 51 24.20 29.55 -0.27
N VAL D 52 25.12 28.88 0.39
CA VAL D 52 24.77 27.93 1.46
C VAL D 52 23.93 28.53 2.61
N GLU D 53 24.20 29.77 3.02
CA GLU D 53 23.35 30.49 4.01
C GLU D 53 21.89 30.61 3.52
N GLU D 54 21.68 30.72 2.21
CA GLU D 54 20.33 30.83 1.70
C GLU D 54 19.60 29.50 1.78
N GLY D 55 20.31 28.43 1.44
CA GLY D 55 19.76 27.08 1.42
C GLY D 55 19.47 26.58 2.82
N ALA D 56 20.39 26.86 3.76
CA ALA D 56 20.18 26.49 5.15
C ALA D 56 18.84 27.02 5.65
N ARG D 57 18.47 28.22 5.21
CA ARG D 57 17.24 28.89 5.60
C ARG D 57 15.98 28.12 5.23
N TYR D 58 16.00 27.47 4.08
CA TYR D 58 14.86 26.71 3.58
C TYR D 58 14.75 25.29 4.15
N ILE D 59 15.71 24.89 4.98
CA ILE D 59 15.70 23.51 5.45
C ILE D 59 15.66 23.36 6.96
N VAL D 60 15.96 24.46 7.66
CA VAL D 60 16.16 24.44 9.08
C VAL D 60 14.86 24.16 9.82
N ASP D 61 13.77 24.77 9.36
CA ASP D 61 12.48 24.66 10.03
CA ASP D 61 12.50 24.64 10.08
C ASP D 61 11.68 23.46 9.57
N LEU D 62 12.27 22.65 8.71
CA LEU D 62 11.49 21.56 8.11
C LEU D 62 11.00 20.44 9.06
N PRO D 63 11.88 19.89 9.91
CA PRO D 63 11.54 18.57 10.49
C PRO D 63 10.23 18.40 11.28
N ARG D 64 9.76 19.41 12.01
CA ARG D 64 8.53 19.21 12.83
C ARG D 64 7.28 19.00 11.98
N PHE D 65 7.37 19.39 10.71
CA PHE D 65 6.26 19.24 9.74
C PHE D 65 6.07 17.84 9.09
N PHE D 66 7.11 17.01 9.07
CA PHE D 66 7.02 15.72 8.36
C PHE D 66 6.82 14.54 9.30
N PRO D 67 6.21 13.44 8.80
CA PRO D 67 6.13 12.20 9.56
C PRO D 67 7.51 11.69 9.93
N GLU D 68 7.59 10.97 11.05
CA GLU D 68 8.84 10.39 11.51
C GLU D 68 9.39 9.40 10.46
N GLY D 69 10.71 9.39 10.31
CA GLY D 69 11.35 8.57 9.28
C GLY D 69 11.73 9.33 8.01
N THR D 70 11.14 10.50 7.81
CA THR D 70 11.41 11.31 6.64
C THR D 70 12.91 11.54 6.43
N VAL D 71 13.36 11.43 5.18
CA VAL D 71 14.73 11.75 4.88
C VAL D 71 14.75 13.11 4.19
N PHE D 72 15.60 14.01 4.66
CA PHE D 72 15.87 15.28 3.99
C PHE D 72 17.11 15.27 3.08
N ALA D 73 16.85 15.35 1.78
CA ALA D 73 17.88 15.40 0.76
C ALA D 73 18.12 16.85 0.38
N THR D 74 19.20 17.42 0.89
CA THR D 74 19.39 18.85 0.71
C THR D 74 20.77 19.10 0.12
N THR D 75 20.82 19.86 -0.97
CA THR D 75 22.05 19.90 -1.76
C THR D 75 22.29 21.14 -2.65
N THR D 76 23.48 21.68 -2.52
CA THR D 76 24.10 22.61 -3.45
C THR D 76 25.56 22.16 -3.40
N TYR D 77 26.16 21.81 -4.52
CA TYR D 77 27.48 21.16 -4.39
C TYR D 77 28.68 21.93 -4.96
N PRO D 78 28.93 23.19 -4.52
CA PRO D 78 30.16 23.86 -4.99
C PRO D 78 31.37 22.95 -5.27
N ALA D 79 31.74 22.08 -4.33
CA ALA D 79 32.98 21.26 -4.48
C ALA D 79 32.87 19.89 -5.22
N THR D 80 31.90 19.79 -6.16
CA THR D 80 31.63 18.56 -6.96
C THR D 80 32.83 17.96 -7.72
N GLY D 81 32.87 16.63 -7.79
CA GLY D 81 33.94 15.91 -8.50
C GLY D 81 35.30 15.86 -7.83
N THR D 82 35.36 16.26 -6.56
CA THR D 82 36.63 16.29 -5.81
C THR D 82 36.72 15.18 -4.76
N THR D 83 37.54 15.38 -3.71
CA THR D 83 37.64 14.44 -2.59
C THR D 83 36.43 14.47 -1.64
N THR D 84 35.81 15.64 -1.54
CA THR D 84 34.73 15.89 -0.56
C THR D 84 33.51 15.00 -0.72
N ARG D 85 33.08 14.47 0.41
CA ARG D 85 31.98 13.54 0.47
C ARG D 85 30.86 14.17 1.25
N SER D 86 29.68 13.58 1.12
CA SER D 86 28.51 14.01 1.86
C SER D 86 28.52 13.54 3.31
N VAL D 87 27.69 14.19 4.11
CA VAL D 87 27.48 13.79 5.49
C VAL D 87 26.01 13.41 5.69
N ALA D 88 25.77 12.31 6.39
CA ALA D 88 24.42 11.96 6.81
C ALA D 88 24.29 12.00 8.34
N VAL D 89 23.24 12.68 8.81
CA VAL D 89 23.06 12.95 10.23
C VAL D 89 21.67 12.56 10.68
N ARG D 90 21.60 11.90 11.85
CA ARG D 90 20.34 11.71 12.52
C ARG D 90 20.26 12.86 13.50
N ILE D 91 19.23 13.70 13.34
CA ILE D 91 19.11 14.86 14.23
C ILE D 91 18.53 14.44 15.57
N LYS D 92 18.62 15.31 16.56
CA LYS D 92 18.13 14.95 17.88
C LYS D 92 16.68 15.44 18.03
N GLN D 93 16.51 16.71 18.33
CA GLN D 93 15.18 17.25 18.57
C GLN D 93 14.57 17.75 17.29
N ALA D 94 13.33 17.36 17.02
CA ALA D 94 12.52 18.04 16.04
C ALA D 94 12.02 19.27 16.79
N ALA D 95 12.70 20.39 16.63
CA ALA D 95 12.49 21.57 17.49
C ALA D 95 11.07 22.15 17.41
N LYS D 96 10.72 22.95 18.41
CA LYS D 96 9.48 23.73 18.42
C LYS D 96 9.73 25.12 17.77
N GLY D 97 9.08 25.39 16.65
CA GLY D 97 9.27 26.65 15.91
C GLY D 97 8.12 27.65 15.99
N GLY D 98 8.30 28.79 15.33
CA GLY D 98 7.28 29.84 15.32
C GLY D 98 7.38 30.93 16.38
N ALA D 99 6.41 31.85 16.32
CA ALA D 99 6.37 33.07 17.16
C ALA D 99 6.08 32.82 18.64
N ARG D 100 5.62 31.61 18.97
CA ARG D 100 5.30 31.23 20.34
C ARG D 100 6.12 30.01 20.81
N GLY D 101 6.57 29.19 19.84
CA GLY D 101 7.27 27.94 20.12
C GLY D 101 6.33 26.82 20.54
N GLN D 102 6.10 25.87 19.62
CA GLN D 102 5.11 24.79 19.76
C GLN D 102 5.28 23.69 18.69
N TRP D 103 4.49 22.62 18.80
CA TRP D 103 4.38 21.59 17.75
C TRP D 103 3.44 22.06 16.65
N ALA D 104 3.65 21.51 15.46
CA ALA D 104 2.86 21.85 14.28
C ALA D 104 1.70 20.86 14.16
N GLY D 105 0.62 21.29 13.50
CA GLY D 105 -0.54 20.42 13.26
C GLY D 105 -1.78 20.83 14.04
N SER D 106 -2.87 20.09 13.81
CA SER D 106 -4.14 20.35 14.51
C SER D 106 -4.10 19.84 15.94
N GLY D 107 -5.02 20.35 16.76
CA GLY D 107 -5.06 20.00 18.17
C GLY D 107 -3.97 20.76 18.87
N ALA D 108 -3.27 20.09 19.80
CA ALA D 108 -2.10 20.67 20.44
C ALA D 108 -0.89 20.55 19.51
N GLY D 109 -1.07 19.77 18.44
CA GLY D 109 -0.02 19.57 17.44
C GLY D 109 0.46 18.13 17.42
N PHE D 110 1.48 17.88 16.63
CA PHE D 110 2.02 16.52 16.48
C PHE D 110 3.38 16.42 17.13
N GLU D 111 3.46 15.63 18.20
CA GLU D 111 4.70 15.44 18.93
C GLU D 111 5.61 14.47 18.18
N ARG D 112 6.85 14.89 17.94
CA ARG D 112 7.80 14.06 17.20
C ARG D 112 8.84 13.47 18.13
N ALA D 113 9.00 12.15 18.06
CA ALA D 113 10.01 11.44 18.86
C ALA D 113 11.41 11.92 18.48
N GLU D 114 12.32 11.89 19.45
CA GLU D 114 13.72 12.22 19.22
C GLU D 114 14.36 11.26 18.23
N GLY D 115 15.29 11.77 17.42
CA GLY D 115 16.07 10.91 16.51
C GLY D 115 15.29 10.33 15.35
N SER D 116 14.33 11.10 14.86
CA SER D 116 13.38 10.57 13.87
C SER D 116 13.67 11.02 12.45
N TYR D 117 14.70 11.84 12.28
CA TYR D 117 14.95 12.43 10.98
C TYR D 117 16.41 12.34 10.54
N ILE D 118 16.59 12.09 9.25
CA ILE D 118 17.93 12.09 8.65
C ILE D 118 18.05 13.20 7.65
N TYR D 119 19.16 13.93 7.74
CA TYR D 119 19.57 14.86 6.72
C TYR D 119 20.77 14.28 6.00
N ILE D 120 20.83 14.53 4.70
CA ILE D 120 21.98 14.17 3.88
C ILE D 120 22.35 15.34 2.97
N ALA D 121 23.60 15.78 3.08
CA ALA D 121 24.06 16.97 2.44
C ALA D 121 25.56 16.89 2.15
N PRO D 122 26.04 17.71 1.19
CA PRO D 122 27.46 17.93 1.07
C PRO D 122 28.01 18.48 2.39
N ASN D 123 29.23 18.09 2.72
CA ASN D 123 29.89 18.57 3.94
C ASN D 123 30.53 19.94 3.63
N ASN D 124 29.67 20.89 3.29
CA ASN D 124 30.09 22.22 2.89
C ASN D 124 29.40 23.32 3.69
N GLY D 125 28.73 22.93 4.77
CA GLY D 125 28.19 23.90 5.70
C GLY D 125 26.72 24.20 5.53
N LEU D 126 26.07 23.53 4.58
CA LEU D 126 24.63 23.69 4.34
C LEU D 126 23.81 23.39 5.61
N LEU D 127 24.28 22.44 6.42
CA LEU D 127 23.51 21.96 7.58
C LEU D 127 23.84 22.70 8.87
N THR D 128 24.43 23.88 8.76
CA THR D 128 24.91 24.62 9.92
C THR D 128 23.76 24.91 10.88
N THR D 129 22.70 25.53 10.40
CA THR D 129 21.62 25.90 11.30
C THR D 129 20.77 24.71 11.69
N VAL D 130 20.81 23.64 10.89
CA VAL D 130 20.16 22.39 11.27
C VAL D 130 20.83 21.77 12.51
N LEU D 131 22.15 21.76 12.53
CA LEU D 131 22.87 21.17 13.64
C LEU D 131 22.79 22.05 14.88
N GLU D 132 23.00 23.37 14.69
CA GLU D 132 22.72 24.37 15.71
C GLU D 132 21.36 24.16 16.42
N GLU D 133 20.28 23.96 15.66
CA GLU D 133 18.93 24.02 16.27
C GLU D 133 18.29 22.71 16.67
N HIS D 134 18.70 21.61 16.04
CA HIS D 134 18.14 20.31 16.36
C HIS D 134 19.12 19.41 17.11
N GLY D 135 20.42 19.74 17.07
CA GLY D 135 21.46 18.82 17.49
C GLY D 135 21.47 17.57 16.61
N TYR D 136 22.29 16.62 16.98
CA TYR D 136 22.37 15.39 16.22
C TYR D 136 22.88 14.26 17.11
N LEU D 137 22.62 13.03 16.70
CA LEU D 137 22.99 11.87 17.52
C LEU D 137 24.15 11.05 16.95
N GLU D 138 24.25 11.03 15.62
CA GLU D 138 25.29 10.32 14.89
C GLU D 138 25.39 11.00 13.53
N ALA D 139 26.58 10.92 12.94
CA ALA D 139 26.89 11.56 11.66
C ALA D 139 27.96 10.75 10.95
N TYR D 140 27.76 10.49 9.65
CA TYR D 140 28.67 9.62 8.92
C TYR D 140 29.01 10.17 7.57
N GLU D 141 30.23 9.88 7.14
CA GLU D 141 30.67 10.22 5.80
C GLU D 141 30.03 9.23 4.84
N VAL D 142 29.52 9.71 3.71
CA VAL D 142 28.83 8.83 2.78
C VAL D 142 29.84 8.43 1.73
N THR D 143 30.38 7.21 1.86
CA THR D 143 31.44 6.72 0.97
C THR D 143 31.22 5.33 0.39
N SER D 144 30.22 4.60 0.87
CA SER D 144 30.09 3.18 0.48
C SER D 144 29.53 2.97 -0.93
N PRO D 145 30.12 2.05 -1.69
CA PRO D 145 29.60 1.69 -3.03
C PRO D 145 28.17 1.11 -3.01
N LYS D 146 27.68 0.66 -1.86
CA LYS D 146 26.31 0.19 -1.79
C LYS D 146 25.30 1.36 -1.86
N VAL D 147 25.76 2.58 -1.62
CA VAL D 147 24.88 3.74 -1.59
C VAL D 147 25.20 4.89 -2.57
N ILE D 148 26.38 4.88 -3.15
CA ILE D 148 26.76 5.85 -4.17
C ILE D 148 27.31 5.11 -5.40
N PRO D 149 27.37 5.79 -6.58
CA PRO D 149 28.00 5.11 -7.72
C PRO D 149 29.48 4.80 -7.45
N GLU D 150 29.98 3.69 -7.99
CA GLU D 150 31.41 3.36 -7.99
C GLU D 150 32.19 4.36 -8.83
N GLN D 151 31.55 4.85 -9.89
CA GLN D 151 32.13 5.88 -10.75
C GLN D 151 31.13 7.03 -10.96
N PRO D 152 31.19 8.01 -10.05
CA PRO D 152 30.23 9.12 -10.05
C PRO D 152 30.54 10.11 -11.16
N GLU D 153 29.48 10.62 -11.80
CA GLU D 153 29.60 11.72 -12.75
C GLU D 153 30.20 12.96 -12.06
N PRO D 154 31.39 13.40 -12.52
CA PRO D 154 32.16 14.50 -11.96
C PRO D 154 31.37 15.81 -11.77
N THR D 155 30.48 16.14 -12.70
CA THR D 155 29.83 17.45 -12.71
C THR D 155 28.42 17.43 -12.13
N PHE D 156 28.06 16.33 -11.45
CA PHE D 156 26.70 16.19 -10.91
C PHE D 156 26.64 15.58 -9.49
N TYR D 157 27.42 16.10 -8.55
CA TYR D 157 27.41 15.54 -7.20
C TYR D 157 26.08 15.53 -6.42
N SER D 158 25.11 16.40 -6.75
CA SER D 158 23.79 16.34 -6.12
C SER D 158 23.07 15.06 -6.44
N ARG D 159 23.23 14.58 -7.67
CA ARG D 159 22.58 13.33 -8.04
C ARG D 159 23.31 12.13 -7.42
N GLU D 160 24.63 12.12 -7.56
CA GLU D 160 25.46 10.98 -7.18
C GLU D 160 25.70 10.81 -5.66
N MET D 161 25.97 11.93 -4.97
CA MET D 161 26.37 11.91 -3.58
C MET D 161 25.27 12.28 -2.59
N VAL D 162 24.10 12.67 -3.10
CA VAL D 162 22.97 13.09 -2.25
C VAL D 162 21.67 12.38 -2.59
N ALA D 163 21.14 12.56 -3.80
CA ALA D 163 19.86 11.94 -4.16
C ALA D 163 19.85 10.42 -4.04
N ILE D 164 20.81 9.77 -4.70
CA ILE D 164 20.96 8.31 -4.70
C ILE D 164 21.03 7.75 -3.28
N PRO D 165 22.00 8.22 -2.45
CA PRO D 165 22.05 7.65 -1.11
C PRO D 165 20.84 8.03 -0.25
N SER D 166 20.19 9.16 -0.55
CA SER D 166 18.98 9.50 0.20
C SER D 166 17.93 8.43 0.02
N ALA D 167 17.73 7.99 -1.22
CA ALA D 167 16.75 6.93 -1.52
C ALA D 167 17.02 5.61 -0.77
N HIS D 168 18.29 5.16 -0.77
CA HIS D 168 18.69 3.98 -0.03
C HIS D 168 18.35 4.12 1.47
N LEU D 169 18.59 5.30 2.01
CA LEU D 169 18.30 5.58 3.40
C LEU D 169 16.80 5.52 3.63
N ALA D 170 16.03 6.13 2.72
CA ALA D 170 14.57 6.05 2.78
C ALA D 170 14.09 4.59 2.80
N ALA D 171 14.77 3.71 2.04
CA ALA D 171 14.45 2.27 1.91
C ALA D 171 14.81 1.46 3.15
N GLY D 172 15.64 2.04 4.02
CA GLY D 172 16.00 1.40 5.29
C GLY D 172 17.42 0.88 5.37
N PHE D 173 18.27 1.31 4.44
CA PHE D 173 19.69 0.99 4.52
C PHE D 173 20.23 1.57 5.84
N PRO D 174 20.85 0.74 6.69
CA PRO D 174 21.31 1.26 7.99
C PRO D 174 22.24 2.47 7.87
N LEU D 175 21.87 3.55 8.55
CA LEU D 175 22.65 4.77 8.58
C LEU D 175 24.16 4.54 8.81
N SER D 176 24.50 3.74 9.83
CA SER D 176 25.89 3.58 10.21
C SER D 176 26.75 2.80 9.22
N GLU D 177 26.16 2.38 8.11
CA GLU D 177 26.88 1.60 7.10
C GLU D 177 27.29 2.41 5.86
N VAL D 178 26.96 3.69 5.85
CA VAL D 178 27.22 4.54 4.68
C VAL D 178 28.70 4.94 4.56
N GLY D 179 29.43 4.81 5.65
CA GLY D 179 30.85 5.17 5.73
C GLY D 179 31.25 5.44 7.16
N ARG D 180 32.44 6.01 7.36
CA ARG D 180 32.99 6.18 8.71
C ARG D 180 32.21 7.20 9.53
N PRO D 181 32.20 7.04 10.87
CA PRO D 181 31.57 8.12 11.64
C PRO D 181 32.45 9.37 11.64
N LEU D 182 31.80 10.54 11.72
CA LEU D 182 32.47 11.83 11.74
C LEU D 182 32.44 12.49 13.10
N GLU D 183 33.62 12.91 13.57
CA GLU D 183 33.72 13.78 14.75
C GLU D 183 33.21 15.18 14.40
N ASP D 184 32.58 15.83 15.38
CA ASP D 184 31.94 17.12 15.22
C ASP D 184 32.79 18.16 14.48
N HIS D 185 34.11 18.09 14.66
CA HIS D 185 35.00 19.09 14.04
C HIS D 185 35.23 18.90 12.55
N GLU D 186 34.88 17.72 12.04
CA GLU D 186 35.04 17.38 10.63
C GLU D 186 33.82 17.82 9.84
N ILE D 187 32.70 18.05 10.54
CA ILE D 187 31.49 18.63 9.91
C ILE D 187 31.66 20.15 9.75
N VAL D 188 31.53 20.64 8.51
CA VAL D 188 31.84 22.03 8.20
C VAL D 188 30.69 22.94 8.59
N ARG D 189 31.01 24.09 9.16
CA ARG D 189 30.02 25.15 9.41
C ARG D 189 30.43 26.43 8.71
N PHE D 190 29.43 27.28 8.47
CA PHE D 190 29.69 28.67 8.12
C PHE D 190 29.51 29.59 9.34
N ASN D 191 30.18 30.73 9.28
CA ASN D 191 30.06 31.77 10.29
C ASN D 191 28.68 32.43 10.32
N ARG D 192 28.19 32.66 11.53
CA ARG D 192 26.91 33.32 11.73
C ARG D 192 27.12 34.63 12.50
N PRO D 193 26.80 35.78 11.87
CA PRO D 193 27.15 37.05 12.49
C PRO D 193 26.39 37.21 13.80
N ALA D 194 27.12 37.54 14.86
CA ALA D 194 26.51 37.74 16.18
C ALA D 194 25.65 39.01 16.17
N VAL D 195 24.81 39.16 17.18
CA VAL D 195 24.11 40.41 17.39
C VAL D 195 24.99 41.29 18.30
N GLU D 196 25.36 42.46 17.78
CA GLU D 196 26.30 43.35 18.48
C GLU D 196 25.60 44.51 19.22
N GLN D 197 26.34 45.14 20.14
CA GLN D 197 25.80 46.16 21.06
C GLN D 197 26.31 47.58 20.79
N ASP D 198 25.40 48.54 20.91
CA ASP D 198 25.72 49.97 20.78
C ASP D 198 24.57 50.77 21.41
N GLY D 199 24.83 51.39 22.57
CA GLY D 199 23.78 51.98 23.39
C GLY D 199 22.87 50.87 23.92
N GLU D 200 21.59 51.18 24.11
CA GLU D 200 20.62 50.16 24.53
C GLU D 200 19.84 49.58 23.34
N ALA D 201 20.57 49.27 22.26
CA ALA D 201 19.99 48.78 21.02
C ALA D 201 20.69 47.52 20.47
N LEU D 202 19.89 46.50 20.16
CA LEU D 202 20.38 45.29 19.50
C LEU D 202 20.70 45.59 18.03
N VAL D 203 21.97 45.46 17.64
CA VAL D 203 22.37 45.65 16.21
C VAL D 203 22.43 44.31 15.48
N GLY D 204 21.80 44.26 14.31
CA GLY D 204 21.78 43.05 13.46
C GLY D 204 21.83 43.34 11.98
N VAL D 205 21.06 42.56 11.23
CA VAL D 205 21.08 42.56 9.77
C VAL D 205 19.76 42.00 9.20
N VAL D 206 19.43 42.35 7.97
CA VAL D 206 18.26 41.76 7.30
C VAL D 206 18.71 40.43 6.74
N SER D 207 18.06 39.35 7.16
CA SER D 207 18.53 38.03 6.77
C SER D 207 17.81 37.46 5.56
N ALA D 208 16.63 37.98 5.25
CA ALA D 208 15.90 37.59 4.03
C ALA D 208 14.75 38.52 3.66
N ILE D 209 14.43 38.53 2.36
CA ILE D 209 13.19 39.11 1.89
C ILE D 209 12.20 37.96 1.69
N ASP D 210 11.04 38.06 2.34
CA ASP D 210 10.01 37.02 2.23
C ASP D 210 9.20 37.22 0.97
N HIS D 211 9.46 36.37 -0.01
CA HIS D 211 8.84 36.42 -1.32
C HIS D 211 7.59 35.54 -1.27
N PRO D 212 6.52 35.90 -2.04
CA PRO D 212 6.34 37.09 -2.90
C PRO D 212 5.64 38.28 -2.22
N PHE D 213 5.67 38.36 -0.89
CA PHE D 213 4.99 39.43 -0.15
C PHE D 213 5.77 40.75 -0.04
N GLY D 214 7.10 40.67 0.04
CA GLY D 214 7.94 41.85 0.26
C GLY D 214 8.14 42.13 1.73
N ASN D 215 8.09 41.08 2.55
CA ASN D 215 8.32 41.20 3.99
C ASN D 215 9.82 41.15 4.34
N VAL D 216 10.21 42.01 5.28
CA VAL D 216 11.59 42.11 5.70
C VAL D 216 11.84 41.32 7.01
N TRP D 217 12.67 40.29 6.90
CA TRP D 217 13.03 39.39 8.00
C TRP D 217 14.45 39.68 8.47
N THR D 218 14.60 39.90 9.78
CA THR D 218 15.92 40.17 10.35
C THR D 218 16.48 38.93 11.05
N ASN D 219 17.74 39.01 11.48
CA ASN D 219 18.34 37.93 12.27
C ASN D 219 18.12 38.03 13.80
N ILE D 220 17.44 39.09 14.26
CA ILE D 220 17.19 39.34 15.69
C ILE D 220 16.05 38.47 16.24
N HIS D 221 16.41 37.50 17.07
CA HIS D 221 15.46 36.51 17.62
C HIS D 221 14.57 37.09 18.74
N ARG D 222 13.38 36.50 18.92
CA ARG D 222 12.52 36.77 20.09
C ARG D 222 13.29 36.72 21.41
N THR D 223 14.16 35.72 21.56
CA THR D 223 15.01 35.59 22.76
C THR D 223 15.97 36.78 22.97
N ASP D 224 16.33 37.46 21.88
CA ASP D 224 17.16 38.66 21.98
C ASP D 224 16.34 39.86 22.45
N LEU D 225 15.12 39.98 21.93
CA LEU D 225 14.17 41.02 22.35
C LEU D 225 13.77 40.82 23.82
N GLU D 226 13.52 39.56 24.20
CA GLU D 226 13.16 39.21 25.59
C GLU D 226 14.24 39.63 26.61
N LYS D 227 15.50 39.65 26.15
CA LYS D 227 16.64 40.12 26.93
C LYS D 227 16.62 41.65 27.06
N ALA D 228 16.04 42.33 26.07
CA ALA D 228 15.88 43.78 26.08
C ALA D 228 14.60 44.21 26.84
N GLY D 229 13.77 43.22 27.18
CA GLY D 229 12.47 43.43 27.85
C GLY D 229 11.35 43.83 26.90
N ILE D 230 11.19 43.07 25.80
CA ILE D 230 10.33 43.48 24.69
C ILE D 230 9.36 42.38 24.20
N GLY D 231 8.08 42.55 24.55
CA GLY D 231 6.99 41.71 24.05
C GLY D 231 6.01 42.59 23.32
N TYR D 232 4.82 42.06 23.04
CA TYR D 232 3.81 42.75 22.22
C TYR D 232 3.27 44.09 22.75
N GLY D 233 3.51 45.17 22.00
CA GLY D 233 2.99 46.49 22.32
C GLY D 233 4.01 47.59 22.64
N ALA D 234 5.27 47.36 22.28
CA ALA D 234 6.33 48.33 22.56
C ALA D 234 6.74 49.09 21.29
N ARG D 235 6.60 50.42 21.29
CA ARG D 235 6.99 51.27 20.13
C ARG D 235 8.47 51.13 19.79
N LEU D 236 8.74 50.99 18.49
CA LEU D 236 10.07 50.57 18.00
C LEU D 236 10.60 51.42 16.87
N ARG D 237 11.86 51.85 17.01
CA ARG D 237 12.63 52.55 15.97
C ARG D 237 13.59 51.57 15.27
N LEU D 238 13.19 51.07 14.10
CA LEU D 238 14.00 50.15 13.28
C LEU D 238 14.53 50.85 12.02
N THR D 239 15.86 50.94 11.92
CA THR D 239 16.54 51.57 10.78
C THR D 239 17.14 50.54 9.84
N LEU D 240 16.95 50.74 8.53
CA LEU D 240 17.48 49.82 7.55
C LEU D 240 18.52 50.51 6.66
N ASP D 241 19.52 49.74 6.23
CA ASP D 241 20.62 50.17 5.32
C ASP D 241 21.49 51.30 5.85
N GLY D 242 21.16 51.81 7.03
CA GLY D 242 21.94 52.89 7.61
C GLY D 242 21.42 54.24 7.17
N VAL D 243 20.19 54.27 6.64
CA VAL D 243 19.50 55.54 6.34
C VAL D 243 17.97 55.54 6.47
N LEU D 244 17.32 54.44 6.11
CA LEU D 244 15.86 54.35 6.18
C LEU D 244 15.24 53.97 7.54
N PRO D 245 14.57 54.94 8.22
CA PRO D 245 13.93 54.59 9.51
C PRO D 245 12.46 54.12 9.39
N PHE D 246 11.98 53.41 10.42
CA PHE D 246 10.57 52.98 10.56
C PHE D 246 10.19 52.97 12.04
N GLU D 247 8.90 53.20 12.35
CA GLU D 247 8.43 53.18 13.76
C GLU D 247 7.04 52.55 14.01
N ALA D 248 6.97 51.61 14.97
CA ALA D 248 5.73 50.89 15.29
C ALA D 248 5.85 49.99 16.54
N PRO D 249 4.71 49.68 17.20
CA PRO D 249 4.73 48.70 18.30
C PRO D 249 4.85 47.26 17.82
N LEU D 250 5.27 46.36 18.72
CA LEU D 250 5.26 44.94 18.39
C LEU D 250 3.81 44.41 18.45
N THR D 251 3.34 43.87 17.33
CA THR D 251 1.97 43.37 17.17
C THR D 251 1.99 41.92 16.63
N PRO D 252 0.93 41.11 16.90
CA PRO D 252 0.89 39.71 16.39
C PRO D 252 0.83 39.50 14.86
N THR D 253 -0.01 40.27 14.17
CA THR D 253 -0.15 40.11 12.72
C THR D 253 -0.20 41.45 11.98
N PHE D 254 -0.23 41.35 10.65
CA PHE D 254 -0.34 42.50 9.75
C PHE D 254 -1.58 43.38 9.95
N ALA D 255 -2.73 42.79 10.29
CA ALA D 255 -3.98 43.53 10.44
C ALA D 255 -3.99 44.52 11.60
N ASP D 256 -3.02 44.38 12.51
CA ASP D 256 -2.92 45.23 13.71
C ASP D 256 -2.26 46.59 13.44
N ALA D 257 -2.01 46.88 12.16
CA ALA D 257 -1.47 48.16 11.70
C ALA D 257 -2.60 49.14 11.32
N GLY D 258 -3.81 48.61 11.18
CA GLY D 258 -4.97 49.40 10.74
C GLY D 258 -5.14 49.38 9.23
N GLU D 259 -4.89 50.54 8.61
CA GLU D 259 -5.09 50.72 7.17
C GLU D 259 -4.18 49.83 6.32
N ILE D 260 -4.73 49.35 5.20
CA ILE D 260 -3.96 48.66 4.18
C ILE D 260 -2.81 49.58 3.79
N GLY D 261 -1.58 49.03 3.80
CA GLY D 261 -0.39 49.83 3.52
C GLY D 261 0.41 50.29 4.73
N ASN D 262 -0.21 50.28 5.91
CA ASN D 262 0.46 50.65 7.17
C ASN D 262 1.54 49.67 7.66
N ILE D 263 2.51 50.20 8.40
CA ILE D 263 3.66 49.44 8.88
C ILE D 263 3.29 48.53 10.04
N ALA D 264 3.66 47.26 9.94
CA ALA D 264 3.58 46.31 11.05
C ALA D 264 4.96 45.79 11.35
N ILE D 265 5.26 45.69 12.65
CA ILE D 265 6.47 45.09 13.16
C ILE D 265 6.03 43.91 14.02
N TYR D 266 6.52 42.73 13.67
CA TYR D 266 5.99 41.50 14.22
C TYR D 266 7.08 40.44 14.34
N LEU D 267 6.71 39.29 14.89
CA LEU D 267 7.54 38.12 14.85
C LEU D 267 6.95 37.14 13.83
N ASN D 268 7.77 36.74 12.86
CA ASN D 268 7.35 35.82 11.80
C ASN D 268 7.14 34.38 12.29
N SER D 269 6.72 33.50 11.37
CA SER D 269 6.44 32.10 11.70
C SER D 269 7.70 31.28 12.02
N ARG D 270 8.84 31.96 12.15
CA ARG D 270 10.07 31.32 12.59
C ARG D 270 10.49 31.91 13.93
N GLY D 271 9.81 32.99 14.34
CA GLY D 271 10.05 33.64 15.64
C GLY D 271 10.91 34.90 15.63
N TYR D 272 11.12 35.48 14.44
CA TYR D 272 12.04 36.62 14.28
C TYR D 272 11.40 37.99 14.12
N LEU D 273 12.14 38.99 14.59
CA LEU D 273 11.81 40.39 14.42
C LEU D 273 11.75 40.65 12.93
N SER D 274 10.62 41.14 12.48
CA SER D 274 10.37 41.37 11.07
C SER D 274 9.63 42.69 10.90
N ILE D 275 9.64 43.19 9.67
CA ILE D 275 8.85 44.35 9.32
C ILE D 275 8.20 44.14 7.96
N ALA D 276 6.93 44.55 7.88
CA ALA D 276 6.11 44.34 6.69
C ALA D 276 5.11 45.48 6.54
N ARG D 277 4.31 45.39 5.49
CA ARG D 277 3.10 46.21 5.35
C ARG D 277 1.83 45.35 5.41
N ASN D 278 0.75 45.94 5.90
CA ASN D 278 -0.53 45.24 5.94
C ASN D 278 -1.13 45.09 4.54
N ALA D 279 -1.11 43.85 4.02
CA ALA D 279 -1.64 43.48 2.69
C ALA D 279 -1.02 44.26 1.52
N ALA D 280 0.23 44.69 1.72
CA ALA D 280 1.01 45.47 0.75
C ALA D 280 2.47 45.04 0.83
N SER D 281 3.30 45.55 -0.08
CA SER D 281 4.73 45.18 -0.09
C SER D 281 5.64 46.30 0.43
N LEU D 282 6.49 45.95 1.37
CA LEU D 282 7.46 46.88 1.90
C LEU D 282 8.72 46.91 1.05
N ALA D 283 9.31 45.74 0.88
CA ALA D 283 10.63 45.60 0.26
C ALA D 283 10.71 46.06 -1.18
N TYR D 284 9.73 45.66 -1.98
CA TYR D 284 9.81 45.86 -3.44
C TYR D 284 9.88 47.32 -3.89
N PRO D 285 8.97 48.19 -3.39
CA PRO D 285 9.01 49.63 -3.72
C PRO D 285 10.26 50.40 -3.27
N TYR D 286 10.92 49.96 -2.20
CA TYR D 286 12.15 50.65 -1.77
C TYR D 286 13.44 49.91 -2.03
N HIS D 287 13.36 48.80 -2.78
CA HIS D 287 14.49 47.91 -3.08
C HIS D 287 15.29 47.56 -1.84
N LEU D 288 14.58 47.02 -0.86
CA LEU D 288 15.19 46.61 0.39
C LEU D 288 15.73 45.22 0.16
N LYS D 289 16.90 44.94 0.73
CA LYS D 289 17.65 43.73 0.38
C LYS D 289 18.22 42.96 1.58
N GLU D 290 18.20 41.63 1.44
CA GLU D 290 18.98 40.73 2.27
C GLU D 290 20.40 41.29 2.37
N GLY D 291 20.82 41.65 3.58
CA GLY D 291 22.17 42.13 3.78
C GLY D 291 22.31 43.55 4.31
N MET D 292 21.23 44.33 4.25
CA MET D 292 21.22 45.68 4.81
C MET D 292 21.31 45.61 6.33
N SER D 293 21.98 46.60 6.92
CA SER D 293 22.07 46.68 8.37
C SER D 293 20.67 46.84 8.95
N ALA D 294 20.43 46.25 10.10
CA ALA D 294 19.14 46.37 10.78
C ALA D 294 19.28 46.69 12.27
N ARG D 295 19.15 47.98 12.59
CA ARG D 295 19.23 48.48 13.97
C ARG D 295 17.83 48.65 14.55
N VAL D 296 17.64 48.19 15.79
CA VAL D 296 16.33 48.23 16.47
C VAL D 296 16.45 48.81 17.91
N GLU D 297 15.55 49.73 18.24
CA GLU D 297 15.45 50.30 19.61
C GLU D 297 14.02 50.71 20.08
N ALA D 298 13.74 50.44 21.36
CA ALA D 298 12.45 50.76 21.97
C ALA D 298 12.30 52.25 22.23
N ARG E 8 3.46 -0.12 -9.80
CA ARG E 8 4.27 1.13 -9.62
C ARG E 8 4.42 1.92 -10.94
N PRO E 9 3.30 2.25 -11.62
CA PRO E 9 3.43 2.92 -12.92
C PRO E 9 3.86 4.39 -12.79
N ILE E 10 4.77 4.83 -13.65
CA ILE E 10 5.25 6.21 -13.65
C ILE E 10 5.05 6.90 -14.98
N ILE E 11 4.52 8.12 -14.93
CA ILE E 11 4.61 9.02 -16.07
C ILE E 11 5.49 10.23 -15.73
N ALA E 12 6.56 10.42 -16.51
CA ALA E 12 7.36 11.64 -16.40
C ALA E 12 6.89 12.62 -17.46
N PHE E 13 6.66 13.86 -17.03
CA PHE E 13 5.92 14.82 -17.81
C PHE E 13 6.74 16.05 -18.09
N MET E 14 6.83 16.39 -19.38
CA MET E 14 7.54 17.60 -19.80
C MET E 14 6.61 18.43 -20.66
N SER E 15 6.56 19.75 -20.48
CA SER E 15 5.70 20.52 -21.37
C SER E 15 6.13 21.97 -21.51
N ASP E 16 5.47 22.65 -22.43
CA ASP E 16 5.60 24.09 -22.52
C ASP E 16 4.40 24.78 -21.82
N LEU E 17 3.73 24.09 -20.92
CA LEU E 17 2.51 24.70 -20.33
C LEU E 17 2.68 25.84 -19.31
N GLY E 18 3.91 26.04 -18.81
CA GLY E 18 4.15 27.04 -17.78
C GLY E 18 3.80 26.54 -16.39
N THR E 19 4.25 27.28 -15.38
CA THR E 19 4.01 26.91 -13.99
C THR E 19 3.11 27.92 -13.28
N THR E 20 2.45 28.81 -14.03
CA THR E 20 1.69 29.90 -13.42
C THR E 20 0.15 29.82 -13.55
N ASP E 21 -0.37 28.72 -14.05
CA ASP E 21 -1.81 28.59 -14.21
C ASP E 21 -2.23 27.16 -13.90
N ASP E 22 -3.45 26.77 -14.29
CA ASP E 22 -3.96 25.43 -13.94
C ASP E 22 -3.81 24.38 -15.03
N SER E 23 -3.12 24.72 -16.12
CA SER E 23 -3.06 23.84 -17.28
C SER E 23 -2.43 22.49 -16.94
N VAL E 24 -1.20 22.50 -16.40
CA VAL E 24 -0.53 21.27 -15.97
C VAL E 24 -1.41 20.46 -15.01
N ALA E 25 -2.06 21.11 -14.04
CA ALA E 25 -2.96 20.39 -13.10
C ALA E 25 -4.09 19.66 -13.80
N GLN E 26 -4.60 20.21 -14.91
CA GLN E 26 -5.73 19.57 -15.59
C GLN E 26 -5.30 18.26 -16.22
N CYS E 27 -4.16 18.31 -16.90
CA CYS E 27 -3.51 17.11 -17.44
C CYS E 27 -3.38 16.11 -16.32
N LYS E 28 -2.78 16.53 -15.20
CA LYS E 28 -2.51 15.60 -14.09
C LYS E 28 -3.79 14.94 -13.60
N GLY E 29 -4.82 15.73 -13.37
CA GLY E 29 -6.09 15.20 -12.86
C GLY E 29 -6.58 14.06 -13.74
N LEU E 30 -6.46 14.26 -15.06
CA LEU E 30 -6.85 13.24 -16.02
C LEU E 30 -5.97 12.02 -15.87
N MET E 31 -4.65 12.26 -15.73
CA MET E 31 -3.69 11.19 -15.48
C MET E 31 -4.09 10.34 -14.29
N TYR E 32 -4.46 10.98 -13.18
CA TYR E 32 -4.89 10.22 -11.99
C TYR E 32 -6.27 9.61 -12.16
N SER E 33 -7.10 10.19 -13.03
CA SER E 33 -8.45 9.65 -13.27
C SER E 33 -8.42 8.38 -14.08
N ILE E 34 -7.44 8.26 -14.95
CA ILE E 34 -7.32 7.14 -15.86
C ILE E 34 -6.56 6.01 -15.18
N CYS E 35 -5.43 6.35 -14.58
CA CYS E 35 -4.58 5.40 -13.88
C CYS E 35 -4.44 5.85 -12.42
N PRO E 36 -5.31 5.35 -11.52
CA PRO E 36 -5.35 5.93 -10.17
C PRO E 36 -4.08 5.65 -9.36
N ASP E 37 -3.43 4.51 -9.63
CA ASP E 37 -2.24 4.14 -8.91
C ASP E 37 -0.95 4.78 -9.42
N VAL E 38 -1.07 5.67 -10.40
CA VAL E 38 0.10 6.28 -11.07
C VAL E 38 0.82 7.37 -10.26
N THR E 39 2.14 7.44 -10.43
CA THR E 39 2.97 8.51 -9.90
C THR E 39 3.34 9.37 -11.10
N VAL E 40 3.07 10.66 -10.98
CA VAL E 40 3.43 11.60 -12.00
C VAL E 40 4.61 12.43 -11.52
N VAL E 41 5.66 12.47 -12.35
CA VAL E 41 6.89 13.16 -12.04
C VAL E 41 7.08 14.29 -13.03
N ASP E 42 7.22 15.51 -12.53
CA ASP E 42 7.53 16.63 -13.41
C ASP E 42 8.98 16.60 -13.90
N VAL E 43 9.15 16.83 -15.20
CA VAL E 43 10.47 17.06 -15.74
C VAL E 43 10.67 18.59 -15.60
N CYS E 44 10.10 19.37 -16.50
CA CYS E 44 9.98 20.82 -16.34
C CYS E 44 8.88 21.30 -17.26
N HIS E 45 8.39 22.51 -17.03
CA HIS E 45 7.28 23.04 -17.80
C HIS E 45 7.56 24.45 -18.33
N SER E 46 8.82 24.85 -18.35
CA SER E 46 9.14 26.24 -18.67
C SER E 46 9.95 26.49 -19.97
N MET E 47 10.01 25.48 -20.85
CA MET E 47 10.67 25.65 -22.13
C MET E 47 10.09 26.82 -22.94
N THR E 48 10.91 27.46 -23.76
CA THR E 48 10.42 28.47 -24.70
C THR E 48 9.37 27.82 -25.63
N PRO E 49 8.12 28.29 -25.60
CA PRO E 49 7.12 27.66 -26.49
C PRO E 49 7.58 27.60 -27.94
N TRP E 50 7.15 26.54 -28.60
CA TRP E 50 7.44 26.31 -30.01
C TRP E 50 8.92 26.07 -30.32
N ASP E 51 9.76 25.92 -29.29
CA ASP E 51 11.17 25.59 -29.49
C ASP E 51 11.41 24.09 -29.36
N VAL E 52 11.20 23.33 -30.43
CA VAL E 52 11.28 21.86 -30.33
C VAL E 52 12.68 21.39 -29.99
N GLU E 53 13.69 22.08 -30.50
CA GLU E 53 15.08 21.73 -30.19
C GLU E 53 15.39 21.88 -28.68
N GLU E 54 14.77 22.83 -28.01
CA GLU E 54 14.99 22.97 -26.57
C GLU E 54 14.34 21.83 -25.80
N GLY E 55 13.08 21.56 -26.10
CA GLY E 55 12.36 20.49 -25.42
C GLY E 55 13.04 19.16 -25.62
N ALA E 56 13.53 18.91 -26.84
CA ALA E 56 14.34 17.71 -27.12
C ALA E 56 15.43 17.50 -26.08
N ARG E 57 16.12 18.58 -25.72
CA ARG E 57 17.27 18.52 -24.85
C ARG E 57 16.92 18.01 -23.45
N TYR E 58 15.72 18.32 -22.98
CA TYR E 58 15.30 17.96 -21.64
C TYR E 58 14.74 16.53 -21.53
N ILE E 59 14.55 15.85 -22.64
CA ILE E 59 13.92 14.54 -22.61
C ILE E 59 14.82 13.42 -23.11
N VAL E 60 15.88 13.78 -23.80
CA VAL E 60 16.72 12.78 -24.42
C VAL E 60 17.46 11.88 -23.44
N ASP E 61 17.86 12.41 -22.28
CA ASP E 61 18.65 11.68 -21.30
CA ASP E 61 18.65 11.61 -21.35
C ASP E 61 17.81 10.97 -20.23
N LEU E 62 16.51 11.25 -20.19
CA LEU E 62 15.63 10.69 -19.17
C LEU E 62 15.64 9.15 -18.90
N PRO E 63 15.57 8.31 -19.96
CA PRO E 63 15.19 6.90 -19.73
C PRO E 63 15.96 6.13 -18.64
N ARG E 64 17.28 6.11 -18.69
CA ARG E 64 18.08 5.25 -17.79
C ARG E 64 17.89 5.54 -16.29
N PHE E 65 17.53 6.78 -15.98
CA PHE E 65 17.28 7.19 -14.61
C PHE E 65 15.96 6.64 -14.03
N PHE E 66 15.05 6.20 -14.88
CA PHE E 66 13.72 5.79 -14.42
C PHE E 66 13.47 4.28 -14.39
N PRO E 67 12.58 3.81 -13.49
CA PRO E 67 12.22 2.37 -13.47
C PRO E 67 11.63 1.90 -14.78
N GLU E 68 11.98 0.68 -15.19
CA GLU E 68 11.45 0.08 -16.41
C GLU E 68 9.93 0.16 -16.45
N GLY E 69 9.39 0.53 -17.60
CA GLY E 69 7.94 0.65 -17.76
C GLY E 69 7.43 2.06 -17.72
N THR E 70 8.34 3.02 -17.55
CA THR E 70 7.98 4.42 -17.45
C THR E 70 7.50 4.98 -18.80
N VAL E 71 6.44 5.76 -18.76
CA VAL E 71 5.94 6.45 -19.94
C VAL E 71 6.42 7.90 -19.85
N PHE E 72 7.04 8.39 -20.92
CA PHE E 72 7.44 9.80 -20.99
C PHE E 72 6.44 10.58 -21.83
N ALA E 73 5.68 11.45 -21.18
CA ALA E 73 4.71 12.26 -21.85
C ALA E 73 5.35 13.59 -22.06
N THR E 74 5.75 13.85 -23.29
CA THR E 74 6.52 15.05 -23.55
C THR E 74 5.84 15.88 -24.62
N THR E 75 5.48 17.11 -24.32
CA THR E 75 4.69 17.89 -25.29
C THR E 75 4.91 19.42 -25.42
N THR E 76 5.04 19.89 -26.64
CA THR E 76 4.69 21.23 -27.02
C THR E 76 3.93 21.11 -28.31
N TYR E 77 2.73 21.66 -28.36
CA TYR E 77 1.86 21.43 -29.51
C TYR E 77 1.59 22.71 -30.31
N PRO E 78 2.58 23.18 -31.13
CA PRO E 78 2.29 24.28 -32.06
C PRO E 78 1.07 24.02 -32.97
N ALA E 79 1.01 22.85 -33.61
CA ALA E 79 -0.08 22.55 -34.59
C ALA E 79 -1.48 22.13 -34.01
N THR E 80 -1.77 22.53 -32.77
CA THR E 80 -3.02 22.15 -32.03
C THR E 80 -4.31 22.52 -32.75
N GLY E 81 -5.23 21.56 -32.82
CA GLY E 81 -6.53 21.73 -33.51
C GLY E 81 -6.56 21.32 -34.98
N THR E 82 -5.40 20.99 -35.54
CA THR E 82 -5.32 20.54 -36.91
C THR E 82 -5.50 19.00 -36.98
N THR E 83 -5.18 18.40 -38.12
CA THR E 83 -5.29 16.95 -38.29
C THR E 83 -4.07 16.14 -37.74
N THR E 84 -2.95 16.80 -37.53
CA THR E 84 -1.77 16.14 -36.96
C THR E 84 -2.05 15.40 -35.66
N ARG E 85 -1.55 14.17 -35.57
CA ARG E 85 -1.82 13.30 -34.43
C ARG E 85 -0.52 12.94 -33.77
N SER E 86 -0.59 12.61 -32.48
CA SER E 86 0.59 12.22 -31.73
C SER E 86 1.15 10.87 -32.17
N VAL E 87 2.42 10.65 -31.82
CA VAL E 87 3.13 9.40 -32.11
C VAL E 87 3.57 8.78 -30.79
N ALA E 88 3.42 7.48 -30.67
CA ALA E 88 3.89 6.79 -29.47
C ALA E 88 4.92 5.75 -29.86
N VAL E 89 6.06 5.78 -29.20
CA VAL E 89 7.16 4.89 -29.57
C VAL E 89 7.76 4.11 -28.41
N ARG E 90 8.08 2.85 -28.67
CA ARG E 90 8.86 2.07 -27.71
C ARG E 90 10.33 2.19 -28.09
N ILE E 91 11.12 2.78 -27.20
CA ILE E 91 12.53 2.94 -27.51
C ILE E 91 13.30 1.62 -27.34
N LYS E 92 14.46 1.51 -27.95
CA LYS E 92 15.24 0.28 -27.87
C LYS E 92 16.16 0.29 -26.66
N GLN E 93 17.29 0.99 -26.80
CA GLN E 93 18.34 1.05 -25.80
C GLN E 93 18.20 2.27 -24.90
N ALA E 94 18.29 2.08 -23.60
CA ALA E 94 18.50 3.17 -22.68
C ALA E 94 19.99 3.46 -22.76
N ALA E 95 20.35 4.37 -23.67
CA ALA E 95 21.76 4.58 -24.00
C ALA E 95 22.58 4.80 -22.74
N LYS E 96 23.78 4.22 -22.68
CA LYS E 96 24.72 4.55 -21.60
C LYS E 96 25.08 6.05 -21.74
N GLY E 97 25.18 6.73 -20.60
CA GLY E 97 25.37 8.18 -20.58
C GLY E 97 26.58 8.68 -19.84
N GLY E 98 26.34 9.43 -18.76
CA GLY E 98 27.39 10.15 -18.04
C GLY E 98 28.08 11.19 -18.94
N ALA E 99 29.36 11.43 -18.67
CA ALA E 99 30.20 12.29 -19.48
C ALA E 99 31.14 11.39 -20.26
N ARG E 100 31.04 10.09 -19.99
CA ARG E 100 32.02 9.08 -20.44
C ARG E 100 31.46 7.67 -20.80
N GLY E 101 30.18 7.42 -20.50
CA GLY E 101 29.50 6.16 -20.89
C GLY E 101 29.28 5.10 -19.81
N GLN E 102 28.11 5.15 -19.15
CA GLN E 102 27.76 4.24 -18.04
C GLN E 102 26.23 4.08 -17.76
N TRP E 103 25.85 3.07 -16.96
CA TRP E 103 24.52 3.05 -16.32
C TRP E 103 24.47 4.00 -15.08
N ALA E 104 23.28 4.49 -14.73
CA ALA E 104 23.11 5.38 -13.59
C ALA E 104 22.69 4.61 -12.35
N GLY E 105 22.94 5.19 -11.17
CA GLY E 105 22.58 4.54 -9.91
C GLY E 105 23.79 4.22 -9.05
N SER E 106 23.55 3.61 -7.90
CA SER E 106 24.63 3.21 -7.00
C SER E 106 25.28 1.92 -7.49
N GLY E 107 26.47 1.64 -6.98
CA GLY E 107 27.20 0.44 -7.35
C GLY E 107 27.69 0.62 -8.76
N ALA E 108 27.46 -0.39 -9.60
CA ALA E 108 27.81 -0.29 -11.01
C ALA E 108 26.70 0.35 -11.86
N GLY E 109 25.61 0.76 -11.20
CA GLY E 109 24.47 1.44 -11.84
C GLY E 109 23.39 0.44 -12.16
N PHE E 110 22.16 0.91 -12.40
CA PHE E 110 21.04 0.00 -12.72
C PHE E 110 20.86 -0.22 -14.22
N GLU E 111 21.12 -1.46 -14.62
CA GLU E 111 20.98 -1.90 -16.00
C GLU E 111 19.51 -1.91 -16.39
N ARG E 112 19.20 -1.36 -17.56
CA ARG E 112 17.82 -1.35 -18.08
C ARG E 112 17.69 -2.29 -19.26
N ALA E 113 16.75 -3.22 -19.16
CA ALA E 113 16.37 -4.07 -20.30
C ALA E 113 15.91 -3.25 -21.51
N GLU E 114 16.28 -3.72 -22.69
CA GLU E 114 15.86 -3.10 -23.95
C GLU E 114 14.35 -3.09 -24.06
N GLY E 115 13.82 -2.08 -24.74
CA GLY E 115 12.38 -2.01 -24.99
C GLY E 115 11.48 -1.64 -23.82
N SER E 116 12.03 -0.98 -22.80
CA SER E 116 11.32 -0.75 -21.53
C SER E 116 10.68 0.63 -21.34
N TYR E 117 10.82 1.53 -22.33
CA TYR E 117 10.25 2.89 -22.22
C TYR E 117 9.46 3.30 -23.42
N ILE E 118 8.44 4.12 -23.15
CA ILE E 118 7.52 4.62 -24.15
C ILE E 118 7.52 6.14 -24.06
N TYR E 119 7.68 6.81 -25.20
CA TYR E 119 7.49 8.25 -25.34
C TYR E 119 6.23 8.51 -26.10
N ILE E 120 5.43 9.46 -25.61
CA ILE E 120 4.31 9.96 -26.43
C ILE E 120 4.39 11.47 -26.60
N ALA E 121 4.26 11.89 -27.86
CA ALA E 121 4.58 13.24 -28.25
C ALA E 121 3.84 13.65 -29.54
N PRO E 122 3.64 14.97 -29.75
CA PRO E 122 3.17 15.44 -31.03
C PRO E 122 4.17 15.03 -32.11
N ASN E 123 3.67 14.66 -33.27
CA ASN E 123 4.57 14.36 -34.37
C ASN E 123 5.09 15.67 -34.93
N ASN E 124 5.91 16.37 -34.17
CA ASN E 124 6.46 17.64 -34.66
C ASN E 124 7.96 17.80 -34.61
N GLY E 125 8.68 16.69 -34.52
CA GLY E 125 10.13 16.69 -34.34
C GLY E 125 10.63 16.58 -32.90
N LEU E 126 9.76 16.73 -31.91
CA LEU E 126 10.23 16.76 -30.50
C LEU E 126 11.07 15.54 -30.11
N LEU E 127 10.84 14.40 -30.75
CA LEU E 127 11.55 13.15 -30.42
C LEU E 127 12.80 12.91 -31.24
N THR E 128 13.27 13.91 -31.98
CA THR E 128 14.38 13.69 -32.90
C THR E 128 15.61 13.08 -32.17
N THR E 129 16.03 13.70 -31.07
CA THR E 129 17.30 13.23 -30.48
C THR E 129 17.12 11.96 -29.69
N VAL E 130 15.91 11.77 -29.13
CA VAL E 130 15.49 10.51 -28.49
C VAL E 130 15.66 9.34 -29.45
N LEU E 131 15.11 9.48 -30.66
CA LEU E 131 15.16 8.38 -31.62
C LEU E 131 16.57 8.12 -32.10
N GLU E 132 17.31 9.19 -32.37
CA GLU E 132 18.67 9.10 -32.80
C GLU E 132 19.56 8.45 -31.71
N GLU E 133 19.39 8.83 -30.44
CA GLU E 133 20.24 8.27 -29.37
C GLU E 133 19.84 6.87 -28.89
N HIS E 134 18.53 6.56 -28.91
CA HIS E 134 18.06 5.31 -28.32
C HIS E 134 17.58 4.28 -29.32
N GLY E 135 17.28 4.69 -30.56
CA GLY E 135 16.58 3.85 -31.51
C GLY E 135 15.19 3.49 -31.00
N TYR E 136 14.43 2.73 -31.77
CA TYR E 136 13.08 2.37 -31.35
C TYR E 136 12.65 1.08 -32.02
N LEU E 137 11.68 0.40 -31.41
CA LEU E 137 11.22 -0.91 -31.88
C LEU E 137 9.90 -0.87 -32.64
N GLU E 138 9.04 0.07 -32.26
CA GLU E 138 7.71 0.18 -32.86
C GLU E 138 7.15 1.57 -32.63
N ALA E 139 6.46 2.10 -33.64
CA ALA E 139 5.92 3.46 -33.60
C ALA E 139 4.49 3.46 -34.10
N TYR E 140 3.62 4.19 -33.39
CA TYR E 140 2.20 4.23 -33.77
C TYR E 140 1.60 5.64 -33.72
N GLU E 141 0.64 5.86 -34.61
CA GLU E 141 -0.19 7.06 -34.61
C GLU E 141 -1.18 6.91 -33.44
N VAL E 142 -1.51 8.02 -32.78
CA VAL E 142 -2.45 7.94 -31.65
C VAL E 142 -3.84 8.41 -32.09
N THR E 143 -4.68 7.46 -32.52
CA THR E 143 -5.95 7.82 -33.14
C THR E 143 -7.21 7.21 -32.53
N SER E 144 -7.03 6.25 -31.61
CA SER E 144 -8.16 5.52 -31.05
C SER E 144 -8.96 6.37 -30.06
N PRO E 145 -10.30 6.33 -30.15
CA PRO E 145 -11.14 7.00 -29.18
C PRO E 145 -11.13 6.29 -27.82
N LYS E 146 -10.42 5.16 -27.71
CA LYS E 146 -10.22 4.51 -26.42
C LYS E 146 -9.15 5.26 -25.58
N VAL E 147 -8.36 6.09 -26.23
CA VAL E 147 -7.23 6.73 -25.55
C VAL E 147 -7.19 8.24 -25.78
N ILE E 148 -8.03 8.74 -26.68
CA ILE E 148 -8.20 10.19 -26.85
C ILE E 148 -9.69 10.57 -26.81
N PRO E 149 -10.01 11.86 -26.56
CA PRO E 149 -11.42 12.29 -26.65
C PRO E 149 -12.01 12.01 -28.02
N GLU E 150 -13.28 11.65 -28.06
CA GLU E 150 -14.01 11.59 -29.33
C GLU E 150 -14.17 13.01 -29.87
N GLN E 151 -14.19 13.99 -28.96
CA GLN E 151 -14.28 15.41 -29.33
C GLN E 151 -13.18 16.24 -28.64
N PRO E 152 -11.99 16.33 -29.27
CA PRO E 152 -10.90 16.98 -28.57
C PRO E 152 -11.01 18.50 -28.62
N GLU E 153 -10.52 19.15 -27.56
CA GLU E 153 -10.43 20.60 -27.49
C GLU E 153 -9.38 21.13 -28.49
N PRO E 154 -9.79 22.04 -29.38
CA PRO E 154 -8.92 22.47 -30.48
C PRO E 154 -7.67 23.20 -30.01
N THR E 155 -7.73 23.89 -28.89
CA THR E 155 -6.59 24.66 -28.43
C THR E 155 -5.83 24.03 -27.27
N PHE E 156 -6.12 22.79 -26.90
CA PHE E 156 -5.32 22.18 -25.84
C PHE E 156 -4.89 20.75 -26.15
N TYR E 157 -4.17 20.57 -27.26
CA TYR E 157 -3.74 19.23 -27.69
C TYR E 157 -2.73 18.52 -26.78
N SER E 158 -1.97 19.25 -25.97
CA SER E 158 -1.05 18.59 -25.04
C SER E 158 -1.84 17.76 -24.05
N ARG E 159 -2.99 18.28 -23.64
CA ARG E 159 -3.86 17.57 -22.72
C ARG E 159 -4.61 16.46 -23.43
N GLU E 160 -5.19 16.77 -24.60
CA GLU E 160 -6.06 15.79 -25.28
C GLU E 160 -5.30 14.67 -25.97
N MET E 161 -4.17 14.99 -26.59
CA MET E 161 -3.45 14.06 -27.44
C MET E 161 -2.12 13.50 -26.87
N VAL E 162 -1.74 13.95 -25.65
CA VAL E 162 -0.52 13.46 -25.00
C VAL E 162 -0.77 13.04 -23.55
N ALA E 163 -1.26 13.96 -22.73
CA ALA E 163 -1.52 13.67 -21.31
C ALA E 163 -2.50 12.51 -21.13
N ILE E 164 -3.70 12.61 -21.74
CA ILE E 164 -4.75 11.56 -21.64
C ILE E 164 -4.28 10.18 -22.13
N PRO E 165 -3.72 10.07 -23.35
CA PRO E 165 -3.25 8.75 -23.80
C PRO E 165 -2.05 8.18 -23.03
N SER E 166 -1.16 9.03 -22.53
CA SER E 166 0.00 8.55 -21.75
C SER E 166 -0.44 7.75 -20.55
N ALA E 167 -1.47 8.27 -19.88
CA ALA E 167 -2.10 7.61 -18.73
C ALA E 167 -2.69 6.24 -19.08
N HIS E 168 -3.33 6.15 -20.25
CA HIS E 168 -3.85 4.88 -20.72
C HIS E 168 -2.68 3.95 -20.98
N LEU E 169 -1.61 4.47 -21.56
CA LEU E 169 -0.43 3.63 -21.80
C LEU E 169 0.16 3.21 -20.47
N ALA E 170 0.20 4.15 -19.53
CA ALA E 170 0.71 3.88 -18.20
C ALA E 170 -0.09 2.77 -17.54
N ALA E 171 -1.42 2.83 -17.71
CA ALA E 171 -2.34 1.83 -17.14
C ALA E 171 -2.34 0.48 -17.85
N GLY E 172 -1.51 0.29 -18.86
CA GLY E 172 -1.36 -1.03 -19.50
C GLY E 172 -2.11 -1.27 -20.80
N PHE E 173 -2.75 -0.23 -21.35
CA PHE E 173 -3.35 -0.31 -22.68
C PHE E 173 -2.29 -0.70 -23.71
N PRO E 174 -2.57 -1.69 -24.56
CA PRO E 174 -1.53 -2.21 -25.45
C PRO E 174 -1.09 -1.17 -26.48
N LEU E 175 0.21 -0.86 -26.45
CA LEU E 175 0.80 0.12 -27.35
C LEU E 175 0.24 0.05 -28.79
N SER E 176 0.26 -1.14 -29.40
CA SER E 176 -0.15 -1.29 -30.82
C SER E 176 -1.64 -1.10 -31.14
N GLU E 177 -2.47 -0.82 -30.12
CA GLU E 177 -3.91 -0.61 -30.36
C GLU E 177 -4.30 0.88 -30.47
N VAL E 178 -3.34 1.78 -30.20
CA VAL E 178 -3.62 3.24 -30.17
C VAL E 178 -3.87 3.85 -31.54
N GLY E 179 -3.45 3.15 -32.59
CA GLY E 179 -3.54 3.61 -33.97
C GLY E 179 -2.59 2.82 -34.86
N ARG E 180 -2.67 3.06 -36.17
CA ARG E 180 -1.87 2.35 -37.15
C ARG E 180 -0.35 2.51 -36.92
N PRO E 181 0.47 1.56 -37.41
CA PRO E 181 1.91 1.72 -37.28
C PRO E 181 2.45 2.74 -38.28
N LEU E 182 3.46 3.49 -37.86
CA LEU E 182 4.05 4.50 -38.71
C LEU E 182 5.37 4.00 -39.31
N GLU E 183 5.55 4.25 -40.61
CA GLU E 183 6.85 4.08 -41.29
C GLU E 183 7.82 5.19 -40.80
N ASP E 184 9.13 4.93 -40.80
CA ASP E 184 10.14 5.83 -40.21
C ASP E 184 10.08 7.31 -40.65
N HIS E 185 10.00 7.58 -41.96
CA HIS E 185 9.93 8.96 -42.44
C HIS E 185 8.60 9.71 -42.16
N GLU E 186 7.62 8.99 -41.59
CA GLU E 186 6.38 9.64 -41.17
C GLU E 186 6.60 10.34 -39.86
N ILE E 187 7.68 9.97 -39.16
CA ILE E 187 8.05 10.62 -37.88
C ILE E 187 8.90 11.86 -38.20
N VAL E 188 8.33 13.03 -37.93
CA VAL E 188 8.95 14.32 -38.26
C VAL E 188 10.27 14.51 -37.49
N ARG E 189 11.32 14.91 -38.21
CA ARG E 189 12.62 15.26 -37.61
C ARG E 189 12.95 16.72 -37.86
N PHE E 190 13.57 17.38 -36.88
CA PHE E 190 14.22 18.65 -37.18
C PHE E 190 15.67 18.34 -37.60
N ASN E 191 16.28 19.30 -38.30
CA ASN E 191 17.67 19.17 -38.74
C ASN E 191 18.73 19.53 -37.68
N ARG E 192 19.72 18.65 -37.56
CA ARG E 192 20.84 18.79 -36.65
C ARG E 192 22.07 19.20 -37.45
N PRO E 193 22.31 20.52 -37.56
CA PRO E 193 23.35 21.02 -38.49
C PRO E 193 24.72 20.63 -37.96
N ALA E 194 25.57 20.11 -38.85
CA ALA E 194 26.82 19.47 -38.47
C ALA E 194 27.88 20.46 -38.01
N VAL E 195 28.83 19.97 -37.21
CA VAL E 195 30.00 20.76 -36.84
C VAL E 195 30.93 20.84 -38.05
N GLU E 196 31.09 22.03 -38.61
CA GLU E 196 31.88 22.22 -39.82
C GLU E 196 33.36 22.45 -39.57
N GLN E 197 34.20 21.73 -40.31
CA GLN E 197 35.67 21.88 -40.26
C GLN E 197 36.15 23.11 -41.03
N ASP E 198 36.99 23.91 -40.37
CA ASP E 198 37.71 25.03 -41.01
C ASP E 198 39.16 25.07 -40.51
N GLY E 199 40.10 24.78 -41.41
CA GLY E 199 41.51 24.66 -41.05
C GLY E 199 41.70 23.66 -39.93
N GLU E 200 42.30 24.11 -38.84
CA GLU E 200 42.49 23.29 -37.64
C GLU E 200 41.28 23.35 -36.70
N ALA E 201 40.38 24.31 -36.96
CA ALA E 201 39.28 24.64 -36.05
C ALA E 201 37.90 24.06 -36.44
N LEU E 202 37.10 23.71 -35.43
CA LEU E 202 35.74 23.21 -35.60
C LEU E 202 34.74 24.37 -35.42
N VAL E 203 33.98 24.69 -36.45
CA VAL E 203 33.03 25.81 -36.38
C VAL E 203 31.66 25.29 -35.95
N GLY E 204 31.34 25.51 -34.67
CA GLY E 204 30.12 25.03 -34.07
C GLY E 204 29.26 26.15 -33.53
N VAL E 205 28.49 25.84 -32.49
CA VAL E 205 27.50 26.78 -31.96
C VAL E 205 27.34 26.50 -30.47
N VAL E 206 26.93 27.52 -29.72
CA VAL E 206 26.47 27.31 -28.33
C VAL E 206 25.05 26.77 -28.44
N SER E 207 24.85 25.55 -27.98
CA SER E 207 23.53 24.94 -28.08
C SER E 207 22.62 25.20 -26.87
N ALA E 208 23.23 25.53 -25.73
CA ALA E 208 22.47 25.81 -24.52
C ALA E 208 23.31 26.54 -23.49
N ILE E 209 22.63 27.36 -22.68
CA ILE E 209 23.20 27.86 -21.44
C ILE E 209 22.64 26.95 -20.33
N ASP E 210 23.52 26.34 -19.52
CA ASP E 210 23.10 25.51 -18.37
C ASP E 210 22.67 26.36 -17.17
N HIS E 211 21.36 26.50 -16.98
CA HIS E 211 20.83 27.27 -15.86
C HIS E 211 20.74 26.37 -14.63
N PRO E 212 20.87 26.95 -13.42
CA PRO E 212 21.08 28.37 -13.08
C PRO E 212 22.52 28.73 -12.78
N PHE E 213 23.46 27.86 -13.15
CA PHE E 213 24.89 28.10 -12.99
C PHE E 213 25.53 28.95 -14.08
N GLY E 214 24.97 28.91 -15.28
CA GLY E 214 25.51 29.70 -16.37
C GLY E 214 26.77 29.15 -17.01
N ASN E 215 26.87 27.82 -17.07
CA ASN E 215 27.87 27.14 -17.89
C ASN E 215 27.43 27.18 -19.36
N VAL E 216 28.39 27.12 -20.27
CA VAL E 216 28.10 27.17 -21.69
C VAL E 216 28.30 25.79 -22.32
N TRP E 217 27.22 25.25 -22.87
CA TRP E 217 27.26 24.00 -23.62
C TRP E 217 27.33 24.23 -25.13
N THR E 218 28.19 23.46 -25.80
CA THR E 218 28.37 23.52 -27.25
C THR E 218 27.83 22.25 -27.91
N ASN E 219 27.69 22.29 -29.24
CA ASN E 219 27.29 21.12 -29.98
C ASN E 219 28.52 20.34 -30.51
N ILE E 220 29.65 20.45 -29.82
CA ILE E 220 30.89 19.80 -30.28
C ILE E 220 31.12 18.58 -29.40
N HIS E 221 30.88 17.40 -29.96
CA HIS E 221 30.98 16.14 -29.20
C HIS E 221 32.43 15.67 -29.12
N ARG E 222 32.72 14.83 -28.13
CA ARG E 222 33.98 14.08 -28.07
C ARG E 222 34.41 13.55 -29.44
N THR E 223 33.52 12.85 -30.14
CA THR E 223 33.84 12.32 -31.46
C THR E 223 34.08 13.35 -32.54
N ASP E 224 33.88 14.61 -32.20
CA ASP E 224 34.21 15.72 -33.10
C ASP E 224 35.61 16.22 -32.86
N LEU E 225 35.95 16.28 -31.58
CA LEU E 225 37.27 16.64 -31.16
C LEU E 225 38.25 15.50 -31.49
N GLU E 226 37.73 14.28 -31.41
CA GLU E 226 38.50 13.06 -31.68
C GLU E 226 38.83 12.95 -33.16
N LYS E 227 37.87 13.32 -34.01
CA LYS E 227 38.04 13.35 -35.46
C LYS E 227 39.17 14.30 -35.91
N ALA E 228 39.44 15.34 -35.12
CA ALA E 228 40.55 16.27 -35.41
C ALA E 228 41.74 16.18 -34.42
N GLY E 229 41.76 15.10 -33.62
CA GLY E 229 42.89 14.80 -32.72
C GLY E 229 42.71 15.11 -31.25
N ILE E 230 42.05 16.23 -30.99
CA ILE E 230 41.80 16.79 -29.66
C ILE E 230 41.22 15.81 -28.61
N GLY E 231 41.89 15.71 -27.46
CA GLY E 231 41.44 14.86 -26.35
C GLY E 231 41.95 15.36 -25.00
N TYR E 232 41.51 14.70 -23.92
CA TYR E 232 41.84 15.07 -22.54
C TYR E 232 43.31 15.46 -22.31
N GLY E 233 43.48 16.69 -21.80
CA GLY E 233 44.80 17.27 -21.55
C GLY E 233 45.22 18.35 -22.53
N ALA E 234 44.53 18.45 -23.67
CA ALA E 234 44.90 19.42 -24.70
C ALA E 234 44.62 20.87 -24.29
N ARG E 235 45.51 21.78 -24.68
CA ARG E 235 45.28 23.21 -24.51
C ARG E 235 44.27 23.67 -25.56
N LEU E 236 43.27 24.44 -25.15
CA LEU E 236 42.15 24.77 -26.03
C LEU E 236 41.75 26.25 -26.14
N ARG E 237 41.63 26.72 -27.38
CA ARG E 237 41.18 28.06 -27.68
C ARG E 237 39.75 28.00 -28.25
N LEU E 238 38.79 28.49 -27.46
CA LEU E 238 37.40 28.50 -27.84
C LEU E 238 36.92 29.95 -27.94
N THR E 239 36.35 30.29 -29.09
CA THR E 239 35.93 31.65 -29.33
C THR E 239 34.41 31.65 -29.46
N LEU E 240 33.75 32.61 -28.79
CA LEU E 240 32.28 32.69 -28.78
C LEU E 240 31.78 33.97 -29.48
N ASP E 241 30.66 33.88 -30.19
CA ASP E 241 30.04 35.04 -30.92
C ASP E 241 30.99 35.74 -31.91
N GLY E 242 32.15 35.13 -32.18
CA GLY E 242 33.16 35.68 -33.08
C GLY E 242 33.95 36.78 -32.43
N VAL E 243 33.90 36.86 -31.11
CA VAL E 243 34.55 37.94 -30.39
C VAL E 243 35.36 37.46 -29.19
N LEU E 244 34.67 36.91 -28.19
CA LEU E 244 35.26 36.57 -26.87
C LEU E 244 36.07 35.26 -26.82
N PRO E 245 37.40 35.37 -26.64
CA PRO E 245 38.28 34.17 -26.54
C PRO E 245 38.48 33.62 -25.11
N PHE E 246 38.77 32.32 -25.01
CA PHE E 246 39.09 31.60 -23.75
C PHE E 246 40.12 30.52 -24.05
N GLU E 247 40.88 30.10 -23.04
CA GLU E 247 41.98 29.13 -23.20
C GLU E 247 42.31 28.31 -21.96
N ALA E 248 42.20 26.98 -22.07
CA ALA E 248 42.42 26.08 -20.93
C ALA E 248 42.62 24.63 -21.34
N PRO E 249 43.24 23.82 -20.46
CA PRO E 249 43.27 22.39 -20.73
C PRO E 249 41.93 21.71 -20.42
N LEU E 250 41.60 20.69 -21.19
CA LEU E 250 40.42 19.86 -20.99
C LEU E 250 40.51 19.02 -19.69
N THR E 251 39.58 19.24 -18.76
CA THR E 251 39.57 18.63 -17.41
C THR E 251 38.20 18.00 -17.03
N PRO E 252 38.12 17.24 -15.90
CA PRO E 252 36.86 16.57 -15.52
C PRO E 252 35.80 17.45 -14.81
N THR E 253 36.24 18.21 -13.81
CA THR E 253 35.35 19.08 -13.03
C THR E 253 35.90 20.51 -12.90
N PHE E 254 34.99 21.41 -12.51
CA PHE E 254 35.24 22.83 -12.29
C PHE E 254 36.31 23.17 -11.24
N ALA E 255 36.47 22.32 -10.23
CA ALA E 255 37.45 22.60 -9.16
C ALA E 255 38.88 22.31 -9.60
N ASP E 256 39.03 21.53 -10.67
CA ASP E 256 40.35 21.28 -11.27
C ASP E 256 41.00 22.54 -11.84
N ALA E 257 40.21 23.59 -11.96
CA ALA E 257 40.67 24.86 -12.53
C ALA E 257 41.43 25.69 -11.50
N GLY E 258 41.32 25.30 -10.22
CA GLY E 258 42.01 25.97 -9.11
C GLY E 258 41.13 26.92 -8.29
N GLU E 259 41.50 28.21 -8.31
CA GLU E 259 40.75 29.27 -7.62
C GLU E 259 39.28 29.37 -8.07
N ILE E 260 38.41 29.75 -7.14
CA ILE E 260 37.02 30.12 -7.42
C ILE E 260 37.04 31.20 -8.50
N GLY E 261 36.28 30.98 -9.58
CA GLY E 261 36.23 31.93 -10.69
C GLY E 261 37.11 31.56 -11.89
N ASN E 262 38.02 30.61 -11.71
CA ASN E 262 38.89 30.13 -12.79
C ASN E 262 38.12 29.37 -13.88
N ILE E 263 38.51 29.62 -15.11
CA ILE E 263 37.94 28.97 -16.27
C ILE E 263 38.33 27.50 -16.33
N ALA E 264 37.33 26.69 -16.66
CA ALA E 264 37.53 25.28 -16.96
C ALA E 264 36.81 24.94 -18.25
N ILE E 265 37.43 24.06 -19.00
CA ILE E 265 36.85 23.52 -20.21
C ILE E 265 36.79 22.01 -19.98
N TYR E 266 35.62 21.42 -20.24
CA TYR E 266 35.36 20.03 -19.91
C TYR E 266 34.38 19.41 -20.88
N LEU E 267 33.99 18.18 -20.59
CA LEU E 267 32.90 17.52 -21.30
C LEU E 267 31.72 17.48 -20.34
N ASN E 268 30.54 17.91 -20.79
CA ASN E 268 29.40 17.98 -19.86
C ASN E 268 28.84 16.60 -19.51
N SER E 269 28.00 16.55 -18.47
CA SER E 269 27.40 15.27 -18.00
C SER E 269 26.57 14.57 -19.07
N ARG E 270 26.90 14.84 -20.35
CA ARG E 270 26.31 14.16 -21.52
C ARG E 270 27.27 14.10 -22.72
N GLY E 271 28.46 14.67 -22.55
CA GLY E 271 29.56 14.44 -23.51
C GLY E 271 29.85 15.47 -24.60
N TYR E 272 29.41 16.72 -24.41
CA TYR E 272 29.71 17.79 -25.36
C TYR E 272 30.69 18.81 -24.76
N LEU E 273 31.49 19.43 -25.62
CA LEU E 273 32.49 20.43 -25.22
C LEU E 273 31.79 21.52 -24.43
N SER E 274 32.24 21.77 -23.22
CA SER E 274 31.62 22.82 -22.44
C SER E 274 32.64 23.76 -21.82
N ILE E 275 32.15 24.86 -21.29
CA ILE E 275 33.03 25.83 -20.62
C ILE E 275 32.25 26.53 -19.50
N ALA E 276 32.98 26.91 -18.45
CA ALA E 276 32.39 27.42 -17.23
C ALA E 276 33.47 28.04 -16.37
N ARG E 277 33.06 28.73 -15.32
CA ARG E 277 33.98 29.14 -14.25
C ARG E 277 33.80 28.16 -13.08
N ASN E 278 34.76 28.07 -12.18
CA ASN E 278 34.60 27.24 -10.96
C ASN E 278 33.78 27.97 -9.89
N ALA E 279 32.68 27.35 -9.47
CA ALA E 279 31.80 27.91 -8.44
C ALA E 279 31.52 29.37 -8.70
N ALA E 280 31.39 29.71 -9.99
CA ALA E 280 30.98 31.04 -10.48
C ALA E 280 30.31 30.93 -11.87
N SER E 281 29.61 31.98 -12.28
CA SER E 281 28.86 32.00 -13.55
C SER E 281 29.70 32.58 -14.66
N LEU E 282 29.77 31.84 -15.77
CA LEU E 282 30.44 32.30 -16.97
C LEU E 282 29.47 33.06 -17.88
N ALA E 283 28.30 32.50 -18.08
CA ALA E 283 27.36 33.05 -19.06
C ALA E 283 26.79 34.42 -18.68
N TYR E 284 26.37 34.60 -17.42
CA TYR E 284 25.58 35.78 -17.02
C TYR E 284 26.33 37.11 -17.05
N PRO E 285 27.55 37.19 -16.52
CA PRO E 285 28.23 38.50 -16.55
C PRO E 285 28.64 38.98 -17.95
N TYR E 286 28.74 38.08 -18.91
CA TYR E 286 29.08 38.51 -20.26
C TYR E 286 27.93 38.40 -21.25
N HIS E 287 26.73 38.13 -20.73
CA HIS E 287 25.55 37.95 -21.56
C HIS E 287 25.72 36.95 -22.72
N LEU E 288 26.16 35.74 -22.40
CA LEU E 288 26.43 34.73 -23.42
C LEU E 288 25.17 33.95 -23.68
N LYS E 289 24.91 33.67 -24.95
CA LYS E 289 23.61 33.11 -25.32
C LYS E 289 23.63 31.85 -26.19
N GLU E 290 22.59 31.04 -26.02
CA GLU E 290 22.16 30.00 -26.95
C GLU E 290 22.16 30.64 -28.35
N GLY E 291 22.80 29.96 -29.30
CA GLY E 291 22.80 30.43 -30.68
C GLY E 291 24.06 31.13 -31.12
N MET E 292 24.93 31.49 -30.17
CA MET E 292 26.21 32.11 -30.54
C MET E 292 27.12 31.09 -31.17
N SER E 293 27.89 31.55 -32.16
CA SER E 293 28.93 30.76 -32.82
C SER E 293 29.94 30.26 -31.80
N ALA E 294 30.41 29.03 -31.96
CA ALA E 294 31.43 28.46 -31.08
C ALA E 294 32.52 27.76 -31.88
N ARG E 295 33.74 28.30 -31.83
CA ARG E 295 34.91 27.75 -32.53
C ARG E 295 36.01 27.28 -31.58
N VAL E 296 36.51 26.07 -31.79
CA VAL E 296 37.62 25.52 -30.98
C VAL E 296 38.86 25.14 -31.82
N GLU E 297 40.04 25.56 -31.36
CA GLU E 297 41.31 25.13 -31.95
C GLU E 297 42.30 24.77 -30.86
N ALA E 298 43.20 23.84 -31.16
CA ALA E 298 44.12 23.30 -30.14
C ALA E 298 45.27 24.25 -29.85
N ARG F 8 -7.63 6.09 -2.37
CA ARG F 8 -7.02 6.92 -3.44
C ARG F 8 -7.30 8.43 -3.26
N PRO F 9 -7.05 8.97 -2.06
CA PRO F 9 -7.46 10.35 -1.82
C PRO F 9 -6.49 11.37 -2.39
N ILE F 10 -7.02 12.45 -2.96
CA ILE F 10 -6.23 13.50 -3.60
C ILE F 10 -6.55 14.90 -3.06
N ILE F 11 -5.50 15.70 -2.88
CA ILE F 11 -5.63 17.12 -2.61
C ILE F 11 -4.97 17.89 -3.75
N ALA F 12 -5.76 18.77 -4.36
CA ALA F 12 -5.27 19.69 -5.37
C ALA F 12 -5.03 21.02 -4.68
N PHE F 13 -3.81 21.55 -4.81
CA PHE F 13 -3.33 22.63 -3.90
C PHE F 13 -3.00 23.89 -4.66
N MET F 14 -3.65 24.99 -4.32
CA MET F 14 -3.44 26.29 -4.98
C MET F 14 -3.24 27.42 -3.96
N SER F 15 -2.11 28.10 -4.06
CA SER F 15 -1.80 29.20 -3.14
C SER F 15 -1.03 30.38 -3.74
N ASP F 16 -0.79 31.38 -2.91
CA ASP F 16 0.07 32.50 -3.24
C ASP F 16 1.37 32.44 -2.44
N LEU F 17 1.75 31.24 -2.04
CA LEU F 17 2.95 31.06 -1.21
C LEU F 17 4.27 31.15 -1.98
N GLY F 18 4.23 31.12 -3.32
CA GLY F 18 5.47 31.16 -4.12
C GLY F 18 6.21 29.85 -4.19
N THR F 19 7.20 29.79 -5.07
CA THR F 19 7.97 28.56 -5.30
C THR F 19 9.43 28.68 -4.89
N THR F 20 9.78 29.74 -4.20
CA THR F 20 11.19 29.98 -3.87
C THR F 20 11.59 29.77 -2.40
N ASP F 21 10.72 29.20 -1.58
CA ASP F 21 11.09 28.87 -0.23
C ASP F 21 10.41 27.58 0.24
N ASP F 22 10.22 27.43 1.55
CA ASP F 22 9.78 26.15 2.11
C ASP F 22 8.31 26.17 2.56
N SER F 23 7.59 27.27 2.26
CA SER F 23 6.19 27.45 2.66
C SER F 23 5.29 26.32 2.17
N VAL F 24 5.41 25.95 0.89
CA VAL F 24 4.56 24.91 0.36
C VAL F 24 4.93 23.53 0.95
N ALA F 25 6.20 23.32 1.24
CA ALA F 25 6.66 22.08 1.85
C ALA F 25 6.10 21.87 3.27
N GLN F 26 6.00 22.96 4.03
CA GLN F 26 5.48 22.89 5.37
C GLN F 26 4.05 22.36 5.31
N CYS F 27 3.26 22.99 4.45
CA CYS F 27 1.92 22.55 4.17
C CYS F 27 1.90 21.10 3.70
N LYS F 28 2.76 20.73 2.74
CA LYS F 28 2.73 19.33 2.28
C LYS F 28 3.07 18.28 3.37
N GLY F 29 4.05 18.58 4.22
CA GLY F 29 4.42 17.69 5.31
C GLY F 29 3.27 17.39 6.26
N LEU F 30 2.51 18.42 6.60
CA LEU F 30 1.36 18.26 7.48
C LEU F 30 0.30 17.42 6.78
N MET F 31 0.10 17.68 5.50
CA MET F 31 -0.83 16.89 4.71
C MET F 31 -0.53 15.40 4.76
N TYR F 32 0.70 14.99 4.41
CA TYR F 32 1.08 13.57 4.45
C TYR F 32 1.07 13.00 5.88
N SER F 33 1.26 13.86 6.88
CA SER F 33 1.12 13.44 8.28
C SER F 33 -0.34 13.12 8.59
N ILE F 34 -1.25 14.00 8.21
CA ILE F 34 -2.65 13.76 8.51
C ILE F 34 -3.24 12.60 7.69
N CYS F 35 -2.97 12.60 6.38
CA CYS F 35 -3.50 11.56 5.47
C CYS F 35 -2.37 10.75 4.81
N PRO F 36 -1.99 9.62 5.42
CA PRO F 36 -0.72 8.97 5.08
C PRO F 36 -0.47 8.69 3.59
N ASP F 37 -1.41 8.01 2.92
CA ASP F 37 -1.25 7.80 1.48
C ASP F 37 -2.10 8.73 0.58
N VAL F 38 -2.06 10.03 0.87
CA VAL F 38 -2.65 11.06 0.00
C VAL F 38 -1.72 11.36 -1.17
N THR F 39 -2.30 11.86 -2.26
CA THR F 39 -1.55 12.41 -3.37
C THR F 39 -1.83 13.92 -3.39
N VAL F 40 -0.77 14.71 -3.26
CA VAL F 40 -0.92 16.15 -3.34
C VAL F 40 -0.59 16.56 -4.76
N VAL F 41 -1.49 17.31 -5.40
CA VAL F 41 -1.27 17.80 -6.74
C VAL F 41 -1.18 19.31 -6.72
N ASP F 42 -0.05 19.86 -7.11
CA ASP F 42 0.08 21.31 -7.21
C ASP F 42 -0.62 21.86 -8.43
N VAL F 43 -1.50 22.83 -8.20
CA VAL F 43 -2.12 23.62 -9.27
C VAL F 43 -1.06 24.62 -9.72
N CYS F 44 -1.01 25.78 -9.07
CA CYS F 44 0.11 26.69 -9.20
C CYS F 44 0.23 27.45 -7.88
N HIS F 45 1.36 28.08 -7.63
CA HIS F 45 1.66 28.76 -6.37
C HIS F 45 2.23 30.16 -6.61
N SER F 46 2.05 30.70 -7.80
CA SER F 46 2.73 31.92 -8.17
C SER F 46 1.80 33.10 -8.48
N MET F 47 0.55 33.03 -8.02
CA MET F 47 -0.38 34.14 -8.21
C MET F 47 0.04 35.41 -7.43
N THR F 48 -0.46 36.54 -7.92
CA THR F 48 -0.25 37.80 -7.24
C THR F 48 -0.88 37.74 -5.85
N PRO F 49 -0.07 37.95 -4.80
CA PRO F 49 -0.64 37.93 -3.42
C PRO F 49 -1.89 38.82 -3.33
N TRP F 50 -2.94 38.31 -2.67
CA TRP F 50 -4.18 39.07 -2.34
C TRP F 50 -5.18 39.25 -3.47
N ASP F 51 -4.79 38.93 -4.69
CA ASP F 51 -5.69 39.05 -5.85
C ASP F 51 -6.68 37.87 -5.93
N VAL F 52 -7.77 37.91 -5.17
CA VAL F 52 -8.71 36.79 -5.17
C VAL F 52 -9.34 36.53 -6.54
N GLU F 53 -9.48 37.58 -7.35
CA GLU F 53 -10.02 37.42 -8.71
C GLU F 53 -9.12 36.51 -9.56
N GLU F 54 -7.80 36.61 -9.38
CA GLU F 54 -6.83 35.81 -10.15
C GLU F 54 -6.77 34.36 -9.67
N GLY F 55 -6.77 34.17 -8.36
CA GLY F 55 -6.80 32.82 -7.79
C GLY F 55 -8.03 32.04 -8.19
N ALA F 56 -9.19 32.70 -8.13
CA ALA F 56 -10.45 32.16 -8.64
C ALA F 56 -10.33 31.50 -10.01
N ARG F 57 -9.70 32.20 -10.96
CA ARG F 57 -9.47 31.73 -12.32
C ARG F 57 -8.71 30.41 -12.41
N TYR F 58 -7.82 30.19 -11.45
CA TYR F 58 -7.02 28.97 -11.47
C TYR F 58 -7.71 27.78 -10.85
N ILE F 59 -8.87 27.99 -10.25
CA ILE F 59 -9.55 26.90 -9.54
C ILE F 59 -10.96 26.60 -10.03
N VAL F 60 -11.53 27.49 -10.84
CA VAL F 60 -12.93 27.36 -11.21
C VAL F 60 -13.18 26.15 -12.11
N ASP F 61 -12.26 25.87 -13.03
CA ASP F 61 -12.43 24.80 -14.02
CA ASP F 61 -12.47 24.76 -14.00
C ASP F 61 -11.78 23.47 -13.59
N LEU F 62 -11.35 23.37 -12.34
CA LEU F 62 -10.62 22.18 -11.92
C LEU F 62 -11.43 20.87 -11.83
N PRO F 63 -12.63 20.89 -11.22
CA PRO F 63 -13.27 19.65 -10.75
C PRO F 63 -13.48 18.50 -11.74
N ARG F 64 -13.91 18.77 -12.96
CA ARG F 64 -14.19 17.69 -13.93
C ARG F 64 -12.96 16.87 -14.38
N PHE F 65 -11.77 17.45 -14.25
CA PHE F 65 -10.54 16.73 -14.61
C PHE F 65 -10.11 15.70 -13.56
N PHE F 66 -10.65 15.85 -12.36
CA PHE F 66 -10.22 15.11 -11.19
C PHE F 66 -11.19 14.02 -10.77
N PRO F 67 -10.67 12.91 -10.19
CA PRO F 67 -11.48 11.82 -9.62
C PRO F 67 -12.43 12.31 -8.52
N GLU F 68 -13.65 11.79 -8.51
CA GLU F 68 -14.61 12.07 -7.45
C GLU F 68 -13.98 11.91 -6.05
N GLY F 69 -14.31 12.83 -5.15
CA GLY F 69 -13.82 12.80 -3.77
C GLY F 69 -12.53 13.58 -3.58
N THR F 70 -12.16 14.35 -4.60
CA THR F 70 -11.00 15.23 -4.54
C THR F 70 -11.27 16.46 -3.65
N VAL F 71 -10.31 16.79 -2.81
CA VAL F 71 -10.40 18.00 -1.99
C VAL F 71 -9.52 19.07 -2.60
N PHE F 72 -10.13 20.22 -2.90
CA PHE F 72 -9.40 21.37 -3.46
C PHE F 72 -9.03 22.36 -2.37
N ALA F 73 -7.73 22.51 -2.13
CA ALA F 73 -7.22 23.39 -1.09
C ALA F 73 -6.69 24.66 -1.73
N THR F 74 -7.50 25.71 -1.63
CA THR F 74 -7.25 26.93 -2.35
C THR F 74 -7.19 28.14 -1.42
N THR F 75 -6.07 28.86 -1.47
CA THR F 75 -5.81 29.89 -0.48
C THR F 75 -4.87 31.05 -0.88
N THR F 76 -5.33 32.27 -0.71
CA THR F 76 -4.44 33.37 -0.38
C THR F 76 -5.08 34.03 0.81
N TYR F 77 -4.30 34.36 1.82
CA TYR F 77 -4.91 34.74 3.10
C TYR F 77 -4.61 36.17 3.58
N PRO F 78 -4.96 37.21 2.79
CA PRO F 78 -4.69 38.60 3.24
C PRO F 78 -4.93 38.87 4.74
N ALA F 79 -6.08 38.47 5.29
CA ALA F 79 -6.41 38.76 6.69
C ALA F 79 -6.01 37.64 7.67
N THR F 80 -4.81 37.09 7.46
CA THR F 80 -4.22 36.07 8.36
C THR F 80 -4.10 36.60 9.79
N GLY F 81 -4.53 35.79 10.75
CA GLY F 81 -4.43 36.16 12.16
C GLY F 81 -5.57 36.95 12.77
N THR F 82 -6.62 37.25 12.00
CA THR F 82 -7.82 37.92 12.55
C THR F 82 -8.86 36.88 13.06
N THR F 83 -10.11 37.35 13.19
CA THR F 83 -11.23 36.50 13.53
C THR F 83 -11.70 35.68 12.32
N THR F 84 -11.32 36.12 11.12
CA THR F 84 -11.84 35.55 9.86
C THR F 84 -11.37 34.11 9.57
N ARG F 85 -12.35 33.23 9.36
CA ARG F 85 -12.09 31.79 9.24
C ARG F 85 -12.28 31.23 7.83
N SER F 86 -11.99 29.94 7.73
CA SER F 86 -12.07 29.22 6.48
C SER F 86 -13.43 28.61 6.28
N VAL F 87 -13.85 28.55 5.02
CA VAL F 87 -15.09 27.90 4.61
C VAL F 87 -14.83 26.62 3.81
N ALA F 88 -15.43 25.52 4.23
CA ALA F 88 -15.39 24.26 3.49
C ALA F 88 -16.75 24.04 2.84
N VAL F 89 -16.74 23.84 1.51
CA VAL F 89 -18.02 23.66 0.81
C VAL F 89 -18.03 22.42 -0.07
N ARG F 90 -19.20 21.78 -0.14
CA ARG F 90 -19.39 20.69 -1.09
C ARG F 90 -20.11 21.22 -2.31
N ILE F 91 -19.48 21.14 -3.46
CA ILE F 91 -20.11 21.65 -4.68
C ILE F 91 -21.18 20.71 -5.22
N LYS F 92 -22.08 21.23 -6.05
CA LYS F 92 -23.15 20.42 -6.63
C LYS F 92 -22.69 19.73 -7.93
N GLN F 93 -22.67 20.47 -9.03
CA GLN F 93 -22.41 19.91 -10.35
C GLN F 93 -21.00 20.19 -10.79
N ALA F 94 -20.19 19.14 -10.90
CA ALA F 94 -18.88 19.27 -11.53
C ALA F 94 -19.26 19.71 -12.92
N ALA F 95 -19.14 21.02 -13.18
CA ALA F 95 -19.71 21.58 -14.39
C ALA F 95 -18.97 21.03 -15.59
N LYS F 96 -19.68 20.89 -16.70
CA LYS F 96 -19.06 20.71 -18.00
C LYS F 96 -18.41 22.05 -18.36
N GLY F 97 -17.20 22.01 -18.93
CA GLY F 97 -16.50 23.20 -19.39
C GLY F 97 -15.97 23.07 -20.81
N GLY F 98 -15.22 24.09 -21.26
CA GLY F 98 -14.66 24.08 -22.61
C GLY F 98 -15.36 24.99 -23.60
N ALA F 99 -14.75 25.10 -24.79
CA ALA F 99 -15.24 25.93 -25.88
C ALA F 99 -16.65 25.51 -26.28
N ARG F 100 -16.92 24.21 -26.12
CA ARG F 100 -18.19 23.58 -26.50
C ARG F 100 -19.14 23.33 -25.32
N GLY F 101 -18.64 22.64 -24.29
CA GLY F 101 -19.42 22.35 -23.08
C GLY F 101 -19.60 20.87 -22.79
N GLN F 102 -18.49 20.19 -22.52
CA GLN F 102 -18.44 18.72 -22.40
C GLN F 102 -17.75 18.24 -21.11
N TRP F 103 -17.63 16.92 -20.94
CA TRP F 103 -16.80 16.36 -19.85
C TRP F 103 -15.34 16.24 -20.30
N ALA F 104 -14.42 16.06 -19.36
CA ALA F 104 -13.02 15.84 -19.74
C ALA F 104 -12.76 14.34 -19.91
N GLY F 105 -11.77 13.99 -20.71
CA GLY F 105 -11.36 12.60 -20.87
C GLY F 105 -11.46 12.01 -22.27
N SER F 106 -10.97 10.77 -22.40
CA SER F 106 -11.11 9.99 -23.63
C SER F 106 -12.55 9.54 -23.85
N GLY F 107 -12.86 9.15 -25.08
CA GLY F 107 -14.21 8.74 -25.43
C GLY F 107 -15.16 9.93 -25.34
N ALA F 108 -16.35 9.67 -24.81
CA ALA F 108 -17.37 10.72 -24.60
C ALA F 108 -17.00 11.64 -23.42
N GLY F 109 -16.02 11.21 -22.62
CA GLY F 109 -15.56 11.94 -21.45
C GLY F 109 -15.89 11.20 -20.16
N PHE F 110 -15.43 11.74 -19.05
CA PHE F 110 -15.69 11.13 -17.76
C PHE F 110 -16.74 11.94 -17.03
N GLU F 111 -17.98 11.46 -17.04
CA GLU F 111 -19.03 12.17 -16.32
C GLU F 111 -18.86 11.92 -14.82
N ARG F 112 -19.00 13.00 -14.05
CA ARG F 112 -18.81 12.98 -12.60
C ARG F 112 -20.15 13.12 -11.85
N ALA F 113 -20.28 12.34 -10.78
CA ALA F 113 -21.46 12.38 -9.92
C ALA F 113 -21.52 13.69 -9.11
N GLU F 114 -22.73 14.12 -8.77
CA GLU F 114 -22.98 15.33 -7.99
C GLU F 114 -22.41 15.24 -6.60
N GLY F 115 -22.06 16.39 -6.02
CA GLY F 115 -21.52 16.45 -4.66
C GLY F 115 -20.30 15.58 -4.40
N SER F 116 -19.35 15.59 -5.34
CA SER F 116 -18.19 14.73 -5.23
C SER F 116 -16.90 15.49 -4.98
N TYR F 117 -16.99 16.81 -4.77
CA TYR F 117 -15.79 17.60 -4.57
C TYR F 117 -16.04 18.60 -3.48
N ILE F 118 -14.98 18.85 -2.73
CA ILE F 118 -15.03 19.76 -1.62
C ILE F 118 -13.96 20.81 -1.88
N TYR F 119 -14.31 22.07 -1.61
CA TYR F 119 -13.37 23.16 -1.64
C TYR F 119 -13.26 23.72 -0.24
N ILE F 120 -12.04 23.93 0.22
CA ILE F 120 -11.82 24.59 1.51
C ILE F 120 -10.95 25.81 1.20
N ALA F 121 -11.44 26.99 1.58
CA ALA F 121 -10.81 28.26 1.20
C ALA F 121 -11.06 29.30 2.28
N PRO F 122 -10.21 30.34 2.37
CA PRO F 122 -10.58 31.42 3.26
C PRO F 122 -11.87 32.03 2.76
N ASN F 123 -12.62 32.60 3.68
CA ASN F 123 -13.93 33.12 3.39
C ASN F 123 -13.79 34.58 2.97
N ASN F 124 -13.10 34.79 1.85
CA ASN F 124 -12.74 36.12 1.38
C ASN F 124 -13.14 36.38 -0.06
N GLY F 125 -13.84 35.42 -0.65
CA GLY F 125 -14.40 35.54 -1.99
C GLY F 125 -13.66 34.74 -3.05
N LEU F 126 -12.60 34.03 -2.65
CA LEU F 126 -11.81 33.21 -3.57
C LEU F 126 -12.73 32.23 -4.32
N LEU F 127 -13.80 31.81 -3.65
CA LEU F 127 -14.70 30.80 -4.20
C LEU F 127 -15.90 31.35 -4.99
N THR F 128 -15.94 32.68 -5.17
CA THR F 128 -17.05 33.35 -5.86
C THR F 128 -17.49 32.64 -7.14
N THR F 129 -16.51 32.38 -8.03
CA THR F 129 -16.85 31.81 -9.33
C THR F 129 -16.99 30.30 -9.29
N VAL F 130 -16.43 29.66 -8.27
CA VAL F 130 -16.67 28.23 -8.04
C VAL F 130 -18.16 28.00 -7.71
N LEU F 131 -18.68 28.77 -6.76
CA LEU F 131 -20.07 28.65 -6.32
C LEU F 131 -21.02 29.03 -7.44
N GLU F 132 -20.67 30.10 -8.14
CA GLU F 132 -21.37 30.57 -9.34
C GLU F 132 -21.48 29.49 -10.42
N GLU F 133 -20.38 28.79 -10.72
CA GLU F 133 -20.47 27.80 -11.78
C GLU F 133 -20.81 26.37 -11.42
N HIS F 134 -20.58 26.01 -10.15
CA HIS F 134 -20.80 24.64 -9.73
C HIS F 134 -21.96 24.49 -8.75
N GLY F 135 -22.32 25.59 -8.10
CA GLY F 135 -23.32 25.58 -7.03
C GLY F 135 -22.70 24.87 -5.85
N TYR F 136 -23.46 24.69 -4.79
CA TYR F 136 -22.97 23.89 -3.66
C TYR F 136 -24.15 23.29 -2.92
N LEU F 137 -23.93 22.13 -2.32
CA LEU F 137 -24.99 21.45 -1.56
C LEU F 137 -24.91 21.80 -0.08
N GLU F 138 -23.71 22.02 0.43
CA GLU F 138 -23.53 22.35 1.85
C GLU F 138 -22.27 23.17 2.10
N ALA F 139 -22.31 24.00 3.13
CA ALA F 139 -21.19 24.87 3.49
C ALA F 139 -21.04 25.02 4.99
N TYR F 140 -19.79 24.99 5.45
CA TYR F 140 -19.50 25.09 6.87
C TYR F 140 -18.25 25.90 7.13
N GLU F 141 -18.26 26.61 8.25
CA GLU F 141 -17.12 27.34 8.75
C GLU F 141 -16.16 26.35 9.38
N VAL F 142 -14.86 26.56 9.20
CA VAL F 142 -13.87 25.61 9.72
C VAL F 142 -13.35 26.05 11.09
N THR F 143 -13.93 25.51 12.17
CA THR F 143 -13.57 25.95 13.52
C THR F 143 -13.07 24.86 14.47
N SER F 144 -13.37 23.60 14.15
CA SER F 144 -13.17 22.49 15.09
C SER F 144 -11.71 22.22 15.43
N PRO F 145 -11.42 22.20 16.73
CA PRO F 145 -10.16 21.78 17.34
C PRO F 145 -9.59 20.49 16.72
N LYS F 146 -10.43 19.67 16.11
CA LYS F 146 -10.00 18.42 15.45
C LYS F 146 -9.33 18.62 14.07
N VAL F 147 -9.54 19.79 13.45
CA VAL F 147 -9.10 20.00 12.08
C VAL F 147 -8.20 21.25 11.88
N ILE F 148 -8.16 22.14 12.87
CA ILE F 148 -7.24 23.29 12.92
C ILE F 148 -6.44 23.31 14.23
N PRO F 149 -5.29 24.02 14.30
CA PRO F 149 -4.52 24.09 15.56
C PRO F 149 -5.23 24.88 16.65
N GLU F 150 -5.08 24.45 17.90
CA GLU F 150 -5.62 25.18 19.04
C GLU F 150 -4.95 26.54 19.23
N GLN F 151 -3.67 26.63 18.89
CA GLN F 151 -2.95 27.92 18.88
C GLN F 151 -2.33 28.17 17.48
N PRO F 152 -3.14 28.73 16.56
CA PRO F 152 -2.74 28.87 15.16
C PRO F 152 -1.83 30.06 14.93
N GLU F 153 -0.69 29.77 14.30
CA GLU F 153 0.30 30.77 13.90
C GLU F 153 -0.34 31.96 13.19
N PRO F 154 -0.15 33.19 13.73
CA PRO F 154 -0.85 34.35 13.20
C PRO F 154 -0.47 34.72 11.76
N THR F 155 0.76 34.39 11.34
CA THR F 155 1.25 34.80 10.00
C THR F 155 1.10 33.74 8.89
N PHE F 156 0.58 32.57 9.21
CA PHE F 156 0.56 31.51 8.20
C PHE F 156 -0.79 30.79 8.13
N TYR F 157 -1.88 31.51 7.89
CA TYR F 157 -3.21 30.88 7.89
C TYR F 157 -3.48 29.86 6.77
N SER F 158 -2.78 29.95 5.64
CA SER F 158 -2.91 28.94 4.57
C SER F 158 -2.53 27.55 5.05
N ARG F 159 -1.49 27.50 5.89
CA ARG F 159 -1.06 26.26 6.48
C ARG F 159 -2.07 25.85 7.54
N GLU F 160 -2.37 26.77 8.46
CA GLU F 160 -3.15 26.43 9.63
C GLU F 160 -4.61 26.15 9.34
N MET F 161 -5.20 26.97 8.48
CA MET F 161 -6.66 27.01 8.33
C MET F 161 -7.13 26.43 7.00
N VAL F 162 -6.19 26.02 6.15
CA VAL F 162 -6.56 25.48 4.86
C VAL F 162 -5.87 24.13 4.63
N ALA F 163 -4.54 24.14 4.61
CA ALA F 163 -3.78 22.92 4.38
C ALA F 163 -4.12 21.82 5.40
N ILE F 164 -3.93 22.11 6.68
CA ILE F 164 -4.21 21.13 7.75
C ILE F 164 -5.61 20.55 7.66
N PRO F 165 -6.67 21.40 7.60
CA PRO F 165 -8.03 20.80 7.52
C PRO F 165 -8.41 20.13 6.20
N SER F 166 -7.74 20.50 5.11
CA SER F 166 -7.99 19.86 3.82
C SER F 166 -7.52 18.42 3.90
N ALA F 167 -6.43 18.21 4.62
CA ALA F 167 -5.89 16.87 4.84
C ALA F 167 -6.84 16.03 5.64
N HIS F 168 -7.39 16.59 6.71
CA HIS F 168 -8.40 15.88 7.50
C HIS F 168 -9.57 15.46 6.63
N LEU F 169 -10.10 16.40 5.85
CA LEU F 169 -11.18 16.11 4.92
C LEU F 169 -10.78 14.97 4.01
N ALA F 170 -9.59 15.08 3.43
CA ALA F 170 -9.03 14.04 2.55
C ALA F 170 -9.10 12.67 3.19
N ALA F 171 -8.80 12.59 4.49
CA ALA F 171 -8.79 11.32 5.25
C ALA F 171 -10.18 10.79 5.60
N GLY F 172 -11.19 11.62 5.36
CA GLY F 172 -12.56 11.25 5.67
C GLY F 172 -13.12 11.76 6.98
N PHE F 173 -12.51 12.79 7.57
CA PHE F 173 -13.16 13.48 8.68
C PHE F 173 -14.44 14.12 8.10
N PRO F 174 -15.61 13.76 8.65
CA PRO F 174 -16.91 14.24 8.09
C PRO F 174 -17.05 15.76 7.98
N LEU F 175 -17.43 16.18 6.78
CA LEU F 175 -17.60 17.59 6.42
C LEU F 175 -18.37 18.43 7.47
N SER F 176 -19.54 17.95 7.87
CA SER F 176 -20.42 18.66 8.80
C SER F 176 -19.89 18.77 10.24
N GLU F 177 -18.77 18.11 10.53
CA GLU F 177 -18.22 18.09 11.88
C GLU F 177 -17.15 19.16 12.11
N VAL F 178 -16.81 19.90 11.06
CA VAL F 178 -15.72 20.90 11.10
C VAL F 178 -16.07 22.19 11.82
N GLY F 179 -17.36 22.44 11.99
CA GLY F 179 -17.86 23.68 12.58
C GLY F 179 -19.29 23.93 12.14
N ARG F 180 -19.81 25.09 12.52
CA ARG F 180 -21.22 25.41 12.25
C ARG F 180 -21.50 25.56 10.75
N PRO F 181 -22.76 25.31 10.33
CA PRO F 181 -23.16 25.61 8.95
C PRO F 181 -23.31 27.10 8.70
N LEU F 182 -22.89 27.57 7.52
CA LEU F 182 -23.00 28.98 7.17
C LEU F 182 -24.18 29.26 6.22
N GLU F 183 -25.01 30.25 6.58
CA GLU F 183 -26.04 30.80 5.69
C GLU F 183 -25.36 31.41 4.45
N ASP F 184 -26.02 31.31 3.28
CA ASP F 184 -25.44 31.77 2.01
C ASP F 184 -24.84 33.17 2.06
N HIS F 185 -25.43 34.05 2.87
CA HIS F 185 -25.02 35.45 2.98
C HIS F 185 -23.73 35.66 3.78
N GLU F 186 -23.31 34.63 4.53
CA GLU F 186 -22.08 34.72 5.31
C GLU F 186 -20.86 34.34 4.48
N ILE F 187 -21.11 33.76 3.31
CA ILE F 187 -20.05 33.40 2.37
C ILE F 187 -19.76 34.59 1.46
N VAL F 188 -18.54 35.11 1.59
CA VAL F 188 -18.12 36.34 0.92
C VAL F 188 -17.96 36.18 -0.59
N ARG F 189 -18.39 37.19 -1.32
CA ARG F 189 -18.21 37.27 -2.76
C ARG F 189 -17.56 38.58 -3.17
N PHE F 190 -16.70 38.52 -4.17
CA PHE F 190 -16.23 39.73 -4.84
C PHE F 190 -17.19 40.05 -5.99
N ASN F 191 -17.16 41.31 -6.42
CA ASN F 191 -17.98 41.76 -7.54
C ASN F 191 -17.17 41.95 -8.81
N ARG F 192 -17.84 41.81 -9.96
CA ARG F 192 -17.21 41.87 -11.28
C ARG F 192 -18.17 42.53 -12.26
N PRO F 193 -17.72 43.58 -12.98
CA PRO F 193 -18.56 44.12 -14.05
C PRO F 193 -18.95 43.04 -15.07
N ALA F 194 -20.23 42.98 -15.42
CA ALA F 194 -20.70 42.05 -16.44
C ALA F 194 -20.32 42.56 -17.84
N VAL F 195 -20.38 41.69 -18.84
CA VAL F 195 -20.20 42.08 -20.24
C VAL F 195 -21.34 43.03 -20.59
N GLU F 196 -20.99 44.23 -21.05
CA GLU F 196 -22.00 45.23 -21.42
C GLU F 196 -22.36 45.12 -22.91
N GLN F 197 -23.63 45.31 -23.23
CA GLN F 197 -24.06 45.40 -24.63
C GLN F 197 -24.14 46.85 -25.09
N ASP F 198 -23.88 47.07 -26.37
CA ASP F 198 -23.86 48.40 -26.97
C ASP F 198 -24.43 48.30 -28.39
N GLY F 199 -25.72 48.01 -28.47
CA GLY F 199 -26.37 47.70 -29.75
C GLY F 199 -25.90 46.34 -30.21
N GLU F 200 -25.18 46.31 -31.33
CA GLU F 200 -24.69 45.05 -31.89
C GLU F 200 -23.34 44.64 -31.29
N ALA F 201 -22.75 45.50 -30.47
CA ALA F 201 -21.40 45.30 -29.88
C ALA F 201 -21.40 44.77 -28.45
N LEU F 202 -20.43 43.89 -28.13
CA LEU F 202 -20.22 43.41 -26.76
C LEU F 202 -18.97 44.08 -26.20
N VAL F 203 -19.06 44.61 -24.98
CA VAL F 203 -17.97 45.38 -24.35
C VAL F 203 -17.52 44.75 -23.03
N GLY F 204 -16.26 44.32 -23.01
CA GLY F 204 -15.67 43.67 -21.85
C GLY F 204 -14.25 44.11 -21.62
N VAL F 205 -13.47 43.22 -21.02
CA VAL F 205 -12.12 43.53 -20.58
C VAL F 205 -11.21 42.35 -20.94
N VAL F 206 -9.91 42.62 -21.10
CA VAL F 206 -8.91 41.55 -21.12
C VAL F 206 -8.79 41.00 -19.71
N SER F 207 -9.29 39.80 -19.48
CA SER F 207 -9.30 39.19 -18.15
C SER F 207 -8.00 38.46 -17.79
N ALA F 208 -7.22 38.06 -18.79
CA ALA F 208 -5.92 37.41 -18.54
C ALA F 208 -5.03 37.34 -19.76
N ILE F 209 -3.73 37.42 -19.51
CA ILE F 209 -2.76 37.10 -20.53
C ILE F 209 -2.38 35.66 -20.26
N ASP F 210 -2.47 34.83 -21.30
CA ASP F 210 -2.23 33.40 -21.20
C ASP F 210 -0.76 33.09 -21.42
N HIS F 211 -0.05 32.89 -20.32
CA HIS F 211 1.37 32.57 -20.35
C HIS F 211 1.60 31.08 -20.62
N PRO F 212 2.76 30.71 -21.20
CA PRO F 212 3.87 31.53 -21.69
C PRO F 212 3.72 31.97 -23.13
N PHE F 213 2.53 31.79 -23.69
CA PHE F 213 2.25 32.07 -25.10
C PHE F 213 1.90 33.51 -25.42
N GLY F 214 1.25 34.21 -24.50
CA GLY F 214 0.85 35.59 -24.75
C GLY F 214 -0.41 35.71 -25.60
N ASN F 215 -1.30 34.72 -25.44
CA ASN F 215 -2.65 34.84 -25.98
C ASN F 215 -3.47 35.73 -25.05
N VAL F 216 -4.47 36.39 -25.60
CA VAL F 216 -5.22 37.39 -24.87
C VAL F 216 -6.62 36.86 -24.63
N TRP F 217 -6.89 36.56 -23.36
CA TRP F 217 -8.19 36.06 -22.96
C TRP F 217 -9.12 37.22 -22.58
N THR F 218 -10.36 37.21 -23.09
CA THR F 218 -11.36 38.21 -22.67
C THR F 218 -12.39 37.64 -21.67
N ASN F 219 -13.33 38.46 -21.24
CA ASN F 219 -14.38 37.99 -20.35
C ASN F 219 -15.69 37.80 -21.11
N ILE F 220 -15.61 37.99 -22.43
CA ILE F 220 -16.72 37.79 -23.32
C ILE F 220 -16.83 36.28 -23.58
N HIS F 221 -17.92 35.70 -23.09
CA HIS F 221 -18.14 34.26 -23.20
C HIS F 221 -18.96 33.93 -24.44
N ARG F 222 -18.85 32.70 -24.93
CA ARG F 222 -19.70 32.22 -26.05
C ARG F 222 -21.20 32.55 -25.86
N THR F 223 -21.73 32.39 -24.65
CA THR F 223 -23.16 32.70 -24.39
C THR F 223 -23.45 34.19 -24.52
N ASP F 224 -22.41 35.02 -24.36
CA ASP F 224 -22.54 36.44 -24.62
C ASP F 224 -22.47 36.67 -26.12
N LEU F 225 -21.56 35.95 -26.78
CA LEU F 225 -21.37 36.07 -28.23
C LEU F 225 -22.61 35.66 -28.98
N GLU F 226 -23.08 34.45 -28.69
CA GLU F 226 -24.24 33.87 -29.37
C GLU F 226 -25.55 34.54 -28.94
N LYS F 227 -25.42 35.57 -28.10
CA LYS F 227 -26.51 36.47 -27.76
C LYS F 227 -26.68 37.44 -28.93
N ALA F 228 -25.55 37.82 -29.54
CA ALA F 228 -25.58 38.65 -30.74
C ALA F 228 -25.52 37.76 -31.99
N GLY F 229 -25.89 36.49 -31.79
CA GLY F 229 -25.97 35.50 -32.87
C GLY F 229 -24.63 35.20 -33.50
N ILE F 230 -23.56 35.37 -32.72
CA ILE F 230 -22.18 35.23 -33.18
C ILE F 230 -21.67 33.83 -32.86
N GLY F 231 -21.23 33.13 -33.90
CA GLY F 231 -20.63 31.81 -33.77
C GLY F 231 -19.54 31.67 -34.81
N TYR F 232 -18.93 30.49 -34.87
CA TYR F 232 -17.84 30.20 -35.80
C TYR F 232 -18.12 30.68 -37.22
N GLY F 233 -17.13 31.33 -37.82
CA GLY F 233 -17.23 31.85 -39.18
C GLY F 233 -17.59 33.31 -39.26
N ALA F 234 -18.06 33.89 -38.15
CA ALA F 234 -18.45 35.30 -38.11
C ALA F 234 -17.25 36.23 -38.29
N ARG F 235 -17.37 37.14 -39.26
CA ARG F 235 -16.32 38.11 -39.54
C ARG F 235 -16.33 39.14 -38.42
N LEU F 236 -15.25 39.21 -37.65
CA LEU F 236 -15.22 40.02 -36.42
C LEU F 236 -14.22 41.17 -36.39
N ARG F 237 -14.63 42.26 -35.74
CA ARG F 237 -13.75 43.34 -35.33
C ARG F 237 -13.65 43.32 -33.80
N LEU F 238 -12.41 43.20 -33.30
CA LEU F 238 -12.15 43.17 -31.85
C LEU F 238 -11.15 44.23 -31.46
N THR F 239 -11.65 45.23 -30.74
CA THR F 239 -10.85 46.40 -30.39
C THR F 239 -10.23 46.26 -29.00
N LEU F 240 -8.90 46.23 -28.92
CA LEU F 240 -8.20 46.23 -27.63
C LEU F 240 -7.71 47.61 -27.29
N ASP F 241 -7.66 47.91 -25.98
CA ASP F 241 -7.20 49.20 -25.44
C ASP F 241 -7.96 50.41 -26.04
N GLY F 242 -9.17 50.16 -26.55
CA GLY F 242 -9.99 51.19 -27.20
C GLY F 242 -9.54 51.68 -28.58
N VAL F 243 -8.26 51.45 -28.91
CA VAL F 243 -7.65 52.01 -30.14
C VAL F 243 -7.14 50.99 -31.15
N LEU F 244 -7.04 49.72 -30.74
CA LEU F 244 -6.44 48.66 -31.59
C LEU F 244 -7.50 47.74 -32.18
N PRO F 245 -8.02 48.06 -33.39
CA PRO F 245 -8.87 47.04 -34.01
C PRO F 245 -8.07 45.76 -34.26
N PHE F 246 -8.77 44.75 -34.71
CA PHE F 246 -8.18 43.49 -35.05
C PHE F 246 -9.30 42.80 -35.78
N GLU F 247 -9.04 42.35 -37.00
CA GLU F 247 -10.08 41.78 -37.79
C GLU F 247 -9.65 40.40 -38.21
N ALA F 248 -10.56 39.46 -37.97
CA ALA F 248 -10.38 38.07 -38.29
C ALA F 248 -11.75 37.45 -38.16
N PRO F 249 -11.95 36.27 -38.76
CA PRO F 249 -13.19 35.58 -38.45
C PRO F 249 -13.03 34.71 -37.22
N LEU F 250 -14.13 34.38 -36.56
CA LEU F 250 -14.10 33.46 -35.44
C LEU F 250 -13.80 32.03 -35.89
N THR F 251 -12.64 31.53 -35.50
CA THR F 251 -12.19 30.20 -35.86
C THR F 251 -12.06 29.35 -34.58
N PRO F 252 -12.00 28.00 -34.70
CA PRO F 252 -11.76 27.12 -33.56
C PRO F 252 -10.30 27.00 -33.11
N THR F 253 -9.34 27.26 -34.00
CA THR F 253 -7.93 27.18 -33.61
C THR F 253 -6.97 28.22 -34.20
N PHE F 254 -5.74 28.16 -33.72
CA PHE F 254 -4.64 29.03 -34.14
C PHE F 254 -4.22 28.87 -35.59
N ALA F 255 -4.07 27.61 -36.04
CA ALA F 255 -3.60 27.30 -37.41
C ALA F 255 -4.56 27.71 -38.53
N ASP F 256 -5.83 27.96 -38.18
CA ASP F 256 -6.84 28.40 -39.15
C ASP F 256 -6.60 29.82 -39.69
N ALA F 257 -5.60 30.52 -39.16
CA ALA F 257 -5.24 31.86 -39.64
C ALA F 257 -4.22 31.84 -40.79
N GLY F 258 -3.68 30.65 -41.10
CA GLY F 258 -2.72 30.48 -42.19
C GLY F 258 -1.28 30.55 -41.71
N GLU F 259 -0.53 31.49 -42.30
CA GLU F 259 0.87 31.77 -41.95
C GLU F 259 1.13 31.94 -40.45
N ILE F 260 2.28 31.42 -39.99
CA ILE F 260 2.82 31.69 -38.66
C ILE F 260 2.79 33.20 -38.39
N GLY F 261 2.45 33.58 -37.17
CA GLY F 261 2.38 35.00 -36.83
C GLY F 261 1.07 35.69 -37.12
N ASN F 262 0.22 35.09 -37.96
CA ASN F 262 -1.09 35.67 -38.31
C ASN F 262 -2.10 35.65 -37.17
N ILE F 263 -3.05 36.58 -37.21
CA ILE F 263 -4.05 36.80 -36.16
C ILE F 263 -5.20 35.80 -36.22
N ALA F 264 -5.52 35.21 -35.06
CA ALA F 264 -6.73 34.42 -34.89
C ALA F 264 -7.57 34.93 -33.74
N ILE F 265 -8.88 35.00 -33.98
CA ILE F 265 -9.85 35.22 -32.93
C ILE F 265 -10.62 33.92 -32.73
N TYR F 266 -10.64 33.41 -31.50
CA TYR F 266 -11.17 32.07 -31.22
C TYR F 266 -11.84 31.91 -29.83
N LEU F 267 -12.27 30.69 -29.53
CA LEU F 267 -12.77 30.33 -28.21
C LEU F 267 -11.75 29.49 -27.47
N ASN F 268 -11.32 29.94 -26.30
CA ASN F 268 -10.27 29.23 -25.56
C ASN F 268 -10.90 28.03 -24.86
N SER F 269 -10.07 27.30 -24.12
CA SER F 269 -10.49 26.06 -23.48
C SER F 269 -11.35 26.24 -22.24
N ARG F 270 -11.52 27.48 -21.78
CA ARG F 270 -12.54 27.73 -20.76
C ARG F 270 -13.80 28.33 -21.38
N GLY F 271 -13.78 28.50 -22.70
CA GLY F 271 -14.95 28.90 -23.47
C GLY F 271 -15.06 30.38 -23.79
N TYR F 272 -14.03 31.16 -23.47
CA TYR F 272 -14.09 32.60 -23.69
C TYR F 272 -13.51 33.04 -25.04
N LEU F 273 -13.99 34.20 -25.52
CA LEU F 273 -13.39 34.83 -26.69
C LEU F 273 -11.93 35.26 -26.41
N SER F 274 -11.01 34.79 -27.26
CA SER F 274 -9.60 35.15 -27.16
C SER F 274 -9.03 35.59 -28.50
N ILE F 275 -7.92 36.31 -28.45
CA ILE F 275 -7.18 36.67 -29.65
C ILE F 275 -5.69 36.31 -29.47
N ALA F 276 -5.05 35.91 -30.56
CA ALA F 276 -3.69 35.40 -30.52
C ALA F 276 -3.06 35.43 -31.91
N ARG F 277 -1.78 35.08 -31.99
CA ARG F 277 -1.15 34.85 -33.29
C ARG F 277 -0.90 33.36 -33.42
N ASN F 278 -0.76 32.89 -34.65
CA ASN F 278 -0.45 31.48 -34.93
C ASN F 278 1.03 31.19 -34.69
N ALA F 279 1.33 30.48 -33.59
CA ALA F 279 2.69 30.04 -33.22
C ALA F 279 3.67 31.19 -32.97
N ALA F 280 3.12 32.29 -32.43
CA ALA F 280 3.88 33.48 -32.07
C ALA F 280 3.12 34.24 -30.97
N SER F 281 3.79 35.17 -30.27
CA SER F 281 3.16 35.96 -29.20
C SER F 281 2.46 37.21 -29.69
N LEU F 282 1.24 37.38 -29.19
CA LEU F 282 0.47 38.57 -29.41
C LEU F 282 0.78 39.62 -28.36
N ALA F 283 0.78 39.19 -27.11
CA ALA F 283 0.74 40.12 -25.99
C ALA F 283 2.10 40.71 -25.65
N TYR F 284 3.13 39.89 -25.69
CA TYR F 284 4.47 40.27 -25.18
C TYR F 284 5.14 41.40 -25.97
N PRO F 285 5.18 41.31 -27.33
CA PRO F 285 5.82 42.42 -28.06
C PRO F 285 5.16 43.81 -27.89
N TYR F 286 3.82 43.86 -27.80
CA TYR F 286 3.07 45.14 -27.75
C TYR F 286 2.70 45.55 -26.32
N HIS F 287 3.16 44.73 -25.36
CA HIS F 287 2.93 44.90 -23.90
C HIS F 287 1.43 44.92 -23.51
N LEU F 288 0.64 44.07 -24.12
CA LEU F 288 -0.79 44.03 -23.85
C LEU F 288 -1.03 43.39 -22.49
N LYS F 289 -2.04 43.89 -21.79
CA LYS F 289 -2.18 43.56 -20.37
C LYS F 289 -3.60 43.22 -19.93
N GLU F 290 -3.67 42.34 -18.92
CA GLU F 290 -4.86 42.16 -18.08
C GLU F 290 -5.38 43.54 -17.67
N GLY F 291 -6.66 43.76 -17.90
CA GLY F 291 -7.28 45.01 -17.54
C GLY F 291 -7.70 45.90 -18.68
N MET F 292 -7.01 45.79 -19.83
CA MET F 292 -7.29 46.63 -21.01
C MET F 292 -8.67 46.32 -21.53
N SER F 293 -9.33 47.31 -22.12
CA SER F 293 -10.67 47.11 -22.64
C SER F 293 -10.71 46.16 -23.84
N ALA F 294 -11.84 45.47 -24.01
CA ALA F 294 -12.07 44.58 -25.13
C ALA F 294 -13.52 44.69 -25.62
N ARG F 295 -13.69 45.24 -26.83
CA ARG F 295 -14.96 45.28 -27.57
C ARG F 295 -14.97 44.37 -28.82
N VAL F 296 -16.08 43.65 -29.03
CA VAL F 296 -16.26 42.76 -30.19
C VAL F 296 -17.53 43.07 -30.97
N GLU F 297 -17.42 43.09 -32.30
CA GLU F 297 -18.55 43.39 -33.21
C GLU F 297 -18.46 42.61 -34.51
N ALA F 298 -19.62 42.39 -35.13
CA ALA F 298 -19.72 41.73 -36.43
C ALA F 298 -19.64 42.75 -37.57
#